data_6LG3
# 
_entry.id   6LG3 
# 
_audit_conform.dict_name       mmcif_pdbx.dic 
_audit_conform.dict_version    5.380 
_audit_conform.dict_location   http://mmcif.pdb.org/dictionaries/ascii/mmcif_pdbx.dic 
# 
loop_
_database_2.database_id 
_database_2.database_code 
_database_2.pdbx_database_accession 
_database_2.pdbx_DOI 
PDB   6LG3         pdb_00006lg3 10.2210/pdb6lg3/pdb 
WWPDB D_1300014709 ?            ?                   
# 
_pdbx_database_status.status_code                     REL 
_pdbx_database_status.status_code_sf                  REL 
_pdbx_database_status.status_code_mr                  ? 
_pdbx_database_status.entry_id                        6LG3 
_pdbx_database_status.recvd_initial_deposition_date   2019-12-04 
_pdbx_database_status.SG_entry                        N 
_pdbx_database_status.deposit_site                    PDBJ 
_pdbx_database_status.process_site                    PDBJ 
_pdbx_database_status.status_code_cs                  ? 
_pdbx_database_status.methods_development_category    ? 
_pdbx_database_status.pdb_format_compatible           Y 
_pdbx_database_status.status_code_nmr_data            ? 
# 
loop_
_audit_author.name 
_audit_author.pdbx_ordinal 
_audit_author.identifier_ORCID 
'Zhou, J.'  1 ? 
'Jiang, Y.' 2 ? 
'Luo, Z.'   3 ? 
'Yin, L.'   4 ? 
# 
_citation.abstract                  ? 
_citation.abstract_id_CAS           ? 
_citation.book_id_ISBN              ? 
_citation.book_publisher            ? 
_citation.book_publisher_city       ? 
_citation.book_title                ? 
_citation.coordinate_linkage        ? 
_citation.country                   US 
_citation.database_id_Medline       ? 
_citation.details                   ? 
_citation.id                        primary 
_citation.journal_abbrev            'Sci Adv' 
_citation.journal_id_ASTM           ? 
_citation.journal_id_CSD            ? 
_citation.journal_id_ISSN           2375-2548 
_citation.journal_full              ? 
_citation.journal_issue             ? 
_citation.journal_volume            6 
_citation.language                  ? 
_citation.page_first                ? 
_citation.page_last                 ? 
_citation.title                     'Mycobacterial EST12 activates a RACK1-NLRP3-gasdermin D pyroptosis-IL-1 beta immune pathway.' 
_citation.year                      2020 
_citation.database_id_CSD           ? 
_citation.pdbx_database_id_DOI      10.1126/sciadv.aba4733 
_citation.pdbx_database_id_PubMed   33097533 
_citation.unpublished_flag          ? 
# 
loop_
_citation_author.citation_id 
_citation_author.name 
_citation_author.ordinal 
_citation_author.identifier_ORCID 
primary 'Qu, Z.'      1  0000-0003-2694-7158 
primary 'Zhou, J.'    2  0000-0001-7365-9680 
primary 'Zhou, Y.'    3  ?                   
primary 'Xie, Y.'     4  0000-0002-3529-2272 
primary 'Jiang, Y.'   5  0000-0001-6444-408X 
primary 'Wu, J.'      6  ?                   
primary 'Luo, Z.'     7  0000-0002-8543-7775 
primary 'Liu, G.'     8  0000-0002-3760-0785 
primary 'Yin, L.'     9  0000-0001-5203-2766 
primary 'Zhang, X.L.' 10 0000-0002-8283-9381 
# 
_cell.angle_alpha                  90.000 
_cell.angle_alpha_esd              ? 
_cell.angle_beta                   107.847 
_cell.angle_beta_esd               ? 
_cell.angle_gamma                  90.000 
_cell.angle_gamma_esd              ? 
_cell.entry_id                     6LG3 
_cell.details                      ? 
_cell.formula_units_Z              ? 
_cell.length_a                     26.539 
_cell.length_a_esd                 ? 
_cell.length_b                     60.140 
_cell.length_b_esd                 ? 
_cell.length_c                     28.121 
_cell.length_c_esd                 ? 
_cell.volume                       42722.845 
_cell.volume_esd                   ? 
_cell.Z_PDB                        2 
_cell.reciprocal_angle_alpha       ? 
_cell.reciprocal_angle_beta        ? 
_cell.reciprocal_angle_gamma       ? 
_cell.reciprocal_angle_alpha_esd   ? 
_cell.reciprocal_angle_beta_esd    ? 
_cell.reciprocal_angle_gamma_esd   ? 
_cell.reciprocal_length_a          ? 
_cell.reciprocal_length_b          ? 
_cell.reciprocal_length_c          ? 
_cell.reciprocal_length_a_esd      ? 
_cell.reciprocal_length_b_esd      ? 
_cell.reciprocal_length_c_esd      ? 
_cell.pdbx_unique_axis             ? 
# 
_symmetry.entry_id                         6LG3 
_symmetry.cell_setting                     ? 
_symmetry.Int_Tables_number                4 
_symmetry.space_group_name_Hall            'P 2yb' 
_symmetry.space_group_name_H-M             'P 1 21 1' 
_symmetry.pdbx_full_space_group_name_H-M   ? 
# 
loop_
_entity.id 
_entity.type 
_entity.src_method 
_entity.pdbx_description 
_entity.formula_weight 
_entity.pdbx_number_of_molecules 
_entity.pdbx_ec 
_entity.pdbx_mutation 
_entity.pdbx_fragment 
_entity.details 
1 polymer man 'PhiRv1 phage protein' 8038.860 1  ? ? ? ? 
2 water   nat water                  18.015   37 ? ? ? ? 
# 
_entity_poly.entity_id                      1 
_entity_poly.type                           'polypeptide(L)' 
_entity_poly.nstd_linkage                   no 
_entity_poly.nstd_monomer                   no 
_entity_poly.pdbx_seq_one_letter_code       PLTNDERQLMHELAVQVVCSQTGCSPDAAVEALESFAKDGTLILRGDTENAYLEAGGNVLVHADRDWLAFHASY 
_entity_poly.pdbx_seq_one_letter_code_can   PLTNDERQLMHELAVQVVCSQTGCSPDAAVEALESFAKDGTLILRGDTENAYLEAGGNVLVHADRDWLAFHASY 
_entity_poly.pdbx_strand_id                 A 
_entity_poly.pdbx_target_identifier         ? 
# 
loop_
_entity_poly_seq.entity_id 
_entity_poly_seq.num 
_entity_poly_seq.mon_id 
_entity_poly_seq.hetero 
1 1  PRO n 
1 2  LEU n 
1 3  THR n 
1 4  ASN n 
1 5  ASP n 
1 6  GLU n 
1 7  ARG n 
1 8  GLN n 
1 9  LEU n 
1 10 MET n 
1 11 HIS n 
1 12 GLU n 
1 13 LEU n 
1 14 ALA n 
1 15 VAL n 
1 16 GLN n 
1 17 VAL n 
1 18 VAL n 
1 19 CYS n 
1 20 SER n 
1 21 GLN n 
1 22 THR n 
1 23 GLY n 
1 24 CYS n 
1 25 SER n 
1 26 PRO n 
1 27 ASP n 
1 28 ALA n 
1 29 ALA n 
1 30 VAL n 
1 31 GLU n 
1 32 ALA n 
1 33 LEU n 
1 34 GLU n 
1 35 SER n 
1 36 PHE n 
1 37 ALA n 
1 38 LYS n 
1 39 ASP n 
1 40 GLY n 
1 41 THR n 
1 42 LEU n 
1 43 ILE n 
1 44 LEU n 
1 45 ARG n 
1 46 GLY n 
1 47 ASP n 
1 48 THR n 
1 49 GLU n 
1 50 ASN n 
1 51 ALA n 
1 52 TYR n 
1 53 LEU n 
1 54 GLU n 
1 55 ALA n 
1 56 GLY n 
1 57 GLY n 
1 58 ASN n 
1 59 VAL n 
1 60 LEU n 
1 61 VAL n 
1 62 HIS n 
1 63 ALA n 
1 64 ASP n 
1 65 ARG n 
1 66 ASP n 
1 67 TRP n 
1 68 LEU n 
1 69 ALA n 
1 70 PHE n 
1 71 HIS n 
1 72 ALA n 
1 73 SER n 
1 74 TYR n 
# 
_entity_src_gen.entity_id                          1 
_entity_src_gen.pdbx_src_id                        1 
_entity_src_gen.pdbx_alt_source_flag               sample 
_entity_src_gen.pdbx_seq_type                      'Biological sequence' 
_entity_src_gen.pdbx_beg_seq_num                   1 
_entity_src_gen.pdbx_end_seq_num                   74 
_entity_src_gen.gene_src_common_name               ? 
_entity_src_gen.gene_src_genus                     ? 
_entity_src_gen.pdbx_gene_src_gene                 ? 
_entity_src_gen.gene_src_species                   ? 
_entity_src_gen.gene_src_strain                    ? 
_entity_src_gen.gene_src_tissue                    ? 
_entity_src_gen.gene_src_tissue_fraction           ? 
_entity_src_gen.gene_src_details                   ? 
_entity_src_gen.pdbx_gene_src_fragment             ? 
_entity_src_gen.pdbx_gene_src_scientific_name      'Mycobacterium tuberculosis' 
_entity_src_gen.pdbx_gene_src_ncbi_taxonomy_id     1773 
_entity_src_gen.pdbx_gene_src_variant              ? 
_entity_src_gen.pdbx_gene_src_cell_line            ? 
_entity_src_gen.pdbx_gene_src_atcc                 ? 
_entity_src_gen.pdbx_gene_src_organ                ? 
_entity_src_gen.pdbx_gene_src_organelle            ? 
_entity_src_gen.pdbx_gene_src_cell                 ? 
_entity_src_gen.pdbx_gene_src_cellular_location    ? 
_entity_src_gen.host_org_common_name               ? 
_entity_src_gen.pdbx_host_org_scientific_name      'Escherichia coli' 
_entity_src_gen.pdbx_host_org_ncbi_taxonomy_id     562 
_entity_src_gen.host_org_genus                     ? 
_entity_src_gen.pdbx_host_org_gene                 ? 
_entity_src_gen.pdbx_host_org_organ                ? 
_entity_src_gen.host_org_species                   ? 
_entity_src_gen.pdbx_host_org_tissue               ? 
_entity_src_gen.pdbx_host_org_tissue_fraction      ? 
_entity_src_gen.pdbx_host_org_strain               ? 
_entity_src_gen.pdbx_host_org_variant              ? 
_entity_src_gen.pdbx_host_org_cell_line            ? 
_entity_src_gen.pdbx_host_org_atcc                 ? 
_entity_src_gen.pdbx_host_org_culture_collection   ? 
_entity_src_gen.pdbx_host_org_cell                 ? 
_entity_src_gen.pdbx_host_org_organelle            ? 
_entity_src_gen.pdbx_host_org_cellular_location    ? 
_entity_src_gen.pdbx_host_org_vector_type          ? 
_entity_src_gen.pdbx_host_org_vector               ? 
_entity_src_gen.host_org_details                   ? 
_entity_src_gen.expression_system_id               ? 
_entity_src_gen.plasmid_name                       ? 
_entity_src_gen.plasmid_details                    ? 
_entity_src_gen.pdbx_description                   ? 
# 
_struct_ref.id                         1 
_struct_ref.db_name                    UNP 
_struct_ref.db_code                    A0A0T9XTX3_MYCTX 
_struct_ref.pdbx_db_accession          A0A0T9XTX3 
_struct_ref.pdbx_db_isoform            ? 
_struct_ref.entity_id                  1 
_struct_ref.pdbx_seq_one_letter_code   PLTNDERQLMHELAVQVVCSQTGCSPDAAVEALESFAKDGTLILRGDTENAYLEAGGNVLVHADRDWLAFHASY 
_struct_ref.pdbx_align_begin           7 
# 
_struct_ref_seq.align_id                      1 
_struct_ref_seq.ref_id                        1 
_struct_ref_seq.pdbx_PDB_id_code              6LG3 
_struct_ref_seq.pdbx_strand_id                A 
_struct_ref_seq.seq_align_beg                 1 
_struct_ref_seq.pdbx_seq_align_beg_ins_code   ? 
_struct_ref_seq.seq_align_end                 74 
_struct_ref_seq.pdbx_seq_align_end_ins_code   ? 
_struct_ref_seq.pdbx_db_accession             A0A0T9XTX3 
_struct_ref_seq.db_align_beg                  7 
_struct_ref_seq.pdbx_db_align_beg_ins_code    ? 
_struct_ref_seq.db_align_end                  80 
_struct_ref_seq.pdbx_db_align_end_ins_code    ? 
_struct_ref_seq.pdbx_auth_seq_align_beg       7 
_struct_ref_seq.pdbx_auth_seq_align_end       80 
# 
loop_
_chem_comp.id 
_chem_comp.type 
_chem_comp.mon_nstd_flag 
_chem_comp.name 
_chem_comp.pdbx_synonyms 
_chem_comp.formula 
_chem_comp.formula_weight 
ALA 'L-peptide linking' y ALANINE         ? 'C3 H7 N O2'     89.093  
ARG 'L-peptide linking' y ARGININE        ? 'C6 H15 N4 O2 1' 175.209 
ASN 'L-peptide linking' y ASPARAGINE      ? 'C4 H8 N2 O3'    132.118 
ASP 'L-peptide linking' y 'ASPARTIC ACID' ? 'C4 H7 N O4'     133.103 
CYS 'L-peptide linking' y CYSTEINE        ? 'C3 H7 N O2 S'   121.158 
GLN 'L-peptide linking' y GLUTAMINE       ? 'C5 H10 N2 O3'   146.144 
GLU 'L-peptide linking' y 'GLUTAMIC ACID' ? 'C5 H9 N O4'     147.129 
GLY 'peptide linking'   y GLYCINE         ? 'C2 H5 N O2'     75.067  
HIS 'L-peptide linking' y HISTIDINE       ? 'C6 H10 N3 O2 1' 156.162 
HOH non-polymer         . WATER           ? 'H2 O'           18.015  
ILE 'L-peptide linking' y ISOLEUCINE      ? 'C6 H13 N O2'    131.173 
LEU 'L-peptide linking' y LEUCINE         ? 'C6 H13 N O2'    131.173 
LYS 'L-peptide linking' y LYSINE          ? 'C6 H15 N2 O2 1' 147.195 
MET 'L-peptide linking' y METHIONINE      ? 'C5 H11 N O2 S'  149.211 
PHE 'L-peptide linking' y PHENYLALANINE   ? 'C9 H11 N O2'    165.189 
PRO 'L-peptide linking' y PROLINE         ? 'C5 H9 N O2'     115.130 
SER 'L-peptide linking' y SERINE          ? 'C3 H7 N O3'     105.093 
THR 'L-peptide linking' y THREONINE       ? 'C4 H9 N O3'     119.119 
TRP 'L-peptide linking' y TRYPTOPHAN      ? 'C11 H12 N2 O2'  204.225 
TYR 'L-peptide linking' y TYROSINE        ? 'C9 H11 N O3'    181.189 
VAL 'L-peptide linking' y VALINE          ? 'C5 H11 N O2'    117.146 
# 
_exptl.absorpt_coefficient_mu     ? 
_exptl.absorpt_correction_T_max   ? 
_exptl.absorpt_correction_T_min   ? 
_exptl.absorpt_correction_type    ? 
_exptl.absorpt_process_details    ? 
_exptl.entry_id                   6LG3 
_exptl.crystals_number            1 
_exptl.details                    ? 
_exptl.method                     'X-RAY DIFFRACTION' 
_exptl.method_details             ? 
# 
_exptl_crystal.colour                      ? 
_exptl_crystal.density_diffrn              ? 
_exptl_crystal.density_Matthews            2.66 
_exptl_crystal.density_method              ? 
_exptl_crystal.density_percent_sol         53.71 
_exptl_crystal.description                 ? 
_exptl_crystal.F_000                       ? 
_exptl_crystal.id                          1 
_exptl_crystal.preparation                 ? 
_exptl_crystal.size_max                    ? 
_exptl_crystal.size_mid                    ? 
_exptl_crystal.size_min                    ? 
_exptl_crystal.size_rad                    ? 
_exptl_crystal.colour_lustre               ? 
_exptl_crystal.colour_modifier             ? 
_exptl_crystal.colour_primary              ? 
_exptl_crystal.density_meas                ? 
_exptl_crystal.density_meas_esd            ? 
_exptl_crystal.density_meas_gt             ? 
_exptl_crystal.density_meas_lt             ? 
_exptl_crystal.density_meas_temp           ? 
_exptl_crystal.density_meas_temp_esd       ? 
_exptl_crystal.density_meas_temp_gt        ? 
_exptl_crystal.density_meas_temp_lt        ? 
_exptl_crystal.pdbx_crystal_image_url      ? 
_exptl_crystal.pdbx_crystal_image_format   ? 
_exptl_crystal.pdbx_mosaicity              ? 
_exptl_crystal.pdbx_mosaicity_esd          ? 
# 
_exptl_crystal_grow.apparatus       ? 
_exptl_crystal_grow.atmosphere      ? 
_exptl_crystal_grow.crystal_id      1 
_exptl_crystal_grow.details         ? 
_exptl_crystal_grow.method          'VAPOR DIFFUSION, SITTING DROP' 
_exptl_crystal_grow.method_ref      ? 
_exptl_crystal_grow.pH              ? 
_exptl_crystal_grow.pressure        ? 
_exptl_crystal_grow.pressure_esd    ? 
_exptl_crystal_grow.seeding         ? 
_exptl_crystal_grow.seeding_ref     ? 
_exptl_crystal_grow.temp            277 
_exptl_crystal_grow.temp_details    ? 
_exptl_crystal_grow.temp_esd        ? 
_exptl_crystal_grow.time            ? 
_exptl_crystal_grow.pdbx_details    '6% v/v Tacsimate pH 6.0, 0.1M MES monohydrate pH 6.0, 25% w/v Polyethylene glycol 4000' 
_exptl_crystal_grow.pdbx_pH_range   ? 
# 
_diffrn.ambient_environment              ? 
_diffrn.ambient_temp                     95 
_diffrn.ambient_temp_details             ? 
_diffrn.ambient_temp_esd                 ? 
_diffrn.crystal_id                       1 
_diffrn.crystal_support                  ? 
_diffrn.crystal_treatment                ? 
_diffrn.details                          ? 
_diffrn.id                               1 
_diffrn.ambient_pressure                 ? 
_diffrn.ambient_pressure_esd             ? 
_diffrn.ambient_pressure_gt              ? 
_diffrn.ambient_pressure_lt              ? 
_diffrn.ambient_temp_gt                  ? 
_diffrn.ambient_temp_lt                  ? 
_diffrn.pdbx_serial_crystal_experiment   N 
# 
_diffrn_detector.details                      ? 
_diffrn_detector.detector                     CCD 
_diffrn_detector.diffrn_id                    1 
_diffrn_detector.type                         'ADSC QUANTUM 315' 
_diffrn_detector.area_resol_mean              ? 
_diffrn_detector.dtime                        ? 
_diffrn_detector.pdbx_frames_total            ? 
_diffrn_detector.pdbx_collection_time_total   ? 
_diffrn_detector.pdbx_collection_date         2016-05-10 
_diffrn_detector.pdbx_frequency               ? 
# 
_diffrn_radiation.collimation                      ? 
_diffrn_radiation.diffrn_id                        1 
_diffrn_radiation.filter_edge                      ? 
_diffrn_radiation.inhomogeneity                    ? 
_diffrn_radiation.monochromator                    ? 
_diffrn_radiation.polarisn_norm                    ? 
_diffrn_radiation.polarisn_ratio                   ? 
_diffrn_radiation.probe                            ? 
_diffrn_radiation.type                             ? 
_diffrn_radiation.xray_symbol                      ? 
_diffrn_radiation.wavelength_id                    1 
_diffrn_radiation.pdbx_monochromatic_or_laue_m_l   M 
_diffrn_radiation.pdbx_wavelength_list             ? 
_diffrn_radiation.pdbx_wavelength                  ? 
_diffrn_radiation.pdbx_diffrn_protocol             'SINGLE WAVELENGTH' 
_diffrn_radiation.pdbx_analyzer                    ? 
_diffrn_radiation.pdbx_scattering_type             x-ray 
# 
_diffrn_radiation_wavelength.id           1 
_diffrn_radiation_wavelength.wavelength   0.979 
_diffrn_radiation_wavelength.wt           1.0 
# 
_diffrn_source.current                     ? 
_diffrn_source.details                     ? 
_diffrn_source.diffrn_id                   1 
_diffrn_source.power                       ? 
_diffrn_source.size                        ? 
_diffrn_source.source                      SYNCHROTRON 
_diffrn_source.target                      ? 
_diffrn_source.type                        'SSRF BEAMLINE BL19U1' 
_diffrn_source.voltage                     ? 
_diffrn_source.take-off_angle              ? 
_diffrn_source.pdbx_wavelength_list        0.979 
_diffrn_source.pdbx_wavelength             ? 
_diffrn_source.pdbx_synchrotron_beamline   BL19U1 
_diffrn_source.pdbx_synchrotron_site       SSRF 
# 
_reflns.B_iso_Wilson_estimate            33.1999350093 
_reflns.entry_id                         6LG3 
_reflns.data_reduction_details           ? 
_reflns.data_reduction_method            ? 
_reflns.d_resolution_high                1.90 
_reflns.d_resolution_low                 19.35 
_reflns.details                          ? 
_reflns.limit_h_max                      ? 
_reflns.limit_h_min                      ? 
_reflns.limit_k_max                      ? 
_reflns.limit_k_min                      ? 
_reflns.limit_l_max                      ? 
_reflns.limit_l_min                      ? 
_reflns.number_all                       ? 
_reflns.number_obs                       12018 
_reflns.observed_criterion               ? 
_reflns.observed_criterion_F_max         ? 
_reflns.observed_criterion_F_min         ? 
_reflns.observed_criterion_I_max         ? 
_reflns.observed_criterion_I_min         ? 
_reflns.observed_criterion_sigma_F       ? 
_reflns.observed_criterion_sigma_I       ? 
_reflns.percent_possible_obs             99 
_reflns.R_free_details                   ? 
_reflns.Rmerge_F_all                     ? 
_reflns.Rmerge_F_obs                     ? 
_reflns.Friedel_coverage                 ? 
_reflns.number_gt                        ? 
_reflns.threshold_expression             ? 
_reflns.pdbx_redundancy                  1.9 
_reflns.pdbx_Rmerge_I_obs                0.143 
_reflns.pdbx_Rmerge_I_all                ? 
_reflns.pdbx_Rsym_value                  ? 
_reflns.pdbx_netI_over_av_sigmaI         ? 
_reflns.pdbx_netI_over_sigmaI            5.71 
_reflns.pdbx_res_netI_over_av_sigmaI_2   ? 
_reflns.pdbx_res_netI_over_sigmaI_2      ? 
_reflns.pdbx_chi_squared                 ? 
_reflns.pdbx_scaling_rejects             ? 
_reflns.pdbx_d_res_high_opt              ? 
_reflns.pdbx_d_res_low_opt               ? 
_reflns.pdbx_d_res_opt_method            ? 
_reflns.phase_calculation_details        ? 
_reflns.pdbx_Rrim_I_all                  ? 
_reflns.pdbx_Rpim_I_all                  ? 
_reflns.pdbx_d_opt                       ? 
_reflns.pdbx_number_measured_all         ? 
_reflns.pdbx_diffrn_id                   1 
_reflns.pdbx_ordinal                     1 
_reflns.pdbx_CC_half                     ? 
_reflns.pdbx_CC_star                     ? 
_reflns.pdbx_R_split                     ? 
# 
_reflns_shell.d_res_high                  1.901 
_reflns_shell.d_res_low                   1.969 
_reflns_shell.meanI_over_sigI_all         ? 
_reflns_shell.meanI_over_sigI_obs         2.37 
_reflns_shell.number_measured_all         ? 
_reflns_shell.number_measured_obs         ? 
_reflns_shell.number_possible             ? 
_reflns_shell.number_unique_all           ? 
_reflns_shell.number_unique_obs           634 
_reflns_shell.percent_possible_all        ? 
_reflns_shell.percent_possible_obs        ? 
_reflns_shell.Rmerge_F_all                ? 
_reflns_shell.Rmerge_F_obs                ? 
_reflns_shell.Rmerge_I_all                ? 
_reflns_shell.Rmerge_I_obs                0.213 
_reflns_shell.meanI_over_sigI_gt          ? 
_reflns_shell.meanI_over_uI_all           ? 
_reflns_shell.meanI_over_uI_gt            ? 
_reflns_shell.number_measured_gt          ? 
_reflns_shell.number_unique_gt            ? 
_reflns_shell.percent_possible_gt         ? 
_reflns_shell.Rmerge_F_gt                 ? 
_reflns_shell.Rmerge_I_gt                 ? 
_reflns_shell.pdbx_redundancy             ? 
_reflns_shell.pdbx_Rsym_value             ? 
_reflns_shell.pdbx_chi_squared            ? 
_reflns_shell.pdbx_netI_over_sigmaI_all   ? 
_reflns_shell.pdbx_netI_over_sigmaI_obs   ? 
_reflns_shell.pdbx_Rrim_I_all             ? 
_reflns_shell.pdbx_Rpim_I_all             ? 
_reflns_shell.pdbx_rejects                ? 
_reflns_shell.pdbx_ordinal                1 
_reflns_shell.pdbx_diffrn_id              1 
_reflns_shell.pdbx_CC_half                ? 
_reflns_shell.pdbx_CC_star                ? 
_reflns_shell.pdbx_R_split                ? 
# 
_refine.aniso_B[1][1]                            ? 
_refine.aniso_B[1][2]                            ? 
_refine.aniso_B[1][3]                            ? 
_refine.aniso_B[2][2]                            ? 
_refine.aniso_B[2][3]                            ? 
_refine.aniso_B[3][3]                            ? 
_refine.B_iso_max                                ? 
_refine.B_iso_mean                               39.7739305669 
_refine.B_iso_min                                ? 
_refine.correlation_coeff_Fo_to_Fc               ? 
_refine.correlation_coeff_Fo_to_Fc_free          ? 
_refine.details                                  ? 
_refine.diff_density_max                         ? 
_refine.diff_density_max_esd                     ? 
_refine.diff_density_min                         ? 
_refine.diff_density_min_esd                     ? 
_refine.diff_density_rms                         ? 
_refine.diff_density_rms_esd                     ? 
_refine.entry_id                                 6LG3 
_refine.pdbx_refine_id                           'X-RAY DIFFRACTION' 
_refine.ls_abs_structure_details                 ? 
_refine.ls_abs_structure_Flack                   ? 
_refine.ls_abs_structure_Flack_esd               ? 
_refine.ls_abs_structure_Rogers                  ? 
_refine.ls_abs_structure_Rogers_esd              ? 
_refine.ls_d_res_high                            1.90057258182 
_refine.ls_d_res_low                             19.342176936 
_refine.ls_extinction_coef                       ? 
_refine.ls_extinction_coef_esd                   ? 
_refine.ls_extinction_expression                 ? 
_refine.ls_extinction_method                     ? 
_refine.ls_goodness_of_fit_all                   ? 
_refine.ls_goodness_of_fit_all_esd               ? 
_refine.ls_goodness_of_fit_obs                   ? 
_refine.ls_goodness_of_fit_obs_esd               ? 
_refine.ls_hydrogen_treatment                    ? 
_refine.ls_matrix_type                           ? 
_refine.ls_number_constraints                    ? 
_refine.ls_number_parameters                     ? 
_refine.ls_number_reflns_all                     ? 
_refine.ls_number_reflns_obs                     12018 
_refine.ls_number_reflns_R_free                  1217 
_refine.ls_number_reflns_R_work                  ? 
_refine.ls_number_restraints                     ? 
_refine.ls_percent_reflns_obs                    92.3396081444 
_refine.ls_percent_reflns_R_free                 10.1264769512 
_refine.ls_R_factor_all                          ? 
_refine.ls_R_factor_obs                          0.208353516868 
_refine.ls_R_factor_R_free                       0.243715343531 
_refine.ls_R_factor_R_free_error                 ? 
_refine.ls_R_factor_R_free_error_details         ? 
_refine.ls_R_factor_R_work                       0.204580059947 
_refine.ls_R_Fsqd_factor_obs                     ? 
_refine.ls_R_I_factor_obs                        ? 
_refine.ls_redundancy_reflns_all                 ? 
_refine.ls_redundancy_reflns_obs                 ? 
_refine.ls_restrained_S_all                      ? 
_refine.ls_restrained_S_obs                      ? 
_refine.ls_shift_over_esd_max                    ? 
_refine.ls_shift_over_esd_mean                   ? 
_refine.ls_structure_factor_coef                 ? 
_refine.ls_weighting_details                     ? 
_refine.ls_weighting_scheme                      ? 
_refine.ls_wR_factor_all                         ? 
_refine.ls_wR_factor_obs                         ? 
_refine.ls_wR_factor_R_free                      ? 
_refine.ls_wR_factor_R_work                      ? 
_refine.occupancy_max                            ? 
_refine.occupancy_min                            ? 
_refine.solvent_model_details                    ? 
_refine.solvent_model_param_bsol                 ? 
_refine.solvent_model_param_ksol                 ? 
_refine.pdbx_R_complete                          ? 
_refine.ls_R_factor_gt                           ? 
_refine.ls_goodness_of_fit_gt                    ? 
_refine.ls_goodness_of_fit_ref                   ? 
_refine.ls_shift_over_su_max                     ? 
_refine.ls_shift_over_su_max_lt                  ? 
_refine.ls_shift_over_su_mean                    ? 
_refine.ls_shift_over_su_mean_lt                 ? 
_refine.pdbx_ls_sigma_I                          ? 
_refine.pdbx_ls_sigma_F                          1.35089351612 
_refine.pdbx_ls_sigma_Fsqd                       ? 
_refine.pdbx_data_cutoff_high_absF               ? 
_refine.pdbx_data_cutoff_high_rms_absF           ? 
_refine.pdbx_data_cutoff_low_absF                ? 
_refine.pdbx_isotropic_thermal_model             ? 
_refine.pdbx_ls_cross_valid_method               'FREE R-VALUE' 
_refine.pdbx_method_to_determine_struct          'MOLECULAR REPLACEMENT' 
_refine.pdbx_starting_model                      2N9V 
_refine.pdbx_stereochemistry_target_values       ? 
_refine.pdbx_R_Free_selection_details            ? 
_refine.pdbx_stereochem_target_val_spec_case     ? 
_refine.pdbx_overall_ESU_R                       ? 
_refine.pdbx_overall_ESU_R_Free                  ? 
_refine.pdbx_solvent_vdw_probe_radii             1.11 
_refine.pdbx_solvent_ion_probe_radii             ? 
_refine.pdbx_solvent_shrinkage_radii             0.9 
_refine.pdbx_real_space_R                        ? 
_refine.pdbx_density_correlation                 ? 
_refine.pdbx_pd_number_of_powder_patterns        ? 
_refine.pdbx_pd_number_of_points                 ? 
_refine.pdbx_pd_meas_number_of_points            ? 
_refine.pdbx_pd_proc_ls_prof_R_factor            ? 
_refine.pdbx_pd_proc_ls_prof_wR_factor           ? 
_refine.pdbx_pd_Marquardt_correlation_coeff      ? 
_refine.pdbx_pd_Fsqrd_R_factor                   ? 
_refine.pdbx_pd_ls_matrix_band_width             ? 
_refine.pdbx_overall_phase_error                 25.2504637423 
_refine.pdbx_overall_SU_R_free_Cruickshank_DPI   ? 
_refine.pdbx_overall_SU_R_free_Blow_DPI          ? 
_refine.pdbx_overall_SU_R_Blow_DPI               ? 
_refine.pdbx_TLS_residual_ADP_flag               ? 
_refine.pdbx_diffrn_id                           1 
_refine.overall_SU_B                             ? 
_refine.overall_SU_ML                            0.207558956701 
_refine.overall_SU_R_Cruickshank_DPI             ? 
_refine.overall_SU_R_free                        ? 
_refine.overall_FOM_free_R_set                   ? 
_refine.overall_FOM_work_R_set                   ? 
_refine.pdbx_average_fsc_overall                 ? 
_refine.pdbx_average_fsc_work                    ? 
_refine.pdbx_average_fsc_free                    ? 
# 
_refine_hist.pdbx_refine_id                   'X-RAY DIFFRACTION' 
_refine_hist.cycle_id                         LAST 
_refine_hist.details                          ? 
_refine_hist.d_res_high                       1.90057258182 
_refine_hist.d_res_low                        19.342176936 
_refine_hist.number_atoms_solvent             37 
_refine_hist.number_atoms_total               600 
_refine_hist.number_reflns_all                ? 
_refine_hist.number_reflns_obs                ? 
_refine_hist.number_reflns_R_free             ? 
_refine_hist.number_reflns_R_work             ? 
_refine_hist.R_factor_all                     ? 
_refine_hist.R_factor_obs                     ? 
_refine_hist.R_factor_R_free                  ? 
_refine_hist.R_factor_R_work                  ? 
_refine_hist.pdbx_number_residues_total       ? 
_refine_hist.pdbx_B_iso_mean_ligand           ? 
_refine_hist.pdbx_B_iso_mean_solvent          ? 
_refine_hist.pdbx_number_atoms_protein        563 
_refine_hist.pdbx_number_atoms_nucleic_acid   0 
_refine_hist.pdbx_number_atoms_ligand         0 
_refine_hist.pdbx_number_atoms_lipid          ? 
_refine_hist.pdbx_number_atoms_carb           ? 
_refine_hist.pdbx_pseudo_atom_details         ? 
# 
loop_
_refine_ls_restr.pdbx_refine_id 
_refine_ls_restr.criterion 
_refine_ls_restr.dev_ideal 
_refine_ls_restr.dev_ideal_target 
_refine_ls_restr.number 
_refine_ls_restr.rejects 
_refine_ls_restr.type 
_refine_ls_restr.weight 
_refine_ls_restr.pdbx_restraint_function 
'X-RAY DIFFRACTION' ? 0.00485101942181 ? 582 ? f_bond_d           ? ? 
'X-RAY DIFFRACTION' ? 0.676935499824   ? 792 ? f_angle_d          ? ? 
'X-RAY DIFFRACTION' ? 0.0443426162544  ? 90  ? f_chiral_restr     ? ? 
'X-RAY DIFFRACTION' ? 0.00495905706375 ? 105 ? f_plane_restr      ? ? 
'X-RAY DIFFRACTION' ? 18.9869712963    ? 347 ? f_dihedral_angle_d ? ? 
# 
loop_
_refine_ls_shell.pdbx_refine_id 
_refine_ls_shell.d_res_high 
_refine_ls_shell.d_res_low 
_refine_ls_shell.number_reflns_all 
_refine_ls_shell.number_reflns_obs 
_refine_ls_shell.number_reflns_R_free 
_refine_ls_shell.number_reflns_R_work 
_refine_ls_shell.percent_reflns_obs 
_refine_ls_shell.percent_reflns_R_free 
_refine_ls_shell.R_factor_all 
_refine_ls_shell.R_factor_obs 
_refine_ls_shell.R_factor_R_free 
_refine_ls_shell.R_factor_R_free_error 
_refine_ls_shell.R_factor_R_work 
_refine_ls_shell.redundancy_reflns_all 
_refine_ls_shell.redundancy_reflns_obs 
_refine_ls_shell.wR_factor_all 
_refine_ls_shell.wR_factor_obs 
_refine_ls_shell.wR_factor_R_free 
_refine_ls_shell.wR_factor_R_work 
_refine_ls_shell.pdbx_R_complete 
_refine_ls_shell.pdbx_total_number_of_bins_used 
_refine_ls_shell.pdbx_phase_error 
_refine_ls_shell.pdbx_fsc_work 
_refine_ls_shell.pdbx_fsc_free 
'X-RAY DIFFRACTION' 1.9006 1.9766  . . 113 1081 84.8011363636 . . . 0.284238602982 . 0.275638277534 . . . . . . . . . . . 
'X-RAY DIFFRACTION' 1.9766 2.0665  . . 136 1210 90.5178211163 . . . 0.264788209537 . 0.259075744302 . . . . . . . . . . . 
'X-RAY DIFFRACTION' 2.0665 2.1753  . . 131 1198 91.9087136929 . . . 0.264844012357 . 0.232060626429 . . . . . . . . . . . 
'X-RAY DIFFRACTION' 2.1753 2.3113  . . 136 1180 91.7073170732 . . . 0.29303241648  . 0.233391263462 . . . . . . . . . . . 
'X-RAY DIFFRACTION' 2.3113 2.4895  . . 146 1208 93.2506887052 . . . 0.251743933857 . 0.233130772066 . . . . . . . . . . . 
'X-RAY DIFFRACTION' 2.4895 2.7394  . . 132 1241 94.0410958904 . . . 0.265783113951 . 0.222756135384 . . . . . . . . . . . 
'X-RAY DIFFRACTION' 2.7394 3.1343  . . 145 1233 95.5617198336 . . . 0.227898420395 . 0.20752633005  . . . . . . . . . . . 
'X-RAY DIFFRACTION' 3.1343 3.9434  . . 138 1250 96.590118302  . . . 0.254551317444 . 0.188456417306 . . . . . . . . . . . 
'X-RAY DIFFRACTION' 3.9434 19.3412 . . 140 1200 92.5414364641 . . . 0.211130379051 . 0.178306456163 . . . . . . . . . . . 
# 
_struct.entry_id                     6LG3 
_struct.title                        'Crystal structure of a bacterial toxin from Mycobacterium tuberculosis' 
_struct.pdbx_model_details           ? 
_struct.pdbx_formula_weight          ? 
_struct.pdbx_formula_weight_method   ? 
_struct.pdbx_model_type_details      ? 
_struct.pdbx_CASP_flag               N 
# 
_struct_keywords.entry_id        6LG3 
_struct_keywords.text            'bacterial toxin, TOXIN' 
_struct_keywords.pdbx_keywords   TOXIN 
# 
loop_
_struct_asym.id 
_struct_asym.pdbx_blank_PDB_chainid_flag 
_struct_asym.pdbx_modified 
_struct_asym.entity_id 
_struct_asym.details 
A N N 1 ? 
B N N 2 ? 
# 
loop_
_struct_conf.conf_type_id 
_struct_conf.id 
_struct_conf.pdbx_PDB_helix_id 
_struct_conf.beg_label_comp_id 
_struct_conf.beg_label_asym_id 
_struct_conf.beg_label_seq_id 
_struct_conf.pdbx_beg_PDB_ins_code 
_struct_conf.end_label_comp_id 
_struct_conf.end_label_asym_id 
_struct_conf.end_label_seq_id 
_struct_conf.pdbx_end_PDB_ins_code 
_struct_conf.beg_auth_comp_id 
_struct_conf.beg_auth_asym_id 
_struct_conf.beg_auth_seq_id 
_struct_conf.end_auth_comp_id 
_struct_conf.end_auth_asym_id 
_struct_conf.end_auth_seq_id 
_struct_conf.pdbx_PDB_helix_class 
_struct_conf.details 
_struct_conf.pdbx_PDB_helix_length 
HELX_P HELX_P1 AA1 THR A 3  ? GLY A 23 ? THR A 9  GLY A 29 1 ? 21 
HELX_P HELX_P2 AA2 SER A 25 ? GLY A 40 ? SER A 31 GLY A 46 1 ? 16 
HELX_P HELX_P3 AA3 ARG A 65 ? TYR A 74 ? ARG A 71 TYR A 80 1 ? 10 
# 
_struct_conf_type.id          HELX_P 
_struct_conf_type.criteria    ? 
_struct_conf_type.reference   ? 
# 
_struct_sheet.id               AA1 
_struct_sheet.type             ? 
_struct_sheet.number_strands   3 
_struct_sheet.details          ? 
# 
loop_
_struct_sheet_order.sheet_id 
_struct_sheet_order.range_id_1 
_struct_sheet_order.range_id_2 
_struct_sheet_order.offset 
_struct_sheet_order.sense 
AA1 1 2 ? anti-parallel 
AA1 2 3 ? anti-parallel 
# 
loop_
_struct_sheet_range.sheet_id 
_struct_sheet_range.id 
_struct_sheet_range.beg_label_comp_id 
_struct_sheet_range.beg_label_asym_id 
_struct_sheet_range.beg_label_seq_id 
_struct_sheet_range.pdbx_beg_PDB_ins_code 
_struct_sheet_range.end_label_comp_id 
_struct_sheet_range.end_label_asym_id 
_struct_sheet_range.end_label_seq_id 
_struct_sheet_range.pdbx_end_PDB_ins_code 
_struct_sheet_range.beg_auth_comp_id 
_struct_sheet_range.beg_auth_asym_id 
_struct_sheet_range.beg_auth_seq_id 
_struct_sheet_range.end_auth_comp_id 
_struct_sheet_range.end_auth_asym_id 
_struct_sheet_range.end_auth_seq_id 
AA1 1 LEU A 42 ? GLY A 46 ? LEU A 48 GLY A 52 
AA1 2 ASN A 50 ? ALA A 55 ? ASN A 56 ALA A 61 
AA1 3 ASN A 58 ? ASP A 64 ? ASN A 64 ASP A 70 
# 
loop_
_pdbx_struct_sheet_hbond.sheet_id 
_pdbx_struct_sheet_hbond.range_id_1 
_pdbx_struct_sheet_hbond.range_id_2 
_pdbx_struct_sheet_hbond.range_1_label_atom_id 
_pdbx_struct_sheet_hbond.range_1_label_comp_id 
_pdbx_struct_sheet_hbond.range_1_label_asym_id 
_pdbx_struct_sheet_hbond.range_1_label_seq_id 
_pdbx_struct_sheet_hbond.range_1_PDB_ins_code 
_pdbx_struct_sheet_hbond.range_1_auth_atom_id 
_pdbx_struct_sheet_hbond.range_1_auth_comp_id 
_pdbx_struct_sheet_hbond.range_1_auth_asym_id 
_pdbx_struct_sheet_hbond.range_1_auth_seq_id 
_pdbx_struct_sheet_hbond.range_2_label_atom_id 
_pdbx_struct_sheet_hbond.range_2_label_comp_id 
_pdbx_struct_sheet_hbond.range_2_label_asym_id 
_pdbx_struct_sheet_hbond.range_2_label_seq_id 
_pdbx_struct_sheet_hbond.range_2_PDB_ins_code 
_pdbx_struct_sheet_hbond.range_2_auth_atom_id 
_pdbx_struct_sheet_hbond.range_2_auth_comp_id 
_pdbx_struct_sheet_hbond.range_2_auth_asym_id 
_pdbx_struct_sheet_hbond.range_2_auth_seq_id 
AA1 1 2 N ARG A 45 ? N ARG A 51 O TYR A 52 ? O TYR A 58 
AA1 2 3 N ALA A 55 ? N ALA A 61 O ASN A 58 ? O ASN A 64 
# 
_atom_sites.entry_id                    6LG3 
_atom_sites.Cartn_transf_matrix[1][1]   ? 
_atom_sites.Cartn_transf_matrix[1][2]   ? 
_atom_sites.Cartn_transf_matrix[1][3]   ? 
_atom_sites.Cartn_transf_matrix[2][1]   ? 
_atom_sites.Cartn_transf_matrix[2][2]   ? 
_atom_sites.Cartn_transf_matrix[2][3]   ? 
_atom_sites.Cartn_transf_matrix[3][1]   ? 
_atom_sites.Cartn_transf_matrix[3][2]   ? 
_atom_sites.Cartn_transf_matrix[3][3]   ? 
_atom_sites.Cartn_transf_vector[1]      ? 
_atom_sites.Cartn_transf_vector[2]      ? 
_atom_sites.Cartn_transf_vector[3]      ? 
_atom_sites.fract_transf_matrix[1][1]   -0.03642148 
_atom_sites.fract_transf_matrix[1][2]   -0.01434802 
_atom_sites.fract_transf_matrix[1][3]   -0.00588028 
_atom_sites.fract_transf_matrix[2][1]   0.00499615 
_atom_sites.fract_transf_matrix[2][2]   -0.00681287 
_atom_sites.fract_transf_matrix[2][3]   -0.01432179 
_atom_sites.fract_transf_matrix[3][1]   -0.00159726 
_atom_sites.fract_transf_matrix[3][2]   -0.03391773 
_atom_sites.fract_transf_matrix[3][3]   0.01557743 
_atom_sites.fract_transf_vector[1]      0.650893 
_atom_sites.fract_transf_vector[2]      0.488308 
_atom_sites.fract_transf_vector[3]      -0.038058 
_atom_sites.solution_primary            ? 
_atom_sites.solution_secondary          ? 
_atom_sites.solution_hydrogens          ? 
_atom_sites.special_details             ? 
# 
loop_
_atom_type.symbol 
_atom_type.scat_dispersion_real 
_atom_type.scat_dispersion_imag 
_atom_type.scat_Cromer_Mann_a1 
_atom_type.scat_Cromer_Mann_a2 
_atom_type.scat_Cromer_Mann_b1 
_atom_type.scat_Cromer_Mann_b2 
_atom_type.scat_Cromer_Mann_c 
_atom_type.scat_source 
_atom_type.scat_dispersion_source 
C ? ? 3.54356 2.42580 25.62398 1.50364  0.0 
;2-Gaussian fit: Grosse-Kunstleve RW, Sauter NK, Adams PD: Newsletter of the IUCr Commission on Crystallographic Computing 2004, 3, 22-31.
;
? 
N ? ? 4.01032 2.96436 19.97189 1.75589  0.0 
;2-Gaussian fit: Grosse-Kunstleve RW, Sauter NK, Adams PD: Newsletter of the IUCr Commission on Crystallographic Computing 2004, 3, 22-31.
;
? 
O ? ? 4.49882 3.47563 15.80542 1.70748  0.0 
;2-Gaussian fit: Grosse-Kunstleve RW, Sauter NK, Adams PD: Newsletter of the IUCr Commission on Crystallographic Computing 2004, 3, 22-31.
;
? 
S ? ? 9.55732 6.39887 1.23737  29.19336 0.0 
;2-Gaussian fit: Grosse-Kunstleve RW, Sauter NK, Adams PD: Newsletter of the IUCr Commission on Crystallographic Computing 2004, 3, 22-31.
;
? 
# 
loop_
_atom_site.group_PDB 
_atom_site.id 
_atom_site.type_symbol 
_atom_site.label_atom_id 
_atom_site.label_alt_id 
_atom_site.label_comp_id 
_atom_site.label_asym_id 
_atom_site.label_entity_id 
_atom_site.label_seq_id 
_atom_site.pdbx_PDB_ins_code 
_atom_site.Cartn_x 
_atom_site.Cartn_y 
_atom_site.Cartn_z 
_atom_site.occupancy 
_atom_site.B_iso_or_equiv 
_atom_site.pdbx_formal_charge 
_atom_site.auth_seq_id 
_atom_site.auth_comp_id 
_atom_site.auth_asym_id 
_atom_site.auth_atom_id 
_atom_site.pdbx_PDB_model_num 
ATOM   1   N N   . PRO A 1 1  ? -6.70128  -10.26649 -9.68932  1.000 60.42203 ? 7   PRO A N   1 
ATOM   2   C CA  . PRO A 1 1  ? -6.72006  -8.86058  -9.27650  1.000 56.35686 ? 7   PRO A CA  1 
ATOM   3   C C   . PRO A 1 1  ? -6.92089  -8.73429  -7.77418  1.000 52.20533 ? 7   PRO A C   1 
ATOM   4   O O   . PRO A 1 1  ? -7.40778  -9.68061  -7.15196  1.000 52.97817 ? 7   PRO A O   1 
ATOM   5   C CB  . PRO A 1 1  ? -7.91072  -8.28965  -10.04443 1.000 56.94442 ? 7   PRO A CB  1 
ATOM   6   C CG  . PRO A 1 1  ? -8.84550  -9.44778  -10.15824 1.000 60.14385 ? 7   PRO A CG  1 
ATOM   7   C CD  . PRO A 1 1  ? -7.98017  -10.67834 -10.29589 1.000 63.07231 ? 7   PRO A CD  1 
ATOM   8   N N   . LEU A 1 2  ? -6.53735  -7.59733  -7.20007  1.000 51.06664 ? 8   LEU A N   1 
ATOM   9   C CA  . LEU A 1 2  ? -6.69154  -7.38763  -5.76815  1.000 45.98090 ? 8   LEU A CA  1 
ATOM   10  C C   . LEU A 1 2  ? -8.10395  -6.90926  -5.45924  1.000 42.84822 ? 8   LEU A C   1 
ATOM   11  O O   . LEU A 1 2  ? -8.67792  -6.11141  -6.20352  1.000 45.70098 ? 8   LEU A O   1 
ATOM   12  C CB  . LEU A 1 2  ? -5.66913  -6.37032  -5.25892  1.000 46.58023 ? 8   LEU A CB  1 
ATOM   13  C CG  . LEU A 1 2  ? -4.18654  -6.68486  -5.45819  1.000 42.48012 ? 8   LEU A CG  1 
ATOM   14  C CD1 . LEU A 1 2  ? -3.34673  -5.57045  -4.86932  1.000 46.95293 ? 8   LEU A CD1 1 
ATOM   15  C CD2 . LEU A 1 2  ? -3.82079  -8.01978  -4.82820  1.000 45.06491 ? 8   LEU A CD2 1 
ATOM   16  N N   . THR A 1 3  ? -8.66303  -7.40701  -4.35861  1.000 42.11181 ? 9   THR A N   1 
ATOM   17  C CA  . THR A 1 3  ? -9.99305  -7.00676  -3.92167  1.000 46.28245 ? 9   THR A CA  1 
ATOM   18  C C   . THR A 1 3  ? -9.93955  -5.64147  -3.23007  1.000 41.99851 ? 9   THR A C   1 
ATOM   19  O O   . THR A 1 3  ? -8.86896  -5.11989  -2.90927  1.000 39.75916 ? 9   THR A O   1 
ATOM   20  C CB  . THR A 1 3  ? -10.58158 -8.05194  -2.97430  1.000 41.87203 ? 9   THR A CB  1 
ATOM   21  O OG1 . THR A 1 3  ? -9.91356  -7.97054  -1.71178  1.000 41.06559 ? 9   THR A OG1 1 
ATOM   22  C CG2 . THR A 1 3  ? -10.39578 -9.45498  -3.53256  1.000 40.12303 ? 9   THR A CG2 1 
ATOM   23  N N   . ASN A 1 4  ? -11.12225 -5.06033  -2.98970  1.000 40.27428 ? 10  ASN A N   1 
ATOM   24  C CA  . ASN A 1 4  ? -11.17741 -3.77176  -2.30128  1.000 43.49805 ? 10  ASN A CA  1 
ATOM   25  C C   . ASN A 1 4  ? -10.57333 -3.85688  -0.90246  1.000 42.75341 ? 10  ASN A C   1 
ATOM   26  O O   . ASN A 1 4  ? -9.83840  -2.95182  -0.48293  1.000 39.04761 ? 10  ASN A O   1 
ATOM   27  C CB  . ASN A 1 4  ? -12.61667 -3.25927  -2.22965  1.000 46.97562 ? 10  ASN A CB  1 
ATOM   28  C CG  . ASN A 1 4  ? -12.99936 -2.43257  -3.43821  1.000 51.27882 ? 10  ASN A CG  1 
ATOM   29  O OD1 . ASN A 1 4  ? -12.14066 -1.84833  -4.09889  1.000 56.45449 ? 10  ASN A OD1 1 
ATOM   30  N ND2 . ASN A 1 4  ? -14.29531 -2.36706  -3.72722  1.000 54.95975 ? 10  ASN A ND2 1 
ATOM   31  N N   . ASP A 1 5  ? -10.86768 -4.93594  -0.16683  1.000 39.27728 ? 11  ASP A N   1 
ATOM   32  C CA  . ASP A 1 5  ? -10.30991 -5.08474  1.17341   1.000 36.67939 ? 11  ASP A CA  1 
ATOM   33  C C   . ASP A 1 5  ? -8.80301  -5.29640  1.12844   1.000 33.78045 ? 11  ASP A C   1 
ATOM   34  O O   . ASP A 1 5  ? -8.07309  -4.80322  1.99897   1.000 33.03243 ? 11  ASP A O   1 
ATOM   35  C CB  . ASP A 1 5  ? -10.99790 -6.23220  1.91106   1.000 40.83545 ? 11  ASP A CB  1 
ATOM   36  C CG  . ASP A 1 5  ? -12.41444 -5.89033  2.30830   1.000 55.89718 ? 11  ASP A CG  1 
ATOM   37  O OD1 . ASP A 1 5  ? -13.25345 -6.80917  2.37577   1.000 60.79070 ? 11  ASP A OD1 1 
ATOM   38  O OD2 . ASP A 1 5  ? -12.67924 -4.69526  2.56901   1.000 69.51725 ? 11  ASP A OD2 1 
ATOM   39  N N   . GLU A 1 6  ? -8.31815  -6.02521  0.12336   1.000 35.77821 ? 12  GLU A N   1 
ATOM   40  C CA  . GLU A 1 6  ? -6.87634  -6.19769  -0.01794  1.000 34.10459 ? 12  GLU A CA  1 
ATOM   41  C C   . GLU A 1 6  ? -6.19050  -4.87478  -0.33893  1.000 28.91941 ? 12  GLU A C   1 
ATOM   42  O O   . GLU A 1 6  ? -5.12133  -4.58028  0.20970   1.000 25.07788 ? 12  GLU A O   1 
ATOM   43  C CB  . GLU A 1 6  ? -6.56959  -7.24426  -1.08851  1.000 29.13536 ? 12  GLU A CB  1 
ATOM   44  C CG  . GLU A 1 6  ? -6.79687  -8.68166  -0.61745  1.000 36.56375 ? 12  GLU A CG  1 
ATOM   45  C CD  . GLU A 1 6  ? -6.73683  -9.68838  -1.75728  1.000 44.15170 ? 12  GLU A CD  1 
ATOM   46  O OE1 . GLU A 1 6  ? -6.96200  -9.29263  -2.92095  1.000 42.89327 ? 12  GLU A OE1 1 
ATOM   47  O OE2 . GLU A 1 6  ? -6.46048  -10.87512 -1.49001  1.000 45.10174 ? 12  GLU A OE2 1 
ATOM   48  N N   . ARG A 1 7  ? -6.78993  -4.06079  -1.21708  1.000 28.30818 ? 13  ARG A N   1 
ATOM   49  C CA  . ARG A 1 7  ? -6.21270  -2.74398  -1.50051  1.000 33.81582 ? 13  ARG A CA  1 
ATOM   50  C C   . ARG A 1 7  ? -6.21558  -1.86754  -0.25451  1.000 36.05564 ? 13  ARG A C   1 
ATOM   51  O O   . ARG A 1 7  ? -5.23892  -1.15815  0.02081   1.000 28.56069 ? 13  ARG A O   1 
ATOM   52  C CB  . ARG A 1 7  ? -6.97230  -2.04975  -2.63873  1.000 38.20251 ? 13  ARG A CB  1 
ATOM   53  C CG  . ARG A 1 7  ? -6.89664  -2.75924  -3.98449  1.000 50.08063 ? 13  ARG A CG  1 
ATOM   54  C CD  . ARG A 1 7  ? -7.66509  -2.00512  -5.06874  1.000 58.96531 ? 13  ARG A CD  1 
ATOM   55  N NE  . ARG A 1 7  ? -8.02618  -2.88631  -6.17777  1.000 68.01317 ? 13  ARG A NE  1 
ATOM   56  C CZ  . ARG A 1 7  ? -7.29192  -3.06014  -7.27302  1.000 71.02867 ? 13  ARG A CZ  1 
ATOM   57  N NH1 . ARG A 1 7  ? -6.14310  -2.40884  -7.42114  1.000 66.07670 ? 13  ARG A NH1 1 
ATOM   58  N NH2 . ARG A 1 7  ? -7.70805  -3.88925  -8.22217  1.000 72.69334 ? 13  ARG A NH2 1 
ATOM   59  N N   . GLN A 1 8  ? -7.31111  -1.90726  0.51178   1.000 37.77005 ? 14  GLN A N   1 
ATOM   60  C CA  . GLN A 1 8  ? -7.39224  -1.13492  1.74607   1.000 36.05859 ? 14  GLN A CA  1 
ATOM   61  C C   . GLN A 1 8  ? -6.28793  -1.53528  2.72130   1.000 34.50272 ? 14  GLN A C   1 
ATOM   62  O O   . GLN A 1 8  ? -5.62480  -0.66987  3.31542   1.000 32.84159 ? 14  GLN A O   1 
ATOM   63  C CB  . GLN A 1 8  ? -8.77839  -1.32367  2.36415   1.000 37.75356 ? 14  GLN A CB  1 
ATOM   64  C CG  . GLN A 1 8  ? -9.16120  -0.30152  3.40575   1.000 56.54499 ? 14  GLN A CG  1 
ATOM   65  C CD  . GLN A 1 8  ? -10.64328 -0.35650  3.73692   1.000 72.37583 ? 14  GLN A CD  1 
ATOM   66  O OE1 . GLN A 1 8  ? -11.46537 0.26436   3.05808   1.000 77.01380 ? 14  GLN A OE1 1 
ATOM   67  N NE2 . GLN A 1 8  ? -10.99352 -1.11153  4.77697   1.000 75.52884 ? 14  GLN A NE2 1 
ATOM   68  N N   . LEU A 1 9  ? -6.05457  -2.84513  2.87774   1.000 29.27715 ? 15  LEU A N   1 
ATOM   69  C CA  . LEU A 1 9  ? -4.98940  -3.30010  3.76685   1.000 29.12683 ? 15  LEU A CA  1 
ATOM   70  C C   . LEU A 1 9  ? -3.61378  -2.85523  3.26463   1.000 33.83358 ? 15  LEU A C   1 
ATOM   71  O O   . LEU A 1 9  ? -2.76259  -2.42267  4.05636   1.000 30.79762 ? 15  LEU A O   1 
ATOM   72  C CB  . LEU A 1 9  ? -5.06518  -4.82031  3.91997   1.000 26.03829 ? 15  LEU A CB  1 
ATOM   73  C CG  . LEU A 1 9  ? -4.04371  -5.48385  4.83872   1.000 34.37827 ? 15  LEU A CG  1 
ATOM   74  C CD1 . LEU A 1 9  ? -3.97206  -4.77508  6.18031   1.000 36.62781 ? 15  LEU A CD1 1 
ATOM   75  C CD2 . LEU A 1 9  ? -4.43724  -6.94919  5.02179   1.000 35.93809 ? 15  LEU A CD2 1 
ATOM   76  N N   . MET A 1 10 ? -3.37836  -2.93200  1.95107   1.000 30.93305 ? 16  MET A N   1 
ATOM   77  C CA  . MET A 1 10 ? -2.10069  -2.45733  1.42482   1.000 25.22407 ? 16  MET A CA  1 
ATOM   78  C C   . MET A 1 10 ? -1.91277  -0.96567  1.69472   1.000 27.12754 ? 16  MET A C   1 
ATOM   79  O O   . MET A 1 10 ? -0.80481  -0.52062  2.01314   1.000 27.60091 ? 16  MET A O   1 
ATOM   80  C CB  . MET A 1 10 ? -1.99322  -2.75461  -0.07530  1.000 24.95986 ? 16  MET A CB  1 
ATOM   81  C CG  . MET A 1 10 ? -1.87872  -4.26156  -0.41830  1.000 27.38686 ? 16  MET A CG  1 
ATOM   82  S SD  . MET A 1 10 ? -0.28674  -4.96693  0.07102   1.000 30.15225 ? 16  MET A SD  1 
ATOM   83  C CE  . MET A 1 10 ? 0.86603   -4.20730  -1.09179  1.000 29.78060 ? 16  MET A CE  1 
ATOM   84  N N   . HIS A 1 11 ? -2.98638  -0.18275  1.59893   1.000 26.22706 ? 17  HIS A N   1 
ATOM   85  C CA  . HIS A 1 11 ? -2.86963  1.24283   1.89437   1.000 34.87743 ? 17  HIS A CA  1 
ATOM   86  C C   . HIS A 1 11 ? -2.54216  1.47754   3.36679   1.000 36.01210 ? 17  HIS A C   1 
ATOM   87  O O   . HIS A 1 11 ? -1.71637  2.34203   3.69395   1.000 30.33244 ? 17  HIS A O   1 
ATOM   88  C CB  . HIS A 1 11 ? -4.15658  1.96931   1.50681   1.000 39.46894 ? 17  HIS A CB  1 
ATOM   89  C CG  . HIS A 1 11 ? -4.03139  3.46022   1.50957   1.000 50.23147 ? 17  HIS A CG  1 
ATOM   90  N ND1 . HIS A 1 11 ? -3.60476  4.17349   0.40839   1.000 54.86196 ? 17  HIS A ND1 1 
ATOM   91  C CD2 . HIS A 1 11 ? -4.27260  4.37351   2.47964   1.000 52.72542 ? 17  HIS A CD2 1 
ATOM   92  C CE1 . HIS A 1 11 ? -3.59301  5.46213   0.69909   1.000 55.77708 ? 17  HIS A CE1 1 
ATOM   93  N NE2 . HIS A 1 11 ? -3.99294  5.61005   1.94997   1.000 54.23634 ? 17  HIS A NE2 1 
ATOM   94  N N   . GLU A 1 12 ? -3.16844  0.71027   4.27069   1.000 29.90658 ? 18  GLU A N   1 
ATOM   95  C CA  . GLU A 1 12 ? -2.86105  0.86904   5.69099   1.000 30.59139 ? 18  GLU A CA  1 
ATOM   96  C C   . GLU A 1 12 ? -1.40468  0.52061   5.98453   1.000 31.09713 ? 18  GLU A C   1 
ATOM   97  O O   . GLU A 1 12 ? -0.71651  1.24523   6.72441   1.000 29.97749 ? 18  GLU A O   1 
ATOM   98  C CB  . GLU A 1 12 ? -3.81665  0.01998   6.52922   1.000 37.57229 ? 18  GLU A CB  1 
ATOM   99  C CG  . GLU A 1 12 ? -5.27955  0.42014   6.34992   1.000 56.22541 ? 18  GLU A CG  1 
ATOM   100 C CD  . GLU A 1 12 ? -6.25376  -0.50578  7.07406   1.000 75.26424 ? 18  GLU A CD  1 
ATOM   101 O OE1 . GLU A 1 12 ? -7.46623  -0.45727  6.76085   1.000 72.73986 ? 18  GLU A OE1 1 
ATOM   102 O OE2 . GLU A 1 12 ? -5.81013  -1.27924  7.95353   1.000 85.05447 ? 18  GLU A OE2 1 
ATOM   103 N N   . LEU A 1 13 ? -0.90794  -0.57171  5.38729   1.000 30.44399 ? 19  LEU A N   1 
ATOM   104 C CA  . LEU A 1 13 ? 0.50545   -0.91771  5.52118   1.000 30.70158 ? 19  LEU A CA  1 
ATOM   105 C C   . LEU A 1 13 ? 1.41227   0.18647   4.97106   1.000 27.48178 ? 19  LEU A C   1 
ATOM   106 O O   . LEU A 1 13 ? 2.49604   0.43800   5.51613   1.000 31.06809 ? 19  LEU A O   1 
ATOM   107 C CB  . LEU A 1 13 ? 0.79528   -2.23584  4.80547   1.000 25.54534 ? 19  LEU A CB  1 
ATOM   108 C CG  . LEU A 1 13 ? 0.05344   -3.48652  5.28322   1.000 33.94799 ? 19  LEU A CG  1 
ATOM   109 C CD1 . LEU A 1 13 ? 0.44075   -4.65871  4.39687   1.000 33.69706 ? 19  LEU A CD1 1 
ATOM   110 C CD2 . LEU A 1 13 ? 0.40191   -3.77322  6.72565   1.000 38.47427 ? 19  LEU A CD2 1 
ATOM   111 N N   . ALA A 1 14 ? 1.00499   0.83618   3.87479   1.000 28.77893 ? 20  ALA A N   1 
ATOM   112 C CA  . ALA A 1 14 ? 1.82688   1.91616   3.32739   1.000 29.57101 ? 20  ALA A CA  1 
ATOM   113 C C   . ALA A 1 14 ? 1.86685   3.11484   4.26517   1.000 30.00530 ? 20  ALA A C   1 
ATOM   114 O O   . ALA A 1 14 ? 2.93055   3.71626   4.46142   1.000 32.24722 ? 20  ALA A O   1 
ATOM   115 C CB  . ALA A 1 14 ? 1.31532   2.33061   1.95136   1.000 32.59306 ? 20  ALA A CB  1 
ATOM   116 N N   . VAL A 1 15 ? 0.72178   3.47301   4.85526   1.000 30.57440 ? 21  VAL A N   1 
ATOM   117 C CA  . VAL A 1 15 ? 0.70369   4.54101   5.85390   1.000 31.53292 ? 21  VAL A CA  1 
ATOM   118 C C   . VAL A 1 15 ? 1.66090   4.21461   6.99475   1.000 33.30553 ? 21  VAL A C   1 
ATOM   119 O O   . VAL A 1 15 ? 2.41857   5.08110   7.45351   1.000 34.57355 ? 21  VAL A O   1 
ATOM   120 C CB  . VAL A 1 15 ? -0.73225  4.77556   6.36157   1.000 33.17014 ? 21  VAL A CB  1 
ATOM   121 C CG1 . VAL A 1 15 ? -0.74978  5.75377   7.52934   1.000 34.38713 ? 21  VAL A CG1 1 
ATOM   122 C CG2 . VAL A 1 15 ? -1.61772  5.27187   5.23189   1.000 28.21514 ? 21  VAL A CG2 1 
ATOM   123 N N   . GLN A 1 16 ? 1.65566   2.95293   7.45866   1.000 30.72506 ? 22  GLN A N   1 
ATOM   124 C CA  . GLN A 1 16 ? 2.59201   2.54921   8.50855   1.000 31.39968 ? 22  GLN A CA  1 
ATOM   125 C C   . GLN A 1 16 ? 4.04082   2.71071   8.06337   1.000 31.28566 ? 22  GLN A C   1 
ATOM   126 O O   . GLN A 1 16 ? 4.89495   3.14630   8.84840   1.000 30.27184 ? 22  GLN A O   1 
ATOM   127 C CB  . GLN A 1 16 ? 2.33738   1.09705   8.92944   1.000 31.25529 ? 22  GLN A CB  1 
ATOM   128 C CG  . GLN A 1 16 ? 1.01177   0.87061   9.61402   1.000 43.49098 ? 22  GLN A CG  1 
ATOM   129 C CD  . GLN A 1 16 ? 0.80998   -0.59012  10.00009  1.000 60.37163 ? 22  GLN A CD  1 
ATOM   130 O OE1 . GLN A 1 16 ? -0.24686  -1.17332  9.74725   1.000 64.79388 ? 22  GLN A OE1 1 
ATOM   131 N NE2 . GLN A 1 16 ? 1.82801   -1.18634  10.61336  1.000 60.50928 ? 22  GLN A NE2 1 
ATOM   132 N N   . VAL A 1 17 ? 4.34426   2.34005   6.81612   1.000 34.76101 ? 23  VAL A N   1 
ATOM   133 C CA  . VAL A 1 17 ? 5.71295   2.46164   6.31937   1.000 35.25650 ? 23  VAL A CA  1 
ATOM   134 C C   . VAL A 1 17 ? 6.13679   3.92367   6.28878   1.000 30.04757 ? 23  VAL A C   1 
ATOM   135 O O   . VAL A 1 17 ? 7.24903   4.27745   6.70216   1.000 32.51669 ? 23  VAL A O   1 
ATOM   136 C CB  . VAL A 1 17 ? 5.84290   1.81484   4.92580   1.000 38.20724 ? 23  VAL A CB  1 
ATOM   137 C CG1 . VAL A 1 17 ? 7.19866   2.17074   4.29814   1.000 36.64557 ? 23  VAL A CG1 1 
ATOM   138 C CG2 . VAL A 1 17 ? 5.66619   0.30426   5.01656   1.000 35.90092 ? 23  VAL A CG2 1 
ATOM   139 N N   . VAL A 1 18 ? 5.25875   4.79471   5.78662   1.000 26.09797 ? 24  VAL A N   1 
ATOM   140 C CA  . VAL A 1 18 ? 5.61493   6.20721   5.68049   1.000 32.10945 ? 24  VAL A CA  1 
ATOM   141 C C   . VAL A 1 18 ? 5.83712   6.79500   7.06412   1.000 35.65777 ? 24  VAL A C   1 
ATOM   142 O O   . VAL A 1 18 ? 6.79037   7.55737   7.28538   1.000 31.94449 ? 24  VAL A O   1 
ATOM   143 C CB  . VAL A 1 18 ? 4.53905   6.98472   4.90010   1.000 28.09413 ? 24  VAL A CB  1 
ATOM   144 C CG1 . VAL A 1 18 ? 4.87915   8.48262   4.86475   1.000 27.59318 ? 24  VAL A CG1 1 
ATOM   145 C CG2 . VAL A 1 18 ? 4.41360   6.44141   3.48038   1.000 30.91428 ? 24  VAL A CG2 1 
ATOM   146 N N   . CYS A 1 19 ? 4.96876   6.43829   8.02108   1.000 32.54110 ? 25  CYS A N   1 
ATOM   147 C CA  . CYS A 1 19 ? 5.12790   6.93709   9.38470   1.000 32.09918 ? 25  CYS A CA  1 
ATOM   148 C C   . CYS A 1 19 ? 6.43899   6.46272   9.98413   1.000 34.53562 ? 25  CYS A C   1 
ATOM   149 O O   . CYS A 1 19 ? 7.14651   7.23207   10.64767  1.000 34.67362 ? 25  CYS A O   1 
ATOM   150 C CB  . CYS A 1 19 ? 3.95858   6.48450   10.25720  1.000 36.21945 ? 25  CYS A CB  1 
ATOM   151 S SG  . CYS A 1 19 ? 2.38047   7.27011   9.87713   1.000 37.38030 ? 25  CYS A SG  1 
ATOM   152 N N   . SER A 1 20 ? 6.77882   5.19547   9.75503   1.000 29.92232 ? 26  SER A N   1 
ATOM   153 C CA  . SER A 1 20 ? 8.02165   4.65273   10.29187  1.000 37.24338 ? 26  SER A CA  1 
ATOM   154 C C   . SER A 1 20 ? 9.23664   5.36352   9.71062   1.000 40.02486 ? 26  SER A C   1 
ATOM   155 O O   . SER A 1 20 ? 10.18723  5.68225   10.43670  1.000 41.97636 ? 26  SER A O   1 
ATOM   156 C CB  . SER A 1 20 ? 8.09874   3.15329   10.00916  1.000 45.96497 ? 26  SER A CB  1 
ATOM   157 O OG  . SER A 1 20 ? 9.34928   2.63135   10.41686  1.000 62.17976 ? 26  SER A OG  1 
ATOM   158 N N   . GLN A 1 21 ? 9.23071   5.61677   8.40325   1.000 37.90990 ? 27  GLN A N   1 
ATOM   159 C CA  . GLN A 1 21 ? 10.41424  6.18118   7.77048   1.000 41.76964 ? 27  GLN A CA  1 
ATOM   160 C C   . GLN A 1 21 ? 10.53386  7.68361   7.95990   1.000 40.73882 ? 27  GLN A C   1 
ATOM   161 O O   . GLN A 1 21 ? 11.63973  8.21618   7.83111   1.000 43.32839 ? 27  GLN A O   1 
ATOM   162 C CB  . GLN A 1 21 ? 10.42603  5.85057   6.27663   1.000 48.39291 ? 27  GLN A CB  1 
ATOM   163 C CG  . GLN A 1 21 ? 10.69164  4.37697   5.98905   1.000 58.62745 ? 27  GLN A CG  1 
ATOM   164 C CD  . GLN A 1 21 ? 10.95942  4.10696   4.52519   1.000 66.43597 ? 27  GLN A CD  1 
ATOM   165 O OE1 . GLN A 1 21 ? 10.65802  4.93350   3.66112   1.000 71.73855 ? 27  GLN A OE1 1 
ATOM   166 N NE2 . GLN A 1 21 ? 11.54165  2.95015   4.23734   1.000 69.58518 ? 27  GLN A NE2 1 
ATOM   167 N N   . THR A 1 22 ? 9.43535   8.38633   8.25143   1.000 37.32017 ? 28  THR A N   1 
ATOM   168 C CA  . THR A 1 22 ? 9.49116   9.84068   8.34850   1.000 36.88279 ? 28  THR A CA  1 
ATOM   169 C C   . THR A 1 22 ? 9.23344   10.38788  9.74626   1.000 38.40570 ? 28  THR A C   1 
ATOM   170 O O   . THR A 1 22 ? 9.50738   11.56749  9.98840   1.000 37.41712 ? 28  THR A O   1 
ATOM   171 C CB  . THR A 1 22 ? 8.47857   10.48495  7.38723   1.000 38.57497 ? 28  THR A CB  1 
ATOM   172 O OG1 . THR A 1 22 ? 7.14941   10.25553  7.86312   1.000 36.72945 ? 28  THR A OG1 1 
ATOM   173 C CG2 . THR A 1 22 ? 8.60598   9.89369   5.98981   1.000 40.35211 ? 28  THR A CG2 1 
ATOM   174 N N   . GLY A 1 23 ? 8.71361   9.57863   10.66465  1.000 37.83521 ? 29  GLY A N   1 
ATOM   175 C CA  . GLY A 1 23 ? 8.29122   10.12288  11.94141  1.000 36.65319 ? 29  GLY A CA  1 
ATOM   176 C C   . GLY A 1 23 ? 7.02804   10.95503  11.90179  1.000 35.75268 ? 29  GLY A C   1 
ATOM   177 O O   . GLY A 1 23 ? 6.66817   11.54925  12.91906  1.000 34.89367 ? 29  GLY A O   1 
ATOM   178 N N   . CYS A 1 24 ? 6.34082   11.01886  10.76375  1.000 36.21210 ? 30  CYS A N   1 
ATOM   179 C CA  . CYS A 1 24 ? 5.14005   11.83015  10.62702  1.000 35.38887 ? 30  CYS A CA  1 
ATOM   180 C C   . CYS A 1 24 ? 3.92931   11.11328  11.23175  1.000 35.47941 ? 30  CYS A C   1 
ATOM   181 O O   . CYS A 1 24 ? 3.99894   9.95905   11.64900  1.000 32.64657 ? 30  CYS A O   1 
ATOM   182 C CB  . CYS A 1 24 ? 4.87766   12.15167  9.15507   1.000 32.33415 ? 30  CYS A CB  1 
ATOM   183 S SG  . CYS A 1 24 ? 4.34373   10.71708  8.18585   1.000 35.72545 ? 30  CYS A SG  1 
ATOM   184 N N   . SER A 1 25 ? 2.80344   11.82210  11.27062  1.000 35.61372 ? 31  SER A N   1 
ATOM   185 C CA  . SER A 1 25 ? 1.55545   11.26150  11.76128  1.000 39.07039 ? 31  SER A CA  1 
ATOM   186 C C   . SER A 1 25 ? 0.83761   10.50074  10.65286  1.000 37.63084 ? 31  SER A C   1 
ATOM   187 O O   . SER A 1 25 ? 1.14094   10.67377  9.46962   1.000 32.96077 ? 31  SER A O   1 
ATOM   188 C CB  . SER A 1 25 ? 0.65077   12.37185  12.28769  1.000 45.83801 ? 31  SER A CB  1 
ATOM   189 O OG  . SER A 1 25 ? 0.18915   13.18112  11.21765  1.000 42.33825 ? 31  SER A OG  1 
ATOM   190 N N   . PRO A 1 26 ? -0.12177  9.64060   11.01225  1.000 38.32335 ? 32  PRO A N   1 
ATOM   191 C CA  . PRO A 1 26 ? -0.89078  8.93769   9.96734   1.000 40.06817 ? 32  PRO A CA  1 
ATOM   192 C C   . PRO A 1 26 ? -1.62057  9.86872   9.00807   1.000 36.60533 ? 32  PRO A C   1 
ATOM   193 O O   . PRO A 1 26 ? -1.64821  9.59708   7.80076   1.000 36.53876 ? 32  PRO A O   1 
ATOM   194 C CB  . PRO A 1 26 ? -1.86023  8.06779   10.78088  1.000 38.78650 ? 32  PRO A CB  1 
ATOM   195 C CG  . PRO A 1 26 ? -1.11697  7.79419   12.05474  1.000 42.93165 ? 32  PRO A CG  1 
ATOM   196 C CD  . PRO A 1 26 ? -0.35546  9.07078   12.35212  1.000 37.92271 ? 32  PRO A CD  1 
ATOM   197 N N   . ASP A 1 27 ? -2.19844  10.96659  9.50438   1.000 34.62411 ? 33  ASP A N   1 
ATOM   198 C CA  . ASP A 1 27 ? -2.87505  11.91447  8.62119   1.000 41.15223 ? 33  ASP A CA  1 
ATOM   199 C C   . ASP A 1 27 ? -1.90674  12.49992  7.59855   1.000 39.77100 ? 33  ASP A C   1 
ATOM   200 O O   . ASP A 1 27 ? -2.23238  12.61031  6.40823   1.000 35.08433 ? 33  ASP A O   1 
ATOM   201 C CB  . ASP A 1 27 ? -3.52159  13.02462  9.44670   1.000 49.29336 ? 33  ASP A CB  1 
ATOM   202 C CG  . ASP A 1 27 ? -4.69590  12.53242  10.26240  1.000 66.44490 ? 33  ASP A CG  1 
ATOM   203 O OD1 . ASP A 1 27 ? -5.44796  13.37848  10.79196  1.000 72.71466 ? 33  ASP A OD1 1 
ATOM   204 O OD2 . ASP A 1 27 ? -4.87670  11.29980  10.36070  1.000 69.93861 ? 33  ASP A OD2 1 
ATOM   205 N N   . ALA A 1 28 ? -0.70523  12.87828  8.05306   1.000 31.93133 ? 34  ALA A N   1 
ATOM   206 C CA  . ALA A 1 28 ? 0.32824   13.37555  7.14999   1.000 32.96133 ? 34  ALA A CA  1 
ATOM   207 C C   . ALA A 1 28 ? 0.67454   12.34659  6.08023   1.000 34.63424 ? 34  ALA A C   1 
ATOM   208 O O   . ALA A 1 28 ? 0.78773   12.67966  4.88714   1.000 29.36383 ? 34  ALA A O   1 
ATOM   209 C CB  . ALA A 1 28 ? 1.57693   13.75631  7.94973   1.000 32.20538 ? 34  ALA A CB  1 
ATOM   210 N N   . ALA A 1 29 ? 0.86490   11.08541  6.49343   1.000 31.67986 ? 35  ALA A N   1 
ATOM   211 C CA  . ALA A 1 29 ? 1.21275   10.03996  5.53774   1.000 31.06094 ? 35  ALA A CA  1 
ATOM   212 C C   . ALA A 1 29 ? 0.10126   9.84084   4.51329   1.000 30.48507 ? 35  ALA A C   1 
ATOM   213 O O   . ALA A 1 29 ? 0.36951   9.67072   3.31569   1.000 32.23637 ? 35  ALA A O   1 
ATOM   214 C CB  . ALA A 1 29 ? 1.50928   8.73624   6.27765   1.000 33.99460 ? 35  ALA A CB  1 
ATOM   215 N N   . VAL A 1 30 ? -1.15496  9.86310   4.96560   1.000 30.49069 ? 36  VAL A N   1 
ATOM   216 C CA  . VAL A 1 30 ? -2.27416  9.74782   4.03466   1.000 32.22590 ? 36  VAL A CA  1 
ATOM   217 C C   . VAL A 1 30 ? -2.25419  10.89673  3.03335   1.000 33.48033 ? 36  VAL A C   1 
ATOM   218 O O   . VAL A 1 30 ? -2.49376  10.69358  1.83801   1.000 36.96003 ? 36  VAL A O   1 
ATOM   219 C CB  . VAL A 1 30 ? -3.61197  9.68366   4.78926   1.000 33.59217 ? 36  VAL A CB  1 
ATOM   220 C CG1 . VAL A 1 30 ? -4.76419  9.84211   3.80565   1.000 39.07162 ? 36  VAL A CG1 1 
ATOM   221 C CG2 . VAL A 1 30 ? -3.73323  8.36874   5.57921   1.000 37.08325 ? 36  VAL A CG2 1 
ATOM   222 N N   . GLU A 1 31 ? -1.95754  12.11790  3.49774   1.000 34.90843 ? 37  GLU A N   1 
ATOM   223 C CA  . GLU A 1 31 ? -1.86880  13.25526  2.57757   1.000 41.00388 ? 37  GLU A CA  1 
ATOM   224 C C   . GLU A 1 31 ? -0.79445  13.03436  1.51154   1.000 36.33239 ? 37  GLU A C   1 
ATOM   225 O O   . GLU A 1 31 ? -1.01278  13.31989  0.32458   1.000 33.58400 ? 37  GLU A O   1 
ATOM   226 C CB  . GLU A 1 31 ? -1.58681  14.53867  3.36263   1.000 39.29950 ? 37  GLU A CB  1 
ATOM   227 C CG  . GLU A 1 31 ? -2.15325  15.80092  2.75767   1.000 53.07426 ? 37  GLU A CG  1 
ATOM   228 C CD  . GLU A 1 31 ? -1.88683  17.02865  3.62554   1.000 66.24067 ? 37  GLU A CD  1 
ATOM   229 O OE1 . GLU A 1 31 ? -0.70060  17.38360  3.82077   1.000 65.66587 ? 37  GLU A OE1 1 
ATOM   230 O OE2 . GLU A 1 31 ? -2.86380  17.63189  4.12014   1.000 69.05045 ? 37  GLU A OE2 1 
ATOM   231 N N   . ALA A 1 32 ? 0.37795   12.52976  1.91360   1.000 33.51771 ? 38  ALA A N   1 
ATOM   232 C CA  . ALA A 1 32 ? 1.44358   12.30917  0.93724   1.000 33.85246 ? 38  ALA A CA  1 
ATOM   233 C C   . ALA A 1 32 ? 1.06471   11.22303  -0.07087  1.000 31.98298 ? 38  ALA A C   1 
ATOM   234 O O   . ALA A 1 32 ? 1.30882   11.36463  -1.28454  1.000 34.16423 ? 38  ALA A O   1 
ATOM   235 C CB  . ALA A 1 32 ? 2.74362   11.94842  1.65512   1.000 31.28125 ? 38  ALA A CB  1 
ATOM   236 N N   . LEU A 1 33 ? 0.46002   10.13435  0.40869   1.000 30.92316 ? 39  LEU A N   1 
ATOM   237 C CA  . LEU A 1 33 ? 0.02797   9.08532   -0.50730  1.000 31.99655 ? 39  LEU A CA  1 
ATOM   238 C C   . LEU A 1 33 ? -1.03110  9.60318   -1.47155  1.000 31.39774 ? 39  LEU A C   1 
ATOM   239 O O   . LEU A 1 33 ? -1.02095  9.25935   -2.66098  1.000 28.47761 ? 39  LEU A O   1 
ATOM   240 C CB  . LEU A 1 33 ? -0.49470  7.88266   0.27937   1.000 26.82608 ? 39  LEU A CB  1 
ATOM   241 C CG  . LEU A 1 33 ? 0.59450   7.10634   1.03942   1.000 30.17443 ? 39  LEU A CG  1 
ATOM   242 C CD1 . LEU A 1 33 ? -0.02609  6.08603   1.97382   1.000 28.92386 ? 39  LEU A CD1 1 
ATOM   243 C CD2 . LEU A 1 33 ? 1.55443   6.41793   0.08270   1.000 36.95917 ? 39  LEU A CD2 1 
ATOM   244 N N   . GLU A 1 34 ? -1.95613  10.42735  -0.97490  1.000 27.54568 ? 40  GLU A N   1 
ATOM   245 C CA  . GLU A 1 34 ? -2.96416  11.02426  -1.84487  1.000 32.82267 ? 40  GLU A CA  1 
ATOM   246 C C   . GLU A 1 34 ? -2.32459  11.91395  -2.90647  1.000 34.16124 ? 40  GLU A C   1 
ATOM   247 O O   . GLU A 1 34 ? -2.81452  11.97867  -4.04357  1.000 30.73702 ? 40  GLU A O   1 
ATOM   248 C CB  . GLU A 1 34 ? -3.96837  11.81174  -1.00191  1.000 33.20932 ? 40  GLU A CB  1 
ATOM   249 C CG  . GLU A 1 34 ? -5.01086  12.58524  -1.79332  1.000 41.50842 ? 40  GLU A CG  1 
ATOM   250 C CD  . GLU A 1 34 ? -5.99882  11.68772  -2.51153  1.000 48.74074 ? 40  GLU A CD  1 
ATOM   251 O OE1 . GLU A 1 34 ? -6.77736  12.21190  -3.33674  1.000 50.99584 ? 40  GLU A OE1 1 
ATOM   252 O OE2 . GLU A 1 34 ? -6.00508  10.46430  -2.24958  1.000 51.51259 ? 40  GLU A OE2 1 
ATOM   253 N N   . SER A 1 35 ? -1.22258  12.59428  -2.56433  1.000 36.63581 ? 41  SER A N   1 
ATOM   254 C CA  . SER A 1 35 ? -0.50103  13.37450  -3.56780  1.000 37.81124 ? 41  SER A CA  1 
ATOM   255 C C   . SER A 1 35 ? 0.05212   12.47819  -4.67354  1.000 25.77066 ? 41  SER A C   1 
ATOM   256 O O   . SER A 1 35 ? -0.01293  12.82435  -5.86978  1.000 27.51871 ? 41  SER A O   1 
ATOM   257 C CB  . SER A 1 35 ? 0.62597   14.16149  -2.89882  1.000 41.17146 ? 41  SER A CB  1 
ATOM   258 O OG  . SER A 1 35 ? 1.20043   15.08143  -3.80054  1.000 47.33280 ? 41  SER A OG  1 
ATOM   259 N N   . PHE A 1 36 ? 0.59436   11.31177  -4.29259  1.000 27.32709 ? 42  PHE A N   1 
ATOM   260 C CA  . PHE A 1 36 ? 1.03546   10.35919  -5.31096  1.000 31.34038 ? 42  PHE A CA  1 
ATOM   261 C C   . PHE A 1 36 ? -0.12988  9.86305   -6.16497  1.000 34.13806 ? 42  PHE A C   1 
ATOM   262 O O   . PHE A 1 36 ? 0.01682   9.66861   -7.37980  1.000 34.13393 ? 42  PHE A O   1 
ATOM   263 C CB  . PHE A 1 36 ? 1.73753   9.17627   -4.66176  1.000 29.50133 ? 42  PHE A CB  1 
ATOM   264 C CG  . PHE A 1 36 ? 3.10572   9.48679   -4.14377  1.000 33.29783 ? 42  PHE A CG  1 
ATOM   265 C CD1 . PHE A 1 36 ? 4.12901   9.83450   -5.01562  1.000 36.50049 ? 42  PHE A CD1 1 
ATOM   266 C CD2 . PHE A 1 36 ? 3.38162   9.39004   -2.78664  1.000 34.89856 ? 42  PHE A CD2 1 
ATOM   267 C CE1 . PHE A 1 36 ? 5.39690   10.10974  -4.53731  1.000 40.54969 ? 42  PHE A CE1 1 
ATOM   268 C CE2 . PHE A 1 36 ? 4.65139   9.65501   -2.30282  1.000 40.03239 ? 42  PHE A CE2 1 
ATOM   269 C CZ  . PHE A 1 36 ? 5.65713   10.01466  -3.18237  1.000 42.04880 ? 42  PHE A CZ  1 
ATOM   270 N N   . ALA A 1 37 ? -1.28691  9.61781   -5.54421  1.000 27.69771 ? 43  ALA A N   1 
ATOM   271 C CA  . ALA A 1 37 ? -2.44578  9.17019   -6.30925  1.000 29.41568 ? 43  ALA A CA  1 
ATOM   272 C C   . ALA A 1 37 ? -2.86345  10.21432  -7.33714  1.000 29.27761 ? 43  ALA A C   1 
ATOM   273 O O   . ALA A 1 37 ? -3.16265  9.88083   -8.49263  1.000 31.63785 ? 43  ALA A O   1 
ATOM   274 C CB  . ALA A 1 37 ? -3.60760  8.84967   -5.36732  1.000 28.33005 ? 43  ALA A CB  1 
ATOM   275 N N   . LYS A 1 38 ? -2.90017  11.48308  -6.93217  1.000 28.70349 ? 44  LYS A N   1 
ATOM   276 C CA  . LYS A 1 38 ? -3.26400  12.54037  -7.86714  1.000 30.73839 ? 44  LYS A CA  1 
ATOM   277 C C   . LYS A 1 38 ? -2.26049  12.62611  -9.01468  1.000 31.47826 ? 44  LYS A C   1 
ATOM   278 O O   . LYS A 1 38 ? -2.64346  12.87114  -10.16793 1.000 33.46457 ? 44  LYS A O   1 
ATOM   279 C CB  . LYS A 1 38 ? -3.37451  13.86352  -7.10839  1.000 31.03539 ? 44  LYS A CB  1 
ATOM   280 C CG  . LYS A 1 38 ? -3.36934  15.11761  -7.96985  1.000 40.79433 ? 44  LYS A CG  1 
ATOM   281 C CD  . LYS A 1 38 ? -3.46551  16.35844  -7.09403  1.000 45.85392 ? 44  LYS A CD  1 
ATOM   282 C CE  . LYS A 1 38 ? -2.45875  17.39714  -7.55332  1.000 52.51084 ? 44  LYS A CE  1 
ATOM   283 N NZ  . LYS A 1 38 ? -2.51147  17.59165  -9.03041  1.000 59.39513 ? 44  LYS A NZ  1 
ATOM   284 N N   . ASP A 1 39 ? -0.97171  12.37920  -8.73492  1.000 35.55259 ? 45  ASP A N   1 
ATOM   285 C CA  . ASP A 1 39 ? -0.01718  12.38272  -9.84380  1.000 37.61634 ? 45  ASP A CA  1 
ATOM   286 C C   . ASP A 1 39 ? -0.08353  11.11281  -10.69389 1.000 40.17507 ? 45  ASP A C   1 
ATOM   287 O O   . ASP A 1 39 ? 0.52287   11.06881  -11.76650 1.000 36.34245 ? 45  ASP A O   1 
ATOM   288 C CB  . ASP A 1 39 ? 1.40386   12.59540  -9.31456  1.000 49.69989 ? 45  ASP A CB  1 
ATOM   289 C CG  . ASP A 1 39 ? 2.32804   13.23870  -10.34432 1.000 75.75832 ? 45  ASP A CG  1 
ATOM   290 O OD1 . ASP A 1 39 ? 2.95152   14.26621  -10.00486 1.000 86.27770 ? 45  ASP A OD1 1 
ATOM   291 O OD2 . ASP A 1 39 ? 2.46640   12.72106  -11.47276 1.000 83.30966 ? 45  ASP A OD2 1 
ATOM   292 N N   . GLY A 1 40 ? -0.82238  10.09215  -10.26832 1.000 30.82812 ? 46  GLY A N   1 
ATOM   293 C CA  . GLY A 1 40 ? -0.91691  8.87226   -11.04568 1.000 31.84739 ? 46  GLY A CA  1 
ATOM   294 C C   . GLY A 1 40 ? 0.21821   7.89814   -10.82158 1.000 37.28402 ? 46  GLY A C   1 
ATOM   295 O O   . GLY A 1 40 ? 0.40971   6.98666   -11.63200 1.000 39.15204 ? 46  GLY A O   1 
ATOM   296 N N   . THR A 1 41 ? 0.98818   8.06744   -9.74698  1.000 33.67756 ? 47  THR A N   1 
ATOM   297 C CA  . THR A 1 41 ? 2.13304   7.21082   -9.46403  1.000 34.93387 ? 47  THR A CA  1 
ATOM   298 C C   . THR A 1 41 ? 1.92660   6.34289   -8.22652  1.000 37.12197 ? 47  THR A C   1 
ATOM   299 O O   . THR A 1 41 ? 2.89412   5.76080   -7.71761  1.000 41.00518 ? 47  THR A O   1 
ATOM   300 C CB  . THR A 1 41 ? 3.40142   8.05605   -9.31114  1.000 36.35924 ? 47  THR A CB  1 
ATOM   301 O OG1 . THR A 1 41 ? 3.27496   8.92464   -8.17805  1.000 41.13970 ? 47  THR A OG1 1 
ATOM   302 C CG2 . THR A 1 41 ? 3.63114   8.89594   -10.55847 1.000 42.51101 ? 47  THR A CG2 1 
ATOM   303 N N   . LEU A 1 42 ? 0.69640   6.23591   -7.72611  1.000 31.31670 ? 48  LEU A N   1 
ATOM   304 C CA  . LEU A 1 42 ? 0.37632   5.30260   -6.64707  1.000 27.59426 ? 48  LEU A CA  1 
ATOM   305 C C   . LEU A 1 42 ? -0.19790  4.05549   -7.29810  1.000 36.86746 ? 48  LEU A C   1 
ATOM   306 O O   . LEU A 1 42 ? -1.34708  4.05670   -7.75046  1.000 37.16234 ? 48  LEU A O   1 
ATOM   307 C CB  . LEU A 1 42 ? -0.60539  5.90450   -5.64385  1.000 29.17965 ? 48  LEU A CB  1 
ATOM   308 C CG  . LEU A 1 42 ? -0.90523  5.06063   -4.39720  1.000 34.73803 ? 48  LEU A CG  1 
ATOM   309 C CD1 . LEU A 1 42 ? 0.35172   4.85441   -3.56957  1.000 39.19541 ? 48  LEU A CD1 1 
ATOM   310 C CD2 . LEU A 1 42 ? -1.98767  5.71655   -3.56749  1.000 38.49606 ? 48  LEU A CD2 1 
ATOM   311 N N   . ILE A 1 43 ? 0.60829   3.00122   -7.35894  1.000 27.58557 ? 49  ILE A N   1 
ATOM   312 C CA  . ILE A 1 43 ? 0.30795   1.82843   -8.16381  1.000 32.26840 ? 49  ILE A CA  1 
ATOM   313 C C   . ILE A 1 43 ? 0.18937   0.65132   -7.21604  1.000 32.82422 ? 49  ILE A C   1 
ATOM   314 O O   . ILE A 1 43 ? 1.11695   0.37944   -6.44350  1.000 31.65234 ? 49  ILE A O   1 
ATOM   315 C CB  . ILE A 1 43 ? 1.39247   1.56396   -9.22125  1.000 34.12862 ? 49  ILE A CB  1 
ATOM   316 C CG1 . ILE A 1 43 ? 1.58604   2.78064   -10.13351 1.000 39.93380 ? 49  ILE A CG1 1 
ATOM   317 C CG2 . ILE A 1 43 ? 1.05779   0.30760   -10.01834 1.000 34.41146 ? 49  ILE A CG2 1 
ATOM   318 C CD1 . ILE A 1 43 ? 0.36224   3.16711   -10.90334 1.000 45.54912 ? 49  ILE A CD1 1 
ATOM   319 N N   . LEU A 1 44 ? -0.95136  -0.02707  -7.25626  1.000 31.21862 ? 50  LEU A N   1 
ATOM   320 C CA  . LEU A 1 44 ? -1.13956  -1.29096  -6.55874  1.000 33.54412 ? 50  LEU A CA  1 
ATOM   321 C C   . LEU A 1 44 ? -1.14344  -2.39826  -7.59928  1.000 40.09493 ? 50  LEU A C   1 
ATOM   322 O O   . LEU A 1 44 ? -1.87592  -2.31431  -8.59211  1.000 39.96485 ? 50  LEU A O   1 
ATOM   323 C CB  . LEU A 1 44 ? -2.44064  -1.28759  -5.75361  1.000 37.86137 ? 50  LEU A CB  1 
ATOM   324 C CG  . LEU A 1 44 ? -2.25933  -0.86625  -4.29780  1.000 50.73371 ? 50  LEU A CG  1 
ATOM   325 C CD1 . LEU A 1 44 ? -3.59034  -0.50937  -3.64883  1.000 52.50322 ? 50  LEU A CD1 1 
ATOM   326 C CD2 . LEU A 1 44 ? -1.59476  -2.00111  -3.54996  1.000 58.08994 ? 50  LEU A CD2 1 
ATOM   327 N N   . ARG A 1 45 ? -0.31065  -3.41647  -7.39584  1.000 29.74938 ? 51  ARG A N   1 
ATOM   328 C CA  A ARG A 1 45 ? -0.23679  -4.50423  -8.36163  0.587 33.24027 ? 51  ARG A CA  1 
ATOM   329 C CA  B ARG A 1 45 ? -0.18702  -4.49579  -8.36805  0.413 33.32992 ? 51  ARG A CA  1 
ATOM   330 C C   . ARG A 1 45 ? 0.08526   -5.79882  -7.63084  1.000 36.56809 ? 51  ARG A C   1 
ATOM   331 O O   . ARG A 1 45 ? 0.42770   -5.80776  -6.44827  1.000 30.74731 ? 51  ARG A O   1 
ATOM   332 C CB  A ARG A 1 45 ? 0.79598   -4.21343  -9.45546  0.587 33.71914 ? 51  ARG A CB  1 
ATOM   333 C CB  B ARG A 1 45 ? 0.92112   -4.19954  -9.38343  0.413 34.30660 ? 51  ARG A CB  1 
ATOM   334 C CG  A ARG A 1 45 ? 2.18598   -3.90560  -8.92601  0.587 36.71960 ? 51  ARG A CG  1 
ATOM   335 C CG  B ARG A 1 45 ? 2.25241   -3.82949  -8.74283  0.413 36.50004 ? 51  ARG A CG  1 
ATOM   336 C CD  A ARG A 1 45 ? 3.18771   -3.68443  -10.05494 0.587 40.79279 ? 51  ARG A CD  1 
ATOM   337 C CD  B ARG A 1 45 ? 3.22525   -3.22312  -9.75441  0.413 39.98755 ? 51  ARG A CD  1 
ATOM   338 N NE  A ARG A 1 45 ? 4.55799   -3.89484  -9.59287  0.587 44.37936 ? 51  ARG A NE  1 
ATOM   339 N NE  B ARG A 1 45 ? 4.54892   -3.84329  -9.70286  0.413 43.99119 ? 51  ARG A NE  1 
ATOM   340 C CZ  A ARG A 1 45 ? 5.11295   -5.09483  -9.43463  0.587 46.34252 ? 51  ARG A CZ  1 
ATOM   341 C CZ  B ARG A 1 45 ? 5.43513   -3.64177  -8.73256  0.413 46.11271 ? 51  ARG A CZ  1 
ATOM   342 N NH1 A ARG A 1 45 ? 4.41752   -6.19440  -9.70141  0.587 44.33349 ? 51  ARG A NH1 1 
ATOM   343 N NH1 B ARG A 1 45 ? 5.14338   -2.83925  -7.72722  0.413 47.85020 ? 51  ARG A NH1 1 
ATOM   344 N NH2 A ARG A 1 45 ? 6.36186   -5.19834  -9.00384  0.587 48.36552 ? 51  ARG A NH2 1 
ATOM   345 N NH2 B ARG A 1 45 ? 6.61604   -4.23888  -8.76367  0.413 47.85586 ? 51  ARG A NH2 1 
ATOM   346 N N   . GLY A 1 46 ? -0.05558  -6.90317  -8.33983  1.000 38.35049 ? 52  GLY A N   1 
ATOM   347 C CA  . GLY A 1 46 ? 0.18663   -8.20141  -7.73739  1.000 38.79867 ? 52  GLY A CA  1 
ATOM   348 C C   . GLY A 1 46 ? 0.67153   -9.19403  -8.76329  1.000 34.65710 ? 52  GLY A C   1 
ATOM   349 O O   . GLY A 1 46 ? 0.44098   -9.03874  -9.96748  1.000 36.94818 ? 52  GLY A O   1 
ATOM   350 N N   . ASP A 1 47 ? 1.38071   -10.20058 -8.28880  1.000 29.54813 ? 53  ASP A N   1 
ATOM   351 C CA  . ASP A 1 47 ? 1.63563   -11.39549 -9.07562  1.000 32.36769 ? 53  ASP A CA  1 
ATOM   352 C C   . ASP A 1 47 ? 1.15557   -12.58266 -8.24313  1.000 33.99582 ? 53  ASP A C   1 
ATOM   353 O O   . ASP A 1 47 ? 0.53432   -12.40411 -7.18752  1.000 34.50086 ? 53  ASP A O   1 
ATOM   354 C CB  . ASP A 1 47 ? 3.11179   -11.48659 -9.48911  1.000 33.93112 ? 53  ASP A CB  1 
ATOM   355 C CG  . ASP A 1 47 ? 4.06769   -11.41868 -8.30942  1.000 38.12885 ? 53  ASP A CG  1 
ATOM   356 O OD1 . ASP A 1 47 ? 3.88072   -12.17360 -7.32551  1.000 34.85461 ? 53  ASP A OD1 1 
ATOM   357 O OD2 . ASP A 1 47 ? 5.02213   -10.61275 -8.37747  1.000 39.03840 ? 53  ASP A OD2 1 
ATOM   358 N N   . THR A 1 48 ? 1.43507   -13.80125 -8.71645  1.000 31.49887 ? 54  THR A N   1 
ATOM   359 C CA  . THR A 1 48 ? 0.91121   -14.97180 -8.00934  1.000 32.98089 ? 54  THR A CA  1 
ATOM   360 C C   . THR A 1 48 ? 1.54674   -15.16960 -6.64431  1.000 38.31865 ? 54  THR A C   1 
ATOM   361 O O   . THR A 1 48 ? 1.01517   -15.93853 -5.84002  1.000 39.99992 ? 54  THR A O   1 
ATOM   362 C CB  . THR A 1 48 ? 1.09653   -16.23601 -8.83924  1.000 37.71674 ? 54  THR A CB  1 
ATOM   363 O OG1 . THR A 1 48 ? 2.48569   -16.41083 -9.14459  1.000 41.09316 ? 54  THR A OG1 1 
ATOM   364 C CG2 . THR A 1 48 ? 0.30349   -16.12720 -10.12723 1.000 44.12697 ? 54  THR A CG2 1 
ATOM   365 N N   . GLU A 1 49 ? 2.65355   -14.49634 -6.35921  1.000 34.33643 ? 55  GLU A N   1 
ATOM   366 C CA  . GLU A 1 49 ? 3.32443   -14.61755 -5.07441  1.000 36.01213 ? 55  GLU A CA  1 
ATOM   367 C C   . GLU A 1 49 ? 3.10203   -13.42341 -4.15505  1.000 38.25427 ? 55  GLU A C   1 
ATOM   368 O O   . GLU A 1 49 ? 2.86342   -13.61711 -2.95865  1.000 32.99319 ? 55  GLU A O   1 
ATOM   369 C CB  . GLU A 1 49 ? 4.83344   -14.81318 -5.28193  1.000 42.66574 ? 55  GLU A CB  1 
ATOM   370 C CG  . GLU A 1 49 ? 5.30094   -16.26929 -5.30155  1.000 60.03015 ? 55  GLU A CG  1 
ATOM   371 C CD  . GLU A 1 49 ? 5.28931   -16.87575 -6.69691  1.000 73.18455 ? 55  GLU A CD  1 
ATOM   372 O OE1 . GLU A 1 49 ? 5.48147   -18.09870 -6.79854  1.000 76.06477 ? 55  GLU A OE1 1 
ATOM   373 O OE2 . GLU A 1 49 ? 5.09025   -16.13028 -7.67764  1.000 74.96196 ? 55  GLU A OE2 1 
ATOM   374 N N   . ASN A 1 50 ? 3.15328   -12.19127 -4.66953  1.000 28.55481 ? 56  ASN A N   1 
ATOM   375 C CA  . ASN A 1 50 ? 3.18174   -11.02287 -3.80458  1.000 24.61414 ? 56  ASN A CA  1 
ATOM   376 C C   . ASN A 1 50 ? 2.26806   -9.93139  -4.34383  1.000 29.28781 ? 56  ASN A C   1 
ATOM   377 O O   . ASN A 1 50 ? 1.94525   -9.88400  -5.53302  1.000 31.89653 ? 56  ASN A O   1 
ATOM   378 C CB  . ASN A 1 50 ? 4.60515   -10.46488 -3.67846  1.000 36.74682 ? 56  ASN A CB  1 
ATOM   379 C CG  . ASN A 1 50 ? 5.62547   -11.54219 -3.39744  1.000 44.75584 ? 56  ASN A CG  1 
ATOM   380 O OD1 . ASN A 1 50 ? 6.20846   -12.10972 -4.32368  1.000 56.38518 ? 56  ASN A OD1 1 
ATOM   381 N ND2 . ASN A 1 50 ? 5.82864   -11.85232 -2.12533  1.000 42.72174 ? 56  ASN A ND2 1 
ATOM   382 N N   . ALA A 1 51 ? 1.88221   -9.03325  -3.44343  1.000 25.84961 ? 57  ALA A N   1 
ATOM   383 C CA  . ALA A 1 51 ? 1.26744   -7.75669  -3.77247  1.000 28.04371 ? 57  ALA A CA  1 
ATOM   384 C C   . ALA A 1 51 ? 2.26339   -6.64570  -3.46391  1.000 28.33385 ? 57  ALA A C   1 
ATOM   385 O O   . ALA A 1 51 ? 3.09651   -6.77648  -2.56031  1.000 29.06368 ? 57  ALA A O   1 
ATOM   386 C CB  . ALA A 1 51 ? -0.02445  -7.54774  -2.97687  1.000 26.52842 ? 57  ALA A CB  1 
ATOM   387 N N   . TYR A 1 52 ? 2.17953   -5.55019  -4.22633  1.000 25.84276 ? 58  TYR A N   1 
ATOM   388 C CA  . TYR A 1 52 ? 3.08181   -4.42174  -4.07793  1.000 24.76653 ? 58  TYR A CA  1 
ATOM   389 C C   . TYR A 1 52 ? 2.30362   -3.12032  -4.14780  1.000 31.84913 ? 58  TYR A C   1 
ATOM   390 O O   . TYR A 1 52 ? 1.35818   -2.98706  -4.93775  1.000 30.56961 ? 58  TYR A O   1 
ATOM   391 C CB  . TYR A 1 52 ? 4.15595   -4.39425  -5.16946  1.000 31.16352 ? 58  TYR A CB  1 
ATOM   392 C CG  . TYR A 1 52 ? 4.74765   -5.73903  -5.50806  1.000 33.36777 ? 58  TYR A CG  1 
ATOM   393 C CD1 . TYR A 1 52 ? 4.07713   -6.61391  -6.35495  1.000 40.01688 ? 58  TYR A CD1 1 
ATOM   394 C CD2 . TYR A 1 52 ? 5.98168   -6.12551  -5.00725  1.000 31.91966 ? 58  TYR A CD2 1 
ATOM   395 C CE1 . TYR A 1 52 ? 4.60230   -7.83405  -6.67511  1.000 37.77349 ? 58  TYR A CE1 1 
ATOM   396 C CE2 . TYR A 1 52 ? 6.52418   -7.35180  -5.33089  1.000 34.32653 ? 58  TYR A CE2 1 
ATOM   397 C CZ  . TYR A 1 52 ? 5.82544   -8.20349  -6.16731  1.000 40.38493 ? 58  TYR A CZ  1 
ATOM   398 O OH  . TYR A 1 52 ? 6.34396   -9.44005  -6.50562  1.000 41.89969 ? 58  TYR A OH  1 
ATOM   399 N N   . LEU A 1 53 ? 2.72043   -2.16736  -3.31693  1.000 27.54071 ? 59  LEU A N   1 
ATOM   400 C CA  . LEU A 1 53 ? 2.25588   -0.78785  -3.38296  1.000 30.12028 ? 59  LEU A CA  1 
ATOM   401 C C   . LEU A 1 53 ? 3.48046   0.07346   -3.64251  1.000 30.05083 ? 59  LEU A C   1 
ATOM   402 O O   . LEU A 1 53 ? 4.42340   0.09028   -2.82612  1.000 25.88677 ? 59  LEU A O   1 
ATOM   403 C CB  . LEU A 1 53 ? 1.53105   -0.35717  -2.10043  1.000 28.25524 ? 59  LEU A CB  1 
ATOM   404 C CG  . LEU A 1 53 ? 0.87846   1.03873   -2.09905  1.000 32.78018 ? 59  LEU A CG  1 
ATOM   405 C CD1 . LEU A 1 53 ? -0.31238  1.06869   -1.15007  1.000 27.85024 ? 59  LEU A CD1 1 
ATOM   406 C CD2 . LEU A 1 53 ? 1.87719   2.11903   -1.70724  1.000 28.10106 ? 59  LEU A CD2 1 
ATOM   407 N N   . GLU A 1 54 ? 3.46122   0.74823   -4.79458  1.000 27.84142 ? 60  GLU A N   1 
ATOM   408 C CA  . GLU A 1 54 ? 4.51009   1.64336   -5.26624  1.000 31.27402 ? 60  GLU A CA  1 
ATOM   409 C C   . GLU A 1 54 ? 4.03870   3.08581   -5.20967  1.000 35.10111 ? 60  GLU A C   1 
ATOM   410 O O   . GLU A 1 54 ? 2.89638   3.38891   -5.57608  1.000 35.01367 ? 60  GLU A O   1 
ATOM   411 C CB  . GLU A 1 54 ? 4.89237   1.37929   -6.71901  1.000 37.92629 ? 60  GLU A CB  1 
ATOM   412 C CG  . GLU A 1 54 ? 5.48154   0.07608   -7.08569  1.000 55.22994 ? 60  GLU A CG  1 
ATOM   413 C CD  . GLU A 1 54 ? 5.89113   0.08014   -8.55322  1.000 70.73879 ? 60  GLU A CD  1 
ATOM   414 O OE1 . GLU A 1 54 ? 5.76502   1.14938   -9.19834  1.000 70.24533 ? 60  GLU A OE1 1 
ATOM   415 O OE2 . GLU A 1 54 ? 6.33570   -0.96917  -9.06035  1.000 78.06072 ? 60  GLU A OE2 1 
ATOM   416 N N   . ALA A 1 55 ? 4.94403   3.97589   -4.80880  1.000 30.41814 ? 61  ALA A N   1 
ATOM   417 C CA  . ALA A 1 55 ? 4.69831   5.41203   -4.80969  1.000 33.50752 ? 61  ALA A CA  1 
ATOM   418 C C   . ALA A 1 55 ? 5.86424   6.07554   -5.52269  1.000 36.37322 ? 61  ALA A C   1 
ATOM   419 O O   . ALA A 1 55 ? 7.01530   5.91955   -5.10427  1.000 35.25226 ? 61  ALA A O   1 
ATOM   420 C CB  . ALA A 1 55 ? 4.54800   5.95451   -3.38499  1.000 34.75725 ? 61  ALA A CB  1 
ATOM   421 N N   . GLY A 1 56 ? 5.57444   6.79093   -6.60362  1.000 39.13898 ? 62  GLY A N   1 
ATOM   422 C CA  . GLY A 1 56 ? 6.63830   7.46960   -7.33113  1.000 40.52308 ? 62  GLY A CA  1 
ATOM   423 C C   . GLY A 1 56 ? 7.73274   6.54138   -7.81084  1.000 42.51972 ? 62  GLY A C   1 
ATOM   424 O O   . GLY A 1 56 ? 8.91889   6.88074   -7.71060  1.000 47.41663 ? 62  GLY A O   1 
ATOM   425 N N   . GLY A 1 57 ? 7.36335   5.35316   -8.29348  1.000 44.38868 ? 63  GLY A N   1 
ATOM   426 C CA  . GLY A 1 57 ? 8.31401   4.40368   -8.83685  1.000 46.50830 ? 63  GLY A CA  1 
ATOM   427 C C   . GLY A 1 57 ? 9.06992   3.57407   -7.82259  1.000 48.54506 ? 63  GLY A C   1 
ATOM   428 O O   . GLY A 1 57 ? 9.88055   2.72999   -8.22476  1.000 55.84168 ? 63  GLY A O   1 
ATOM   429 N N   . ASN A 1 58 ? 8.84262   3.78043   -6.52772  1.000 38.64744 ? 64  ASN A N   1 
ATOM   430 C CA  . ASN A 1 58 ? 9.49918   3.01163   -5.48010  1.000 40.38065 ? 64  ASN A CA  1 
ATOM   431 C C   . ASN A 1 58 ? 8.48610   2.15094   -4.74532  1.000 37.92868 ? 64  ASN A C   1 
ATOM   432 O O   . ASN A 1 58 ? 7.38388   2.60974   -4.42948  1.000 35.99285 ? 64  ASN A O   1 
ATOM   433 C CB  . ASN A 1 58 ? 10.21125  3.92105   -4.48238  1.000 45.44200 ? 64  ASN A CB  1 
ATOM   434 C CG  . ASN A 1 58 ? 10.96886  5.03466   -5.16128  1.000 58.41641 ? 64  ASN A CG  1 
ATOM   435 O OD1 . ASN A 1 58 ? 11.71309  4.79144   -6.10792  1.000 63.69782 ? 64  ASN A OD1 1 
ATOM   436 N ND2 . ASN A 1 58 ? 10.78431  6.26360   -4.68866  1.000 59.58530 ? 64  ASN A ND2 1 
ATOM   437 N N   . VAL A 1 59 ? 8.87315   0.90621   -4.46751  1.000 37.81841 ? 65  VAL A N   1 
ATOM   438 C CA  . VAL A 1 59 ? 7.99900   -0.00598  -3.73740  1.000 33.27965 ? 65  VAL A CA  1 
ATOM   439 C C   . VAL A 1 59 ? 7.99096   0.38104   -2.26823  1.000 35.53784 ? 65  VAL A C   1 
ATOM   440 O O   . VAL A 1 59 ? 9.02043   0.30217   -1.58379  1.000 37.89025 ? 65  VAL A O   1 
ATOM   441 C CB  . VAL A 1 59 ? 8.44160   -1.46157  -3.91666  1.000 36.31138 ? 65  VAL A CB  1 
ATOM   442 C CG1 . VAL A 1 59 ? 7.54894   -2.37097  -3.05775  1.000 29.68027 ? 65  VAL A CG1 1 
ATOM   443 C CG2 . VAL A 1 59 ? 8.38323   -1.86300  -5.38163  1.000 39.77015 ? 65  VAL A CG2 1 
ATOM   444 N N   . LEU A 1 60 ? 6.82892   0.80017   -1.77067  1.000 28.19635 ? 66  LEU A N   1 
ATOM   445 C CA  . LEU A 1 60 ? 6.66774   1.07275   -0.35293  1.000 27.72114 ? 66  LEU A CA  1 
ATOM   446 C C   . LEU A 1 60 ? 6.31418   -0.18598  0.42574   1.000 33.56124 ? 66  LEU A C   1 
ATOM   447 O O   . LEU A 1 60 ? 6.77555   -0.35535  1.56020   1.000 33.75413 ? 66  LEU A O   1 
ATOM   448 C CB  . LEU A 1 60 ? 5.57746   2.12066   -0.12801  1.000 30.98124 ? 66  LEU A CB  1 
ATOM   449 C CG  . LEU A 1 60 ? 5.91412   3.59726   -0.33831  1.000 38.30276 ? 66  LEU A CG  1 
ATOM   450 C CD1 . LEU A 1 60 ? 4.69483   4.44340   -0.04310  1.000 35.94621 ? 66  LEU A CD1 1 
ATOM   451 C CD2 . LEU A 1 60 ? 7.07569   4.03227   0.52624   1.000 42.23884 ? 66  LEU A CD2 1 
ATOM   452 N N   . VAL A 1 61 ? 5.49070   -1.06590  -0.15563  1.000 33.05546 ? 67  VAL A N   1 
ATOM   453 C CA  . VAL A 1 61 ? 4.98244   -2.23590  0.56079   1.000 28.56170 ? 67  VAL A CA  1 
ATOM   454 C C   . VAL A 1 61 ? 5.03988   -3.44489  -0.35559  1.000 28.50853 ? 67  VAL A C   1 
ATOM   455 O O   . VAL A 1 61 ? 4.64734   -3.36679  -1.52206  1.000 29.43138 ? 67  VAL A O   1 
ATOM   456 C CB  . VAL A 1 61 ? 3.52598   -2.03922  1.04281   1.000 30.44988 ? 67  VAL A CB  1 
ATOM   457 C CG1 . VAL A 1 61 ? 3.01332   -3.28821  1.79230   1.000 35.77574 ? 67  VAL A CG1 1 
ATOM   458 C CG2 . VAL A 1 61 ? 3.38926   -0.79952  1.90075   1.000 36.14406 ? 67  VAL A CG2 1 
ATOM   459 N N   . HIS A 1 62 ? 5.49924   -4.57586  0.17075   1.000 29.04955 ? 68  HIS A N   1 
ATOM   460 C CA  . HIS A 1 62 ? 5.20846   -5.84086  -0.48713  1.000 31.26508 ? 68  HIS A CA  1 
ATOM   461 C C   . HIS A 1 62 ? 4.70956   -6.82879  0.55597   1.000 30.94063 ? 68  HIS A C   1 
ATOM   462 O O   . HIS A 1 62 ? 5.19294   -6.85105  1.69260   1.000 33.05481 ? 68  HIS A O   1 
ATOM   463 C CB  . HIS A 1 62 ? 6.40818   -6.39833  -1.26784  1.000 36.59485 ? 68  HIS A CB  1 
ATOM   464 C CG  . HIS A 1 62 ? 7.59844   -6.72584  -0.42948  1.000 48.13413 ? 68  HIS A CG  1 
ATOM   465 N ND1 . HIS A 1 62 ? 7.75932   -7.95000  0.18342   1.000 55.48803 ? 68  HIS A ND1 1 
ATOM   466 C CD2 . HIS A 1 62 ? 8.70777   -6.00657  -0.13445  1.000 58.81765 ? 68  HIS A CD2 1 
ATOM   467 C CE1 . HIS A 1 62 ? 8.90645   -7.96281  0.83906   1.000 65.35851 ? 68  HIS A CE1 1 
ATOM   468 N NE2 . HIS A 1 62 ? 9.50226   -6.79575  0.66171   1.000 67.53168 ? 68  HIS A NE2 1 
ATOM   469 N N   . ALA A 1 63 ? 3.69181   -7.59362  0.18341   1.000 24.11525 ? 69  ALA A N   1 
ATOM   470 C CA  . ALA A 1 63 ? 3.06251   -8.52852  1.10576   1.000 27.26888 ? 69  ALA A CA  1 
ATOM   471 C C   . ALA A 1 63 ? 2.78787   -9.83753  0.38211   1.000 30.56177 ? 69  ALA A C   1 
ATOM   472 O O   . ALA A 1 63 ? 2.34742   -9.83429  -0.76661  1.000 25.52408 ? 69  ALA A O   1 
ATOM   473 C CB  . ALA A 1 63 ? 1.75525   -7.96172  1.67216   1.000 27.87019 ? 69  ALA A CB  1 
ATOM   474 N N   . ASP A 1 64 ? 3.04994   -10.95008 1.05743   1.000 27.64939 ? 70  ASP A N   1 
ATOM   475 C CA  . ASP A 1 64 ? 2.67665   -12.24816 0.52071   1.000 24.95348 ? 70  ASP A CA  1 
ATOM   476 C C   . ASP A 1 64 ? 1.18508   -12.27744 0.20491   1.000 27.21555 ? 70  ASP A C   1 
ATOM   477 O O   . ASP A 1 64 ? 0.37007   -11.77922 0.97978   1.000 29.55720 ? 70  ASP A O   1 
ATOM   478 C CB  . ASP A 1 64 ? 3.01519   -13.32662 1.54559   1.000 27.59101 ? 70  ASP A CB  1 
ATOM   479 C CG  . ASP A 1 64 ? 2.53157   -14.68165 1.13041   1.000 31.17504 ? 70  ASP A CG  1 
ATOM   480 O OD1 . ASP A 1 64 ? 1.52362   -15.12404 1.69301   1.000 32.65250 ? 70  ASP A OD1 1 
ATOM   481 O OD2 . ASP A 1 64 ? 3.17547   -15.28844 0.25561   1.000 35.79383 ? 70  ASP A OD2 1 
ATOM   482 N N   . ARG A 1 65 ? 0.82219   -12.85911 -0.94670  1.000 26.70757 ? 71  ARG A N   1 
ATOM   483 C CA  . ARG A 1 65 ? -0.57981  -12.81604 -1.37977  1.000 26.72344 ? 71  ARG A CA  1 
ATOM   484 C C   . ARG A 1 65 ? -1.48572  -13.66445 -0.48875  1.000 33.06616 ? 71  ARG A C   1 
ATOM   485 O O   . ARG A 1 65 ? -2.63728  -13.29048 -0.24393  1.000 34.15249 ? 71  ARG A O   1 
ATOM   486 C CB  . ARG A 1 65 ? -0.71556  -13.27535 -2.83725  1.000 34.98630 ? 71  ARG A CB  1 
ATOM   487 C CG  . ARG A 1 65 ? -0.18247  -12.29230 -3.88041  1.000 39.38409 ? 71  ARG A CG  1 
ATOM   488 C CD  . ARG A 1 65 ? -1.11124  -11.10652 -4.13003  1.000 29.27482 ? 71  ARG A CD  1 
ATOM   489 N NE  . ARG A 1 65 ? -2.46388  -11.48872 -4.53171  1.000 36.01085 ? 71  ARG A NE  1 
ATOM   490 C CZ  . ARG A 1 65 ? -2.91485  -11.47251 -5.78397  1.000 40.96476 ? 71  ARG A CZ  1 
ATOM   491 N NH1 . ARG A 1 65 ? -2.11353  -11.12056 -6.78239  1.000 39.09355 ? 71  ARG A NH1 1 
ATOM   492 N NH2 . ARG A 1 65 ? -4.16581  -11.82691 -6.04368  1.000 47.33673 ? 71  ARG A NH2 1 
ATOM   493 N N   . ASP A 1 66 ? -1.01609  -14.83212 -0.03855  1.000 29.25759 ? 72  ASP A N   1 
ATOM   494 C CA  . ASP A 1 66 ? -1.81487  -15.63903 0.88767   1.000 28.48546 ? 72  ASP A CA  1 
ATOM   495 C C   . ASP A 1 66 ? -2.01677  -14.91399 2.21238   1.000 31.24280 ? 72  ASP A C   1 
ATOM   496 O O   . ASP A 1 66 ? -3.12682  -14.89164 2.75917   1.000 29.24468 ? 72  ASP A O   1 
ATOM   497 C CB  . ASP A 1 66 ? -1.15751  -17.00068 1.12359   1.000 31.87126 ? 72  ASP A CB  1 
ATOM   498 C CG  . ASP A 1 66 ? -1.20818  -17.89217 -0.10188  1.000 47.53701 ? 72  ASP A CG  1 
ATOM   499 O OD1 . ASP A 1 66 ? -0.27620  -18.69981 -0.29138  1.000 51.81770 ? 72  ASP A OD1 1 
ATOM   500 O OD2 . ASP A 1 66 ? -2.18195  -17.77963 -0.87768  1.000 54.99690 ? 72  ASP A OD2 1 
ATOM   501 N N   . TRP A 1 67 ? -0.94776  -14.32311 2.75326   1.000 29.92353 ? 73  TRP A N   1 
ATOM   502 C CA  . TRP A 1 67 ? -1.08022  -13.54464 3.98162   1.000 30.41348 ? 73  TRP A CA  1 
ATOM   503 C C   . TRP A 1 67 ? -2.05045  -12.38114 3.79270   1.000 27.90835 ? 73  TRP A C   1 
ATOM   504 O O   . TRP A 1 67 ? -2.89825  -12.11709 4.65939   1.000 25.44748 ? 73  TRP A O   1 
ATOM   505 C CB  . TRP A 1 67 ? 0.30109   -13.04746 4.42489   1.000 29.25309 ? 73  TRP A CB  1 
ATOM   506 C CG  . TRP A 1 67 ? 0.29630   -12.20736 5.67394   1.000 29.13100 ? 73  TRP A CG  1 
ATOM   507 C CD1 . TRP A 1 67 ? 0.51873   -12.63325 6.94553   1.000 28.49179 ? 73  TRP A CD1 1 
ATOM   508 C CD2 . TRP A 1 67 ? 0.05979   -10.79367 5.75745   1.000 30.03473 ? 73  TRP A CD2 1 
ATOM   509 N NE1 . TRP A 1 67 ? 0.43139   -11.57524 7.82234   1.000 33.12587 ? 73  TRP A NE1 1 
ATOM   510 C CE2 . TRP A 1 67 ? 0.15184   -10.43471 7.11436   1.000 33.31350 ? 73  TRP A CE2 1 
ATOM   511 C CE3 . TRP A 1 67 ? -0.22072  -9.80041  4.81411   1.000 35.16057 ? 73  TRP A CE3 1 
ATOM   512 C CZ2 . TRP A 1 67 ? -0.02858  -9.12493  7.55446   1.000 34.36521 ? 73  TRP A CZ2 1 
ATOM   513 C CZ3 . TRP A 1 67 ? -0.39901  -8.49234  5.25441   1.000 32.83179 ? 73  TRP A CZ3 1 
ATOM   514 C CH2 . TRP A 1 67 ? -0.30316  -8.17017  6.60831   1.000 30.94054 ? 73  TRP A CH2 1 
ATOM   515 N N   . LEU A 1 68 ? -1.94556  -11.67433 2.66121   1.000 27.98804 ? 74  LEU A N   1 
ATOM   516 C CA  . LEU A 1 68 ? -2.81618  -10.52818 2.41492   1.000 25.59430 ? 74  LEU A CA  1 
ATOM   517 C C   . LEU A 1 68 ? -4.27033  -10.96144 2.26305   1.000 30.45694 ? 74  LEU A C   1 
ATOM   518 O O   . LEU A 1 68 ? -5.18152  -10.30240 2.77685   1.000 26.18077 ? 74  LEU A O   1 
ATOM   519 C CB  . LEU A 1 68 ? -2.35813  -9.77915  1.16123   1.000 29.03910 ? 74  LEU A CB  1 
ATOM   520 C CG  . LEU A 1 68 ? -3.07353  -8.46536  0.84501   1.000 30.47181 ? 74  LEU A CG  1 
ATOM   521 C CD1 . LEU A 1 68 ? -2.70179  -7.41021  1.85297   1.000 28.08133 ? 74  LEU A CD1 1 
ATOM   522 C CD2 . LEU A 1 68 ? -2.73829  -7.99714  -0.56298  1.000 28.27331 ? 74  LEU A CD2 1 
ATOM   523 N N   . ALA A 1 69 ? -4.50781  -12.06479 1.55336   1.000 29.93274 ? 75  ALA A N   1 
ATOM   524 C CA  . ALA A 1 69 ? -5.86924  -12.56652 1.40725   1.000 31.91163 ? 75  ALA A CA  1 
ATOM   525 C C   . ALA A 1 69 ? -6.45158  -12.97322 2.75748   1.000 32.94416 ? 75  ALA A C   1 
ATOM   526 O O   . ALA A 1 69 ? -7.60697  -12.65088 3.06650   1.000 38.48646 ? 75  ALA A O   1 
ATOM   527 C CB  . ALA A 1 69 ? -5.89246  -13.74046 0.42303   1.000 31.33456 ? 75  ALA A CB  1 
ATOM   528 N N   . PHE A 1 70 ? -5.66405  -13.66791 3.58526   1.000 32.22451 ? 76  PHE A N   1 
ATOM   529 C CA  . PHE A 1 70 ? -6.16762  -14.06866 4.89774   1.000 31.96790 ? 76  PHE A CA  1 
ATOM   530 C C   . PHE A 1 70 ? -6.50141  -12.85086 5.75556   1.000 36.05497 ? 76  PHE A C   1 
ATOM   531 O O   . PHE A 1 70 ? -7.61247  -12.73432 6.28009   1.000 36.02861 ? 76  PHE A O   1 
ATOM   532 C CB  . PHE A 1 70 ? -5.15665  -14.96721 5.60954   1.000 29.69891 ? 76  PHE A CB  1 
ATOM   533 C CG  . PHE A 1 70 ? -5.61941  -15.43428 6.95573   1.000 39.41988 ? 76  PHE A CG  1 
ATOM   534 C CD1 . PHE A 1 70 ? -6.54712  -16.45953 7.05617   1.000 45.55509 ? 76  PHE A CD1 1 
ATOM   535 C CD2 . PHE A 1 70 ? -5.13060  -14.85616 8.11747   1.000 42.78495 ? 76  PHE A CD2 1 
ATOM   536 C CE1 . PHE A 1 70 ? -6.98573  -16.90431 8.29299   1.000 49.36681 ? 76  PHE A CE1 1 
ATOM   537 C CE2 . PHE A 1 70 ? -5.56710  -15.29685 9.36195   1.000 48.28631 ? 76  PHE A CE2 1 
ATOM   538 C CZ  . PHE A 1 70 ? -6.49349  -16.32153 9.44311   1.000 44.58147 ? 76  PHE A CZ  1 
ATOM   539 N N   . HIS A 1 71 ? -5.55841  -11.92051 5.89943   1.000 30.77352 ? 77  HIS A N   1 
ATOM   540 C CA  . HIS A 1 71 ? -5.82741  -10.78397 6.77444   1.000 39.20872 ? 77  HIS A CA  1 
ATOM   541 C C   . HIS A 1 71 ? -6.87823  -9.83267  6.21444   1.000 35.22318 ? 77  HIS A C   1 
ATOM   542 O O   . HIS A 1 71 ? -7.51956  -9.12045  6.99494   1.000 36.55957 ? 77  HIS A O   1 
ATOM   543 C CB  . HIS A 1 71 ? -4.52912  -10.03686 7.08599   1.000 36.14569 ? 77  HIS A CB  1 
ATOM   544 C CG  . HIS A 1 71 ? -3.68775  -10.74161 8.10172   1.000 45.77571 ? 77  HIS A CG  1 
ATOM   545 N ND1 . HIS A 1 71 ? -3.00624  -11.90754 7.82151   1.000 44.07104 ? 77  HIS A ND1 1 
ATOM   546 C CD2 . HIS A 1 71 ? -3.46311  -10.47876 9.40988   1.000 47.15927 ? 77  HIS A CD2 1 
ATOM   547 C CE1 . HIS A 1 71 ? -2.37498  -12.31591 8.90720   1.000 46.45052 ? 77  HIS A CE1 1 
ATOM   548 N NE2 . HIS A 1 71 ? -2.63391  -11.46577 9.88401   1.000 52.77643 ? 77  HIS A NE2 1 
ATOM   549 N N   . ALA A 1 72 ? -7.09143  -9.81448  4.89839   1.000 31.53893 ? 78  ALA A N   1 
ATOM   550 C CA  . ALA A 1 72 ? -8.14165  -8.95966  4.35824   1.000 37.21298 ? 78  ALA A CA  1 
ATOM   551 C C   . ALA A 1 72 ? -9.52045  -9.59862  4.47910   1.000 40.47998 ? 78  ALA A C   1 
ATOM   552 O O   . ALA A 1 72 ? -10.51857 -8.88167  4.59910   1.000 42.32240 ? 78  ALA A O   1 
ATOM   553 C CB  . ALA A 1 72 ? -7.85363  -8.61054  2.89647   1.000 35.01908 ? 78  ALA A CB  1 
ATOM   554 N N   . SER A 1 73 ? -9.60908  -10.92746 4.46082   1.000 37.11581 ? 79  SER A N   1 
ATOM   555 C CA  . SER A 1 73 ? -10.91961 -11.56693 4.41938   1.000 42.46237 ? 79  SER A CA  1 
ATOM   556 C C   . SER A 1 73 ? -11.40249 -12.08108 5.77307   1.000 45.72810 ? 79  SER A C   1 
ATOM   557 O O   . SER A 1 73 ? -12.59775 -12.36302 5.91351   1.000 49.54191 ? 79  SER A O   1 
ATOM   558 C CB  . SER A 1 73 ? -10.92106 -12.71430 3.39456   1.000 40.34119 ? 79  SER A CB  1 
ATOM   559 O OG  . SER A 1 73 ? -9.95145  -13.69457 3.70196   1.000 47.85403 ? 79  SER A OG  1 
ATOM   560 N N   . TYR A 1 74 ? -10.53172 -12.19770 6.77087   1.000 38.54461 ? 80  TYR A N   1 
ATOM   561 C CA  . TYR A 1 74 ? -10.97251 -12.69432 8.07524   1.000 45.12681 ? 80  TYR A CA  1 
ATOM   562 C C   . TYR A 1 74 ? -10.82139 -11.63973 9.17304   1.000 50.29861 ? 80  TYR A C   1 
ATOM   563 O O   . TYR A 1 74 ? -11.43041 -11.76479 10.24539  1.000 59.03401 ? 80  TYR A O   1 
ATOM   564 C CB  . TYR A 1 74 ? -10.20393 -13.96477 8.46011   1.000 41.52746 ? 80  TYR A CB  1 
ATOM   565 C CG  . TYR A 1 74 ? -10.49910 -15.17420 7.59386   1.000 40.50935 ? 80  TYR A CG  1 
ATOM   566 C CD1 . TYR A 1 74 ? -11.54248 -16.03697 7.90064   1.000 39.61649 ? 80  TYR A CD1 1 
ATOM   567 C CD2 . TYR A 1 74 ? -9.73690  -15.44588 6.46480   1.000 44.39228 ? 80  TYR A CD2 1 
ATOM   568 C CE1 . TYR A 1 74 ? -11.81227 -17.14766 7.11131   1.000 41.91048 ? 80  TYR A CE1 1 
ATOM   569 C CE2 . TYR A 1 74 ? -9.99772  -16.54918 5.66590   1.000 44.92256 ? 80  TYR A CE2 1 
ATOM   570 C CZ  . TYR A 1 74 ? -11.03692 -17.39717 5.99345   1.000 49.36600 ? 80  TYR A CZ  1 
ATOM   571 O OH  . TYR A 1 74 ? -11.29653 -18.49304 5.20174   1.000 52.36898 ? 80  TYR A OH  1 
HETATM 572 O O   . HOH B 2 .  ? -15.76603 -2.14809  -5.45937  1.000 58.22158 ? 101 HOH A O   1 
HETATM 573 O O   . HOH B 2 .  ? 3.21964   -2.44754  9.26607   1.000 53.74878 ? 102 HOH A O   1 
HETATM 574 O O   . HOH B 2 .  ? 6.53084   -9.91221  0.08906   1.000 48.45699 ? 103 HOH A O   1 
HETATM 575 O O   . HOH B 2 .  ? 7.73141   -7.07680  -9.16912  1.000 46.30844 ? 104 HOH A O   1 
HETATM 576 O O   . HOH B 2 .  ? -10.58022 -9.51239  0.10030   1.000 42.35960 ? 105 HOH A O   1 
HETATM 577 O O   . HOH B 2 .  ? 5.06469   8.18013   13.17009  1.000 40.88901 ? 106 HOH A O   1 
HETATM 578 O O   . HOH B 2 .  ? -4.16108  -11.82249 -2.21321  1.000 38.27045 ? 107 HOH A O   1 
HETATM 579 O O   . HOH B 2 .  ? 5.06814   4.20530   -8.74181  1.000 40.14649 ? 108 HOH A O   1 
HETATM 580 O O   . HOH B 2 .  ? -5.42036  8.93747   9.40218   1.000 57.28128 ? 109 HOH A O   1 
HETATM 581 O O   . HOH B 2 .  ? 1.38640   -15.97585 -1.51664  1.000 42.53921 ? 110 HOH A O   1 
HETATM 582 O O   . HOH B 2 .  ? 5.62126   -8.48053  -10.09468 1.000 42.07765 ? 111 HOH A O   1 
HETATM 583 O O   . HOH B 2 .  ? 1.84774   14.96970  4.10171   1.000 41.48821 ? 112 HOH A O   1 
HETATM 584 O O   . HOH B 2 .  ? -7.78743  14.57649  -2.64280  1.000 61.98015 ? 113 HOH A O   1 
HETATM 585 O O   . HOH B 2 .  ? 3.69427   -1.30913  7.13335   1.000 42.86443 ? 114 HOH A O   1 
HETATM 586 O O   . HOH B 2 .  ? -4.22809  7.56344   -9.29711  1.000 45.90941 ? 115 HOH A O   1 
HETATM 587 O O   . HOH B 2 .  ? -6.56255  -11.28498 -4.96771  1.000 48.11945 ? 116 HOH A O   1 
HETATM 588 O O   . HOH B 2 .  ? -1.88081  6.30886   -9.14905  1.000 40.22464 ? 117 HOH A O   1 
HETATM 589 O O   . HOH B 2 .  ? 5.52337   -14.37435 -1.13441  1.000 44.42606 ? 118 HOH A O   1 
HETATM 590 O O   . HOH B 2 .  ? 4.64179   11.35639  -8.18180  1.000 50.87765 ? 119 HOH A O   1 
HETATM 591 O O   . HOH B 2 .  ? 8.49781   7.43438   -3.28578  1.000 43.56192 ? 120 HOH A O   1 
HETATM 592 O O   . HOH B 2 .  ? -13.34748 -6.22230  -4.22307  1.000 50.34811 ? 121 HOH A O   1 
HETATM 593 O O   . HOH B 2 .  ? -2.03562  15.66497  -0.82468  1.000 54.14751 ? 122 HOH A O   1 
HETATM 594 O O   . HOH B 2 .  ? -5.77891  -12.95910 -9.88038  1.000 54.70412 ? 123 HOH A O   1 
HETATM 595 O O   . HOH B 2 .  ? 11.65185  0.23513   -4.59966  1.000 48.41140 ? 124 HOH A O   1 
HETATM 596 O O   . HOH B 2 .  ? 4.69747   3.08168   11.72665  1.000 46.13210 ? 125 HOH A O   1 
HETATM 597 O O   . HOH B 2 .  ? -2.73941  0.66709   -9.41309  1.000 46.25435 ? 126 HOH A O   1 
HETATM 598 O O   . HOH B 2 .  ? -7.70031  8.84607   -4.05715  1.000 54.48195 ? 127 HOH A O   1 
HETATM 599 O O   . HOH B 2 .  ? 3.69464   13.09847  -1.66578  1.000 43.86565 ? 128 HOH A O   1 
HETATM 600 O O   . HOH B 2 .  ? -13.23799 -6.78499  -0.87292  1.000 49.53972 ? 129 HOH A O   1 
HETATM 601 O O   . HOH B 2 .  ? -9.08660  -4.82870  4.92670   1.000 52.87357 ? 130 HOH A O   1 
HETATM 602 O O   . HOH B 2 .  ? -7.34743  -3.62233  6.61084   1.000 68.69890 ? 131 HOH A O   1 
HETATM 603 O O   . HOH B 2 .  ? -7.48554  -12.83164 -7.67577  1.000 71.26945 ? 132 HOH A O   1 
HETATM 604 O O   . HOH B 2 .  ? 5.92247   5.81124   -11.44968 1.000 57.21018 ? 133 HOH A O   1 
HETATM 605 O O   . HOH B 2 .  ? 9.30443   9.64687   -3.90288  1.000 43.64913 ? 134 HOH A O   1 
HETATM 606 O O   . HOH B 2 .  ? 2.96049   6.87100   13.57604  1.000 60.78654 ? 135 HOH A O   1 
HETATM 607 O O   . HOH B 2 .  ? 9.69791   -7.08094  -7.37752  1.000 61.22119 ? 136 HOH A O   1 
HETATM 608 O O   . HOH B 2 .  ? -5.61347  6.66683   9.02050   1.000 58.15185 ? 137 HOH A O   1 
# 
loop_
_atom_site_anisotrop.id 
_atom_site_anisotrop.type_symbol 
_atom_site_anisotrop.pdbx_label_atom_id 
_atom_site_anisotrop.pdbx_label_alt_id 
_atom_site_anisotrop.pdbx_label_comp_id 
_atom_site_anisotrop.pdbx_label_asym_id 
_atom_site_anisotrop.pdbx_label_seq_id 
_atom_site_anisotrop.pdbx_PDB_ins_code 
_atom_site_anisotrop.U[1][1] 
_atom_site_anisotrop.U[2][2] 
_atom_site_anisotrop.U[3][3] 
_atom_site_anisotrop.U[1][2] 
_atom_site_anisotrop.U[1][3] 
_atom_site_anisotrop.U[2][3] 
_atom_site_anisotrop.pdbx_auth_seq_id 
_atom_site_anisotrop.pdbx_auth_comp_id 
_atom_site_anisotrop.pdbx_auth_asym_id 
_atom_site_anisotrop.pdbx_auth_atom_id 
1   N N   . PRO A 1  ? 0.88599 0.68355 0.72623 -0.03416 -0.13384 0.01234  7   PRO A N   
2   C CA  . PRO A 1  ? 0.81721 0.63937 0.68473 -0.02872 -0.13053 0.01718  7   PRO A CA  
3   C C   . PRO A 1  ? 0.72732 0.59892 0.65732 -0.02102 -0.11525 0.01817  7   PRO A C   
4   O O   . PRO A 1  ? 0.72364 0.60890 0.68038 -0.02244 -0.11486 0.01778  7   PRO A O   
5   C CB  . PRO A 1  ? 0.82897 0.63343 0.70124 -0.03588 -0.16682 0.02526  7   PRO A CB  
6   C CG  . PRO A 1  ? 0.86663 0.66465 0.75392 -0.04303 -0.18730 0.02616  7   PRO A CG  
7   C CD  . PRO A 1  ? 0.92450 0.70291 0.76906 -0.04410 -0.16894 0.01750  7   PRO A CD  
8   N N   . LEU A 2  ? 0.69993 0.59304 0.64733 -0.01437 -0.10214 0.01924  8   LEU A N   
9   C CA  . LEU A 2  ? 0.60656 0.53832 0.60219 -0.00847 -0.08615 0.01934  8   LEU A CA  
10  C C   . LEU A 2  ? 0.54329 0.49326 0.59150 -0.00970 -0.10060 0.02435  8   LEU A C   
11  O O   . LEU A 2  ? 0.58121 0.52084 0.63438 -0.01097 -0.12123 0.02871  8   LEU A O   
12  C CB  . LEU A 2  ? 0.61197 0.55536 0.60252 -0.00167 -0.06670 0.01753  8   LEU A CB  
13  C CG  . LEU A 2  ? 0.57598 0.50800 0.53007 0.00054  -0.04956 0.01224  8   LEU A CG  
14  C CD1 . LEU A 2  ? 0.62548 0.57243 0.58609 0.00583  -0.03462 0.01174  8   LEU A CD1 
15  C CD2 . LEU A 2  ? 0.60605 0.54283 0.56338 0.00160  -0.04021 0.00858  8   LEU A CD2 
16  N N   . THR A 3  ? 0.51214 0.48702 0.60090 -0.00981 -0.08933 0.02376  9   THR A N   
17  C CA  . THR A 3  ? 0.53744 0.53395 0.68713 -0.01079 -0.09530 0.02669  9   THR A CA  
18  C C   . THR A 3  ? 0.46921 0.48392 0.64262 -0.00315 -0.08090 0.02568  9   THR A C   
19  O O   . THR A 3  ? 0.45170 0.46433 0.59464 0.00167  -0.06560 0.02308  9   THR A O   
20  C CB  . THR A 3  ? 0.46606 0.47860 0.64628 -0.01581 -0.08254 0.02568  9   THR A CB  
21  O OG1 . THR A 3  ? 0.45437 0.47882 0.62712 -0.01231 -0.05304 0.02217  9   THR A OG1 
22  C CG2 . THR A 3  ? 0.46135 0.45289 0.61026 -0.02266 -0.09330 0.02566  9   THR A CG2 
23  N N   . ASN A 4  ? 0.42163 0.45400 0.65461 -0.00213 -0.08597 0.02729  10  ASN A N   
24  C CA  . ASN A 4  ? 0.44880 0.49614 0.70779 0.00551  -0.07083 0.02493  10  ASN A CA  
25  C C   . ASN A 4  ? 0.43961 0.49775 0.68708 0.00688  -0.03615 0.01921  10  ASN A C   
26  O O   . ASN A 4  ? 0.39964 0.45623 0.62778 0.01226  -0.02382 0.01662  10  ASN A O   
27  C CB  . ASN A 4  ? 0.46128 0.52689 0.79670 0.00701  -0.07935 0.02617  10  ASN A CB  
28  C CG  . ASN A 4  ? 0.51747 0.56863 0.86226 0.00958  -0.11476 0.03228  10  ASN A CG  
29  O OD1 . ASN A 4  ? 0.60778 0.63658 0.90065 0.01150  -0.12408 0.03444  10  ASN A OD1 
30  N ND2 . ASN A 4  ? 0.53783 0.59977 0.95062 0.00875  -0.13542 0.03557  10  ASN A ND2 
31  N N   . ASP A 5  ? 0.39080 0.45549 0.64607 0.00068  -0.02209 0.01777  11  ASP A N   
32  C CA  . ASP A 5  ? 0.36429 0.43032 0.59905 -0.00034 0.00726  0.01356  11  ASP A CA  
33  C C   . ASP A 5  ? 0.35292 0.40301 0.52758 0.00161  0.00682  0.01352  11  ASP A C   
34  O O   . ASP A 5  ? 0.35154 0.39879 0.50475 0.00378  0.02252  0.01074  11  ASP A O   
35  C CB  . ASP A 5  ? 0.40964 0.48027 0.66164 -0.00950 0.02087  0.01337  11  ASP A CB  
36  C CG  . ASP A 5  ? 0.57124 0.66135 0.89124 -0.01172 0.03265  0.01133  11  ASP A CG  
37  O OD1 . ASP A 5  ? 0.62070 0.71741 0.97166 -0.02017 0.03373  0.01293  11  ASP A OD1 
38  O OD2 . ASP A 5  ? 0.73227 0.83088 1.07819 -0.00505 0.04214  0.00761  11  ASP A OD2 
39  N N   . GLU A 6  ? 0.39097 0.42871 0.53973 0.00047  -0.01095 0.01601  12  GLU A N   
40  C CA  . GLU A 6  ? 0.38938 0.41424 0.49220 0.00327  -0.00965 0.01495  12  GLU A CA  
41  C C   . GLU A 6  ? 0.32788 0.35144 0.41948 0.00920  -0.01003 0.01420  12  GLU A C   
42  O O   . GLU A 6  ? 0.28678 0.30850 0.35757 0.01171  -0.00002 0.01233  12  GLU A O   
43  C CB  . GLU A 6  ? 0.33966 0.34853 0.41881 0.00078  -0.02442 0.01583  12  GLU A CB  
44  C CG  . GLU A 6  ? 0.43518 0.44047 0.51361 -0.00479 -0.02192 0.01613  12  GLU A CG  
45  C CD  . GLU A 6  ? 0.54432 0.53064 0.60261 -0.00779 -0.03788 0.01603  12  GLU A CD  
46  O OE1 . GLU A 6  ? 0.53450 0.51010 0.58515 -0.00822 -0.05341 0.01665  12  GLU A OE1 
47  O OE2 . GLU A 6  ? 0.56354 0.54084 0.60930 -0.01035 -0.03571 0.01530  12  GLU A OE2 
48  N N   . ARG A 7  ? 0.31574 0.33806 0.42179 0.01070  -0.02389 0.01636  13  ARG A N   
49  C CA  . ARG A 7  ? 0.39044 0.40878 0.48563 0.01521  -0.02431 0.01646  13  ARG A CA  
50  C C   . ARG A 7  ? 0.40923 0.43970 0.52102 0.01869  -0.00665 0.01324  13  ARG A C   
51  O O   . ARG A 7  ? 0.32235 0.34908 0.41374 0.02097  0.00027  0.01178  13  ARG A O   
52  C CB  . ARG A 7  ? 0.44527 0.45450 0.55175 0.01531  -0.04626 0.02075  13  ARG A CB  
53  C CG  . ARG A 7  ? 0.61397 0.59984 0.68902 0.00993  -0.06574 0.02377  13  ARG A CG  
54  C CD  . ARG A 7  ? 0.73045 0.69966 0.81030 0.00843  -0.09268 0.02956  13  ARG A CD  
55  N NE  . ARG A 7  ? 0.86120 0.80574 0.91725 0.00096  -0.11513 0.03248  13  ARG A NE  
56  C CZ  . ARG A 7  ? 0.93062 0.84103 0.92712 -0.00437 -0.12145 0.03298  13  ARG A CZ  
57  N NH1 . ARG A 7  ? 0.88266 0.78378 0.84416 -0.00304 -0.10569 0.03118  13  ARG A NH1 
58  N NH2 . ARG A 7  ? 0.96935 0.85230 0.94036 -0.01222 -0.14227 0.03477  13  ARG A NH2 
59  N N   . GLN A 8  ? 0.41449 0.45732 0.56327 0.01812  0.00213  0.01149  14  GLN A N   
60  C CA  . GLN A 8  ? 0.38787 0.43580 0.54641 0.02015  0.02295  0.00666  14  GLN A CA  
61  C C   . GLN A 8  ? 0.38425 0.42359 0.50310 0.01725  0.03611  0.00459  14  GLN A C   
62  O O   . GLN A 8  ? 0.37082 0.40406 0.47294 0.01907  0.04370  0.00196  14  GLN A O   
63  C CB  . GLN A 8  ? 0.38945 0.44999 0.59503 0.01830  0.03531  0.00401  14  GLN A CB  
64  C CG  . GLN A 8  ? 0.62073 0.68337 0.84435 0.02121  0.05810  -0.00263 14  GLN A CG  
65  C CD  . GLN A 8  ? 0.79572 0.87351 1.08071 0.02050  0.07101  -0.00596 14  GLN A CD  
66  O OE1 . GLN A 8  ? 0.83407 0.92273 1.16936 0.02621  0.05828  -0.00499 14  GLN A OE1 
67  N NE2 . GLN A 8  ? 0.83656 0.91342 1.11977 0.01276  0.09591  -0.00954 14  GLN A NE2 
68  N N   . LEU A 9  ? 0.32442 0.36029 0.42771 0.01239  0.03562  0.00625  15  LEU A N   
69  C CA  . LEU A 9  ? 0.33811 0.36258 0.40599 0.00968  0.04195  0.00576  15  LEU A CA  
70  C C   . LEU A 9  ? 0.40633 0.42648 0.45271 0.01365  0.03249  0.00652  15  LEU A C   
71  O O   . LEU A 9  ? 0.37655 0.38926 0.40436 0.01321  0.03631  0.00530  15  LEU A O   
72  C CB  . LEU A 9  ? 0.30351 0.32303 0.36280 0.00431  0.04015  0.00817  15  LEU A CB  
73  C CG  . LEU A 9  ? 0.42572 0.42957 0.45092 0.00111  0.04138  0.00924  15  LEU A CG  
74  C CD1 . LEU A 9  ? 0.46436 0.45604 0.47129 -0.00259 0.05503  0.00686  15  LEU A CD1 
75  C CD2 . LEU A 9  ? 0.44908 0.44600 0.47040 -0.00495 0.04044  0.01202  15  LEU A CD2 
76  N N   . MET A 10 ? 0.36860 0.39045 0.41627 0.01623  0.02054  0.00835  16  MET A N   
77  C CA  . MET A 10 ? 0.30305 0.32091 0.33445 0.01868  0.01690  0.00834  16  MET A CA  
78  C C   . MET A 10 ? 0.32626 0.34464 0.35982 0.02057  0.02029  0.00731  16  MET A C   
79  O O   . MET A 10 ? 0.33689 0.35250 0.35932 0.02059  0.02172  0.00663  16  MET A O   
80  C CB  . MET A 10 ? 0.30382 0.31614 0.32841 0.01899  0.00782  0.00965  16  MET A CB  
81  C CG  . MET A 10 ? 0.33916 0.34591 0.35550 0.01736  0.00485  0.00925  16  MET A CG  
82  S SD  . MET A 10 ? 0.37807 0.38285 0.38473 0.01942  0.01044  0.00702  16  MET A SD  
83  C CE  . MET A 10 ? 0.37796 0.37809 0.37549 0.02095  0.01476  0.00489  16  MET A CE  
84  N N   . HIS A 11 ? 0.30763 0.32907 0.35980 0.02220  0.02052  0.00707  17  HIS A N   
85  C CA  . HIS A 11 ? 0.41716 0.43611 0.47191 0.02454  0.02391  0.00546  17  HIS A CA  
86  C C   . HIS A 11 ? 0.43685 0.45083 0.48062 0.02263  0.03618  0.00144  17  HIS A C   
87  O O   . HIS A 11 ? 0.37151 0.37864 0.40234 0.02237  0.03642  0.00031  17  HIS A O   
88  C CB  . HIS A 11 ? 0.46441 0.48669 0.54854 0.02800  0.02047  0.00566  17  HIS A CB  
89  C CG  . HIS A 11 ? 0.60177 0.61803 0.68877 0.03134  0.02032  0.00467  17  HIS A CG  
90  N ND1 . HIS A 11 ? 0.66678 0.67412 0.74360 0.03170  0.00753  0.00907  17  HIS A ND1 
91  C CD2 . HIS A 11 ? 0.63165 0.64506 0.72661 0.03362  0.03225  -0.00051 17  HIS A CD2 
92  C CE1 . HIS A 11 ? 0.67876 0.68000 0.76051 0.03446  0.00961  0.00746  17  HIS A CE1 
93  N NE2 . HIS A 11 ? 0.65407 0.65908 0.74759 0.03624  0.02460  0.00106  17  HIS A NE2 
94  N N   . GLU A 12 ? 0.35965 0.37258 0.40409 0.01956  0.04596  -0.00051 18  GLU A N   
95  C CA  . GLU A 12 ? 0.38110 0.37926 0.40198 0.01520  0.05707  -0.00409 18  GLU A CA  
96  C C   . GLU A 12 ? 0.39959 0.38874 0.39322 0.01236  0.04659  -0.00152 18  GLU A C   
97  O O   . GLU A 12 ? 0.39634 0.37194 0.37072 0.00996  0.04591  -0.00329 18  GLU A O   
98  C CB  . GLU A 12 ? 0.47094 0.46462 0.49202 0.01009  0.07151  -0.00595 18  GLU A CB  
99  C CG  . GLU A 12 ? 0.69006 0.69535 0.75088 0.01284  0.08400  -0.00948 18  GLU A CG  
100 C CD  . GLU A 12 ? 0.92931 0.93282 0.99756 0.00616  0.10143  -0.01122 18  GLU A CD  
101 O OE1 . GLU A 12 ? 0.87717 0.89588 0.99073 0.00803  0.10904  -0.01303 18  GLU A OE1 
102 O OE2 . GLU A 12 ? 1.07184 1.05733 1.10252 -0.00170 0.10652  -0.01025 18  GLU A OE2 
103 N N   . LEU A 13 ? 0.38868 0.38418 0.38388 0.01272  0.03708  0.00231  19  LEU A N   
104 C CA  . LEU A 13 ? 0.39729 0.38825 0.38098 0.01182  0.02607  0.00451  19  LEU A CA  
105 C C   . LEU A 13 ? 0.35261 0.34837 0.34321 0.01402  0.02157  0.00423  19  LEU A C   
106 O O   . LEU A 13 ? 0.40234 0.39160 0.38651 0.01167  0.01413  0.00478  19  LEU A O   
107 C CB  . LEU A 13 ? 0.32732 0.32478 0.31851 0.01361  0.01983  0.00701  19  LEU A CB  
108 C CG  . LEU A 13 ? 0.43818 0.42921 0.42247 0.01028  0.02187  0.00839  19  LEU A CG  
109 C CD1 . LEU A 13 ? 0.43071 0.42638 0.42324 0.01317  0.01481  0.00980  19  LEU A CD1 
110 C CD2 . LEU A 13 ? 0.51129 0.48141 0.46915 0.00415  0.01967  0.00979  19  LEU A CD2 
111 N N   . ALA A 14 ? 0.36170 0.36633 0.36544 0.01735  0.02393  0.00414  20  ALA A N   
112 C CA  . ALA A 14 ? 0.37039 0.37595 0.37722 0.01754  0.02157  0.00452  20  ALA A CA  
113 C C   . ALA A 14 ? 0.38209 0.37733 0.38064 0.01554  0.02300  0.00218  20  ALA A C   
114 O O   . ALA A 14 ? 0.41230 0.40407 0.40888 0.01274  0.01792  0.00254  20  ALA A O   
115 C CB  . ALA A 14 ? 0.40548 0.41419 0.41872 0.01974  0.02176  0.00613  20  ALA A CB  
116 N N   . VAL A 15 ? 0.39221 0.38129 0.38818 0.01651  0.03089  -0.00095 21  VAL A N   
117 C CA  . VAL A 15 ? 0.41424 0.38735 0.39653 0.01434  0.03535  -0.00518 21  VAL A CA  
118 C C   . VAL A 15 ? 0.45049 0.40770 0.40727 0.00772  0.02884  -0.00532 21  VAL A C   
119 O O   . VAL A 15 ? 0.47458 0.41923 0.41983 0.00412  0.02262  -0.00638 21  VAL A O   
120 C CB  . VAL A 15 ? 0.43483 0.40312 0.42236 0.01659  0.05032  -0.01032 21  VAL A CB  
121 C CG1 . VAL A 15 ? 0.46542 0.41022 0.43093 0.01353  0.05923  -0.01687 21  VAL A CG1 
122 C CG2 . VAL A 15 ? 0.35714 0.33886 0.37604 0.02336  0.04978  -0.00918 21  VAL A CG2 
123 N N   . GLN A 16 ? 0.42200 0.37646 0.36895 0.00523  0.02699  -0.00347 22  GLN A N   
124 C CA  . GLN A 16 ? 0.44562 0.38035 0.36707 -0.00157 0.01458  -0.00176 22  GLN A CA  
125 C C   . GLN A 16 ? 0.43508 0.37921 0.37443 -0.00155 -0.00245 0.00186  22  GLN A C   
126 O O   . GLN A 16 ? 0.43254 0.35963 0.35802 -0.00737 -0.01589 0.00243  22  GLN A O   
127 C CB  . GLN A 16 ? 0.44958 0.37852 0.35946 -0.00398 0.01325  0.00107  22  GLN A CB  
128 C CG  . GLN A 16 ? 0.61572 0.53082 0.50591 -0.00739 0.03210  -0.00251 22  GLN A CG  
129 C CD  . GLN A 16 ? 0.83675 0.74356 0.71354 -0.01155 0.03023  0.00143  22  GLN A CD  
130 O OE1 . GLN A 16 ? 0.88589 0.80179 0.77419 -0.01086 0.04410  0.00067  22  GLN A OE1 
131 N NE2 . GLN A 16 ? 0.85187 0.74012 0.70709 -0.01631 0.01075  0.00622  22  GLN A NE2 
132 N N   . VAL A 17 ? 0.46060 0.42930 0.43086 0.00387  -0.00172 0.00401  23  VAL A N   
133 C CA  . VAL A 17 ? 0.45497 0.43478 0.44985 0.00358  -0.01165 0.00626  23  VAL A CA  
134 C C   . VAL A 17 ? 0.38956 0.36584 0.38627 0.00034  -0.01248 0.00511  23  VAL A C   
135 O O   . VAL A 17 ? 0.41900 0.39163 0.42485 -0.00441 -0.02561 0.00648  23  VAL A O   
136 C CB  . VAL A 17 ? 0.47692 0.47768 0.49709 0.00891  -0.00388 0.00693  23  VAL A CB  
137 C CG1 . VAL A 17 ? 0.44339 0.45597 0.49300 0.00776  -0.00575 0.00754  23  VAL A CG1 
138 C CG2 . VAL A 17 ? 0.44721 0.44901 0.46785 0.01161  -0.00637 0.00796  23  VAL A CG2 
139 N N   . VAL A 18 ? 0.34127 0.31763 0.33271 0.00260  -0.00070 0.00300  24  VAL A N   
140 C CA  . VAL A 18 ? 0.41912 0.38954 0.41135 -0.00042 -0.00147 0.00222  24  VAL A CA  
141 C C   . VAL A 18 ? 0.48041 0.42630 0.44812 -0.00645 -0.01044 -0.00038 24  VAL A C   
142 O O   . VAL A 18 ? 0.43401 0.37369 0.40604 -0.01220 -0.02097 0.00039  24  VAL A O   
143 C CB  . VAL A 18 ? 0.36830 0.33934 0.35981 0.00405  0.00968  0.00108  24  VAL A CB  
144 C CG1 . VAL A 18 ? 0.36634 0.32640 0.35567 0.00069  0.00784  0.00049  24  VAL A CG1 
145 C CG2 . VAL A 18 ? 0.39400 0.38060 0.40001 0.00738  0.01450  0.00436  24  VAL A CG2 
146 N N   . CYS A 19 ? 0.45640 0.38451 0.39550 -0.00675 -0.00582 -0.00370 25  CYS A N   
147 C CA  . CYS A 19 ? 0.47416 0.36894 0.37653 -0.01439 -0.01266 -0.00709 25  CYS A CA  
148 C C   . CYS A 19 ? 0.50867 0.39475 0.40878 -0.02161 -0.03701 -0.00248 25  CYS A C   
149 O O   . CYS A 19 ? 0.52238 0.38719 0.40787 -0.02925 -0.05170 -0.00303 25  CYS A O   
150 C CB  . CYS A 19 ? 0.54427 0.41859 0.41332 -0.01505 0.00178  -0.01178 25  CYS A CB  
151 S SG  . CYS A 19 ? 0.55429 0.43314 0.43286 -0.00723 0.02890  -0.01904 25  CYS A SG  
152 N N   . SER A 20 ? 0.43964 0.34041 0.35688 -0.01930 -0.04381 0.00214  26  SER A N   
153 C CA  . SER A 20 ? 0.53191 0.42589 0.45727 -0.02463 -0.07018 0.00717  26  SER A CA  
154 C C   . SER A 20 ? 0.54677 0.45900 0.51499 -0.02619 -0.08080 0.00916  26  SER A C   
155 O O   . SER A 20 ? 0.57677 0.47292 0.54521 -0.03410 -0.10492 0.01149  26  SER A O   
156 C CB  . SER A 20 ? 0.63165 0.53998 0.57483 -0.01967 -0.07313 0.01109  26  SER A CB  
157 O OG  . SER A 20 ? 0.83130 0.73630 0.79494 -0.02290 -0.10058 0.01624  26  SER A OG  
158 N N   . GLN A 21 ? 0.49808 0.44074 0.50160 -0.02025 -0.06376 0.00860  27  GLN A N   
159 C CA  . GLN A 21 ? 0.52629 0.48713 0.57363 -0.02311 -0.06864 0.01052  27  GLN A CA  
160 C C   . GLN A 21 ? 0.52177 0.46866 0.55745 -0.02987 -0.07034 0.00888  27  GLN A C   
161 O O   . GLN A 21 ? 0.54136 0.49547 0.60945 -0.03603 -0.08074 0.01101  27  GLN A O   
162 C CB  . GLN A 21 ? 0.58912 0.57993 0.66966 -0.01669 -0.04750 0.01045  27  GLN A CB  
163 C CG  . GLN A 21 ? 0.70600 0.71178 0.80979 -0.01072 -0.04757 0.01147  27  GLN A CG  
164 C CD  . GLN A 21 ? 0.78685 0.81599 0.92144 -0.00670 -0.02639 0.01015  27  GLN A CD  
165 O OE1 . GLN A 21 ? 0.85588 0.88674 0.98312 -0.00824 -0.01053 0.00932  27  GLN A OE1 
166 N NE2 . GLN A 21 ? 0.81180 0.85430 0.97782 -0.00214 -0.02603 0.00977  27  GLN A NE2 
167 N N   . THR A 22 ? 0.49853 0.42575 0.49371 -0.02893 -0.05974 0.00478  28  THR A N   
168 C CA  . THR A 22 ? 0.50166 0.41364 0.48606 -0.03420 -0.05989 0.00252  28  THR A CA  
169 C C   . THR A 22 ? 0.55066 0.42183 0.48675 -0.04077 -0.07112 -0.00183 28  THR A C   
170 O O   . THR A 22 ? 0.54723 0.40069 0.47377 -0.04690 -0.07651 -0.00393 28  THR A O   
171 C CB  . THR A 22 ? 0.52165 0.44056 0.50346 -0.02746 -0.03770 0.00046  28  THR A CB  
172 O OG1 . THR A 22 ? 0.51297 0.41849 0.46410 -0.02153 -0.02672 -0.00424 28  THR A OG1 
173 C CG2 . THR A 22 ? 0.52321 0.47247 0.53751 -0.02255 -0.02582 0.00432  28  THR A CG2 
174 N N   . GLY A 23 ? 0.56187 0.41308 0.46262 -0.04092 -0.07353 -0.00353 29  GLY A N   
175 C CA  . GLY A 23 ? 0.58162 0.38643 0.42461 -0.04803 -0.07687 -0.00938 29  GLY A CA  
176 C C   . GLY A 23 ? 0.58159 0.37446 0.40240 -0.04273 -0.05039 -0.01775 29  GLY A C   
177 O O   . GLY A 23 ? 0.60065 0.35198 0.37317 -0.04856 -0.04785 -0.02481 29  GLY A O   
178 N N   . CYS A 24 ? 0.56568 0.39023 0.41999 -0.03213 -0.03133 -0.01750 30  CYS A N   
179 C CA  . CYS A 24 ? 0.56038 0.37703 0.40720 -0.02543 -0.00935 -0.02470 30  CYS A CA  
180 C C   . CYS A 24 ? 0.57229 0.37880 0.39695 -0.02178 0.01003  -0.03031 30  CYS A C   
181 O O   . CYS A 24 ? 0.54068 0.34676 0.35298 -0.02467 0.00649  -0.02750 30  CYS A O   
182 C CB  . CYS A 24 ? 0.49627 0.34591 0.38637 -0.01680 -0.00198 -0.02066 30  CYS A CB  
183 S SG  . CYS A 24 ? 0.51747 0.40361 0.43633 -0.00854 0.00584  -0.01531 30  CYS A SG  
184 N N   . SER A 25 ? 0.57730 0.37500 0.40086 -0.01555 0.03139  -0.03836 31  SER A N   
185 C CA  . SER A 25 ? 0.62636 0.41782 0.44032 -0.01200 0.05533  -0.04481 31  SER A CA  
186 C C   . SER A 25 ? 0.57863 0.41135 0.43982 -0.00212 0.06188  -0.03971 31  SER A C   
187 O O   . SER A 25 ? 0.49906 0.35869 0.39461 0.00293  0.05128  -0.03302 31  SER A O   
188 C CB  . SER A 25 ? 0.72483 0.48969 0.52711 -0.00883 0.07744  -0.05709 31  SER A CB  
189 O OG  . SER A 25 ? 0.65722 0.44514 0.50630 0.00224  0.07967  -0.05638 31  SER A OG  
190 N N   . PRO A 26 ? 0.58710 0.42164 0.44736 -0.00083 0.07940  -0.04267 32  PRO A N   
191 C CA  . PRO A 26 ? 0.58183 0.45278 0.48780 0.00767  0.08342  -0.03814 32  PRO A CA  
192 C C   . PRO A 26 ? 0.51845 0.40537 0.46702 0.01815  0.08674  -0.03925 32  PRO A C   
193 O O   . PRO A 26 ? 0.49865 0.41157 0.47808 0.02305  0.07518  -0.03167 32  PRO A O   
194 C CB  . PRO A 26 ? 0.57226 0.43449 0.46696 0.00489  0.10511  -0.04313 32  PRO A CB  
195 C CG  . PRO A 26 ? 0.65761 0.48205 0.49155 -0.00751 0.10192  -0.04471 32  PRO A CG  
196 C CD  . PRO A 26 ? 0.60916 0.41036 0.42138 -0.01004 0.09200  -0.04810 32  PRO A CD  
197 N N   . ASP A 27 ? 0.49995 0.36741 0.44821 0.02132  0.10102  -0.04854 33  ASP A N   
198 C CA  . ASP A 27 ? 0.56465 0.44330 0.55565 0.03190  0.10013  -0.04891 33  ASP A CA  
199 C C   . ASP A 27 ? 0.54428 0.42932 0.53753 0.03142  0.07598  -0.03967 33  ASP A C   
200 O O   . ASP A 27 ? 0.46862 0.37116 0.49327 0.03734  0.06534  -0.03290 33  ASP A O   
201 C CB  . ASP A 27 ? 0.67758 0.52938 0.66597 0.03544  0.12044  -0.06187 33  ASP A CB  
202 C CG  . ASP A 27 ? 0.89280 0.74060 0.89120 0.03690  0.15106  -0.07206 33  ASP A CG  
203 O OD1 . ASP A 27 ? 0.97418 0.80436 0.98428 0.04214  0.17316  -0.08413 33  ASP A OD1 
204 O OD2 . ASP A 27 ? 0.93307 0.79447 0.92981 0.03258  0.15487  -0.06842 33  ASP A OD2 
205 N N   . ALA A 28 ? 0.46231 0.33006 0.42087 0.02287  0.06661  -0.03900 34  ALA A N   
206 C CA  . ALA A 28 ? 0.47240 0.34611 0.43387 0.01975  0.04747  -0.03044 34  ALA A CA  
207 C C   . ALA A 28 ? 0.47904 0.38066 0.45624 0.01940  0.03783  -0.02052 34  ALA A C   
208 O O   . ALA A 28 ? 0.40437 0.31459 0.39672 0.02106  0.02919  -0.01371 34  ALA A O   
209 C CB  . ALA A 28 ? 0.48092 0.33383 0.40890 0.00903  0.03851  -0.03156 34  ALA A CB  
210 N N   . ALA A 29 ? 0.44135 0.35219 0.41016 0.01632  0.03939  -0.01978 35  ALA A N   
211 C CA  . ALA A 29 ? 0.42150 0.35540 0.40328 0.01621  0.03224  -0.01211 35  ALA A CA  
212 C C   . ALA A 29 ? 0.40141 0.34860 0.40829 0.02370  0.03378  -0.00951 35  ALA A C   
213 O O   . ALA A 29 ? 0.41838 0.37441 0.43203 0.02348  0.02543  -0.00282 35  ALA A O   
214 C CB  . ALA A 29 ? 0.46194 0.39899 0.43072 0.01241  0.03289  -0.01236 35  ALA A CB  
215 N N   . VAL A 30 ? 0.39721 0.34315 0.41814 0.02939  0.04445  -0.01497 36  VAL A N   
216 C CA  . VAL A 30 ? 0.40461 0.36239 0.45744 0.03635  0.04126  -0.01214 36  VAL A CA  
217 C C   . VAL A 30 ? 0.42047 0.37018 0.48145 0.03909  0.02846  -0.00741 36  VAL A C   
218 O O   . VAL A 30 ? 0.46030 0.41431 0.52971 0.04000  0.01540  -0.00008 36  VAL A O   
219 C CB  . VAL A 30 ? 0.41317 0.37241 0.49077 0.04182  0.05740  -0.01994 36  VAL A CB  
220 C CG1 . VAL A 30 ? 0.46431 0.43453 0.58570 0.04960  0.04855  -0.01660 36  VAL A CG1 
221 C CG2 . VAL A 30 ? 0.45908 0.42422 0.52570 0.03709  0.06934  -0.02233 36  VAL A CG2 
222 N N   . GLU A 31 ? 0.44693 0.37946 0.49997 0.03918  0.03068  -0.01118 37  GLU A N   
223 C CA  . GLU A 31 ? 0.52721 0.44716 0.58359 0.04046  0.01755  -0.00574 37  GLU A CA  
224 C C   . GLU A 31 ? 0.47501 0.39542 0.51005 0.03213  0.00649  0.00380  37  GLU A C   
225 O O   . GLU A 31 ? 0.44262 0.35550 0.47792 0.03198  -0.00613 0.01150  37  GLU A O   
226 C CB  . GLU A 31 ? 0.51577 0.41463 0.56281 0.04043  0.02266  -0.01209 37  GLU A CB  
227 C CG  . GLU A 31 ? 0.68988 0.57263 0.75407 0.04661  0.01306  -0.01006 37  GLU A CG  
228 C CD  . GLU A 31 ? 0.86824 0.72714 0.92146 0.04665  0.01976  -0.01798 37  GLU A CD  
229 O OE1 . GLU A 31 ? 0.87425 0.72286 0.89789 0.03686  0.01674  -0.01642 37  GLU A OE1 
230 O OE2 . GLU A 31 ? 0.89899 0.74867 0.97594 0.05627  0.02849  -0.02642 37  GLU A OE2 
231 N N   . ALA A 32 ? 0.44371 0.36977 0.46005 0.02447  0.01122  0.00332  38  ALA A N   
232 C CA  . ALA A 32 ? 0.45189 0.37959 0.45475 0.01644  0.00675  0.01049  38  ALA A CA  
233 C C   . ALA A 32 ? 0.42506 0.36181 0.42833 0.01727  0.00378  0.01510  38  ALA A C   
234 O O   . ALA A 32 ? 0.46079 0.38703 0.45026 0.01261  -0.00151 0.02170  38  ALA A O   
235 C CB  . ALA A 32 ? 0.41935 0.35410 0.41510 0.00933  0.01132  0.00828  38  ALA A CB  
236 N N   . LEU A 33 ? 0.40321 0.35458 0.41715 0.02171  0.00746  0.01165  39  LEU A N   
237 C CA  . LEU A 33 ? 0.41499 0.37212 0.42861 0.02213  0.00294  0.01539  39  LEU A CA  
238 C C   . LEU A 33 ? 0.40977 0.35397 0.42923 0.02529  -0.01106 0.02046  39  LEU A C   
239 O O   . LEU A 33 ? 0.38217 0.31555 0.38429 0.02119  -0.01995 0.02639  39  LEU A O   
240 C CB  . LEU A 33 ? 0.34003 0.31332 0.36592 0.02552  0.00891  0.01096  39  LEU A CB  
241 C CG  . LEU A 33 ? 0.38281 0.36448 0.39920 0.02157  0.01656  0.00824  39  LEU A CG  
242 C CD1 . LEU A 33 ? 0.36191 0.35219 0.38487 0.02383  0.02203  0.00444  39  LEU A CD1 
243 C CD2 . LEU A 33 ? 0.47137 0.45538 0.47753 0.01706  0.01619  0.01162  39  LEU A CD2 
244 N N   . GLU A 34 ? 0.35394 0.29549 0.39716 0.03230  -0.01396 0.01795  40  GLU A N   
245 C CA  . GLU A 34 ? 0.42071 0.34864 0.47776 0.03629  -0.03210 0.02350  40  GLU A CA  
246 C C   . GLU A 34 ? 0.45706 0.35812 0.48279 0.02946  -0.04358 0.03167  40  GLU A C   
247 O O   . GLU A 34 ? 0.42356 0.30553 0.43879 0.02745  -0.06274 0.03969  40  GLU A O   
248 C CB  . GLU A 34 ? 0.41145 0.34245 0.50790 0.04626  -0.02928 0.01747  40  GLU A CB  
249 C CG  . GLU A 34 ? 0.51270 0.42939 0.63504 0.05230  -0.05117 0.02309  40  GLU A CG  
250 C CD  . GLU A 34 ? 0.59470 0.51821 0.73901 0.05383  -0.06777 0.02784  40  GLU A CD  
251 O OE1 . GLU A 34 ? 0.62254 0.53041 0.78466 0.05699  -0.09314 0.03486  40  GLU A OE1 
252 O OE2 . GLU A 34 ? 0.62372 0.56565 0.76787 0.05139  -0.05821 0.02506  40  GLU A OE2 
253 N N   . SER A 35 ? 0.49624 0.39178 0.50399 0.02416  -0.03326 0.03032  41  SER A N   
254 C CA  . SER A 35 ? 0.53076 0.39986 0.50603 0.01484  -0.03959 0.03821  41  SER A CA  
255 C C   . SER A 35 ? 0.39180 0.25328 0.33408 0.00537  -0.03816 0.04319  41  SER A C   
256 O O   . SER A 35 ? 0.43466 0.26544 0.34549 -0.00167 -0.04998 0.05157  41  SER A O   
257 C CB  . SER A 35 ? 0.57556 0.44415 0.54462 0.00964  -0.02719 0.03509  41  SER A CB  
258 O OG  . SER A 35 ? 0.67189 0.51284 0.61370 0.00013  -0.03214 0.04284  41  SER A OG  
259 N N   . PHE A 36 ? 0.40285 0.28721 0.34825 0.00456  -0.02371 0.03789  42  PHE A N   
260 C CA  . PHE A 36 ? 0.46601 0.34210 0.38268 -0.00294 -0.01955 0.04035  42  PHE A CA  
261 C C   . PHE A 36 ? 0.50995 0.37042 0.41671 -0.00125 -0.03881 0.04501  42  PHE A C   
262 O O   . PHE A 36 ? 0.53332 0.36455 0.39905 -0.01022 -0.04367 0.05031  42  PHE A O   
263 C CB  . PHE A 36 ? 0.42921 0.33283 0.35888 -0.00184 -0.00301 0.03335  42  PHE A CB  
264 C CG  . PHE A 36 ? 0.47178 0.38573 0.40765 -0.00678 0.01265  0.03034  42  PHE A CG  
265 C CD1 . PHE A 36 ? 0.52464 0.42314 0.43907 -0.01766 0.02377  0.03314  42  PHE A CD1 
266 C CD2 . PHE A 36 ? 0.47561 0.41210 0.43827 -0.00200 0.01617  0.02478  42  PHE A CD2 
267 C CE1 . PHE A 36 ? 0.56615 0.47737 0.49719 -0.02273 0.03718  0.03046  42  PHE A CE1 
268 C CE2 . PHE A 36 ? 0.53465 0.47939 0.50701 -0.00731 0.02507  0.02279  42  PHE A CE2 
269 C CZ  . PHE A 36 ? 0.56677 0.50191 0.52898 -0.01722 0.03518  0.02563  42  PHE A CZ  
270 N N   . ALA A 37 ? 0.41069 0.28787 0.35382 0.00891  -0.04938 0.04279  43  ALA A N   
271 C CA  . ALA A 37 ? 0.43647 0.30085 0.38035 0.01023  -0.07184 0.04767  43  ALA A CA  
272 C C   . ALA A 37 ? 0.45505 0.28091 0.37646 0.00617  -0.09585 0.05751  43  ALA A C   
273 O O   . ALA A 37 ? 0.50697 0.30203 0.39309 -0.00112 -0.11388 0.06434  43  ALA A O   
274 C CB  . ALA A 37 ? 0.39521 0.28747 0.39373 0.02146  -0.07564 0.04303  43  ALA A CB  
275 N N   . LYS A 38 ? 0.44377 0.26570 0.38114 0.01011  -0.09833 0.05861  44  LYS A N   
276 C CA  . LYS A 38 ? 0.49026 0.27180 0.40585 0.00626  -0.12334 0.06899  44  LYS A CA  
277 C C   . LYS A 38 ? 0.53601 0.27886 0.38116 -0.01020 -0.11924 0.07563  44  LYS A C   
278 O O   . LYS A 38 ? 0.58929 0.28805 0.39415 -0.01812 -0.14350 0.08576  44  LYS A O   
279 C CB  . LYS A 38 ? 0.48248 0.26744 0.42929 0.01397  -0.12278 0.06728  44  LYS A CB  
280 C CG  . LYS A 38 ? 0.63098 0.37097 0.54806 0.00816  -0.14373 0.07811  44  LYS A CG  
281 C CD  . LYS A 38 ? 0.68164 0.42693 0.63367 0.01710  -0.14064 0.07430  44  LYS A CD  
282 C CE  . LYS A 38 ? 0.79227 0.50442 0.69848 0.00510  -0.13736 0.08059  44  LYS A CE  
283 N NZ  . LYS A 38 ? 0.91483 0.57648 0.76543 -0.00751 -0.16086 0.09472  44  LYS A NZ  
284 N N   . ASP A 39 ? 0.58865 0.34461 0.41757 -0.01659 -0.08855 0.07000  45  ASP A N   
285 C CA  . ASP A 39 ? 0.64781 0.36764 0.41380 -0.03312 -0.07798 0.07467  45  ASP A CA  
286 C C   . ASP A 39 ? 0.69712 0.40235 0.42700 -0.03948 -0.07725 0.07410  45  ASP A C   
287 O O   . ASP A 39 ? 0.68225 0.34744 0.35116 -0.05430 -0.06917 0.07775  45  ASP A O   
288 C CB  . ASP A 39 ? 0.79294 0.53202 0.56340 -0.03831 -0.04540 0.06876  45  ASP A CB  
289 C CG  . ASP A 39 ? 1.15518 0.85284 0.87046 -0.05602 -0.03378 0.07502  45  ASP A CG  
290 O OD1 . ASP A 39 ? 1.28591 0.98324 1.00902 -0.05979 -0.02591 0.07634  45  ASP A OD1 
291 O OD2 . ASP A 39 ? 1.28027 0.94314 0.94198 -0.06752 -0.03036 0.07810  45  ASP A OD2 
292 N N   . GLY A 40 ? 0.55908 0.29107 0.32118 -0.02994 -0.08440 0.06937  46  GLY A N   
293 C CA  . GLY A 40 ? 0.58887 0.30469 0.31649 -0.03594 -0.08526 0.06819  46  GLY A CA  
294 C C   . GLY A 40 ? 0.65212 0.38873 0.37577 -0.03838 -0.05054 0.05844  46  GLY A C   
295 O O   . GLY A 40 ? 0.69700 0.41075 0.37986 -0.04591 -0.04462 0.05643  46  GLY A O   
296 N N   . THR A 41 ? 0.57951 0.35567 0.34441 -0.03241 -0.02881 0.05210  47  THR A N   
297 C CA  . THR A 41 ? 0.58584 0.38358 0.35790 -0.03365 0.00115  0.04339  47  THR A CA  
298 C C   . THR A 41 ? 0.58116 0.42421 0.40510 -0.02118 0.00327  0.03650  47  THR A C   
299 O O   . THR A 41 ? 0.61655 0.48242 0.45903 -0.01994 0.02380  0.02990  47  THR A O   
300 C CB  . THR A 41 ? 0.60192 0.40294 0.37663 -0.04012 0.02350  0.04252  47  THR A CB  
301 O OG1 . THR A 41 ? 0.63984 0.46663 0.45664 -0.03237 0.01626  0.04294  47  THR A OG1 
302 C CG2 . THR A 41 ? 0.71579 0.46674 0.43269 -0.05498 0.02452  0.04989  47  THR A CG2 
303 N N   . LEU A 42 ? 0.49524 0.35001 0.34465 -0.01260 -0.01734 0.03805  48  LEU A N   
304 C CA  . LEU A 42 ? 0.42328 0.31303 0.31215 -0.00338 -0.01453 0.03219  48  LEU A CA  
305 C C   . LEU A 42 ? 0.54943 0.42894 0.42242 -0.00478 -0.02236 0.03163  48  LEU A C   
306 O O   . LEU A 42 ? 0.55836 0.42423 0.42941 -0.00455 -0.04502 0.03634  48  LEU A O   
307 C CB  . LEU A 42 ? 0.42379 0.33218 0.35272 0.00554  -0.02589 0.03264  48  LEU A CB  
308 C CG  . LEU A 42 ? 0.47208 0.41181 0.43600 0.01276  -0.01893 0.02664  48  LEU A CG  
309 C CD1 . LEU A 42 ? 0.52183 0.47760 0.48981 0.01231  -0.00054 0.02166  48  LEU A CD1 
310 C CD2 . LEU A 42 ? 0.50420 0.45509 0.50338 0.02002  -0.02587 0.02610  48  LEU A CD2 
311 N N   . ILE A 43 ? 0.43297 0.31754 0.29762 -0.00632 -0.00528 0.02582  49  ILE A N   
312 C CA  . ILE A 43 ? 0.50739 0.37329 0.34538 -0.00980 -0.00919 0.02416  49  ILE A CA  
313 C C   . ILE A 43 ? 0.49326 0.38895 0.36496 -0.00251 -0.00493 0.01889  49  ILE A C   
314 O O   . ILE A 43 ? 0.46413 0.38180 0.35672 0.00113  0.01202  0.01414  49  ILE A O   
315 C CB  . ILE A 43 ? 0.55575 0.39278 0.34820 -0.01890 0.01072  0.02066  49  ILE A CB  
316 C CG1 . ILE A 43 ? 0.65444 0.45655 0.40631 -0.02875 0.00920  0.02672  49  ILE A CG1 
317 C CG2 . ILE A 43 ? 0.57829 0.39092 0.33827 -0.02258 0.00726  0.01736  49  ILE A CG2 
318 C CD1 . ILE A 43 ? 0.74693 0.51510 0.46863 -0.03318 -0.02244 0.03532  49  ILE A CD1 
319 N N   . LEU A 44 ? 0.47097 0.36566 0.34954 -0.00123 -0.02236 0.02049  50  LEU A N   
320 C CA  . LEU A 44 ? 0.48661 0.40059 0.38732 0.00293  -0.01925 0.01633  50  LEU A CA  
321 C C   . LEU A 44 ? 0.59072 0.47717 0.45553 -0.00254 -0.02184 0.01379  50  LEU A C   
322 O O   . LEU A 44 ? 0.60843 0.46546 0.44461 -0.00882 -0.04035 0.01773  50  LEU A O   
323 C CB  . LEU A 44 ? 0.52169 0.45551 0.46135 0.00706  -0.03342 0.01920  50  LEU A CB  
324 C CG  . LEU A 44 ? 0.66332 0.62662 0.63772 0.01312  -0.02144 0.01729  50  LEU A CG  
325 C CD1 . LEU A 44 ? 0.66875 0.64611 0.68002 0.01614  -0.03035 0.01932  50  LEU A CD1 
326 C CD2 . LEU A 44 ? 0.75103 0.72638 0.72975 0.01473  -0.00892 0.01284  50  LEU A CD2 
327 N N   . ARG A 45 ? 0.45807 0.34971 0.32256 -0.00052 -0.00511 0.00715  51  ARG A N   
328 C CA  A ARG A 45 ? 0.52418 0.38629 0.35251 -0.00527 -0.00401 0.00269  51  ARG A CA  
329 C CA  B ARG A 45 ? 0.52547 0.38750 0.35341 -0.00525 -0.00311 0.00249  51  ARG A CA  
330 C C   . ARG A 45 ? 0.55275 0.43214 0.40453 0.00047  0.00445  -0.00280 51  ARG A C   
331 O O   . ARG A 45 ? 0.45618 0.36636 0.34571 0.00698  0.01043  -0.00278 51  ARG A O   
332 C CB  A ARG A 45 ? 0.55553 0.38637 0.33928 -0.01149 0.01479  -0.00162 51  ARG A CB  
333 C CB  B ARG A 45 ? 0.56104 0.39464 0.34782 -0.01087 0.01734  -0.00210 51  ARG A CB  
334 C CG  A ARG A 45 ? 0.57774 0.43085 0.38659 -0.00699 0.04160  -0.00638 51  ARG A CG  
335 C CG  B ARG A 45 ? 0.57046 0.42958 0.38679 -0.00588 0.04227  -0.00615 51  ARG A CG  
336 C CD  A ARG A 45 ? 0.65325 0.47481 0.42189 -0.01464 0.06590  -0.01178 51  ARG A CD  
337 C CD  B ARG A 45 ? 0.63517 0.46766 0.41652 -0.01357 0.06429  -0.00934 51  ARG A CD  
338 N NE  A ARG A 45 ? 0.67903 0.52358 0.48360 -0.00940 0.09311  -0.01904 51  ARG A NE  
339 N NE  B ARG A 45 ? 0.67691 0.51794 0.47660 -0.01038 0.09359  -0.01896 51  ARG A NE  
340 C CZ  A ARG A 45 ? 0.69591 0.54631 0.51858 -0.00357 0.10574  -0.02740 51  ARG A CZ  
341 C CZ  B ARG A 45 ? 0.67405 0.55152 0.52651 -0.00350 0.10355  -0.02031 51  ARG A CZ  
342 N NH1 A ARG A 45 ? 0.68286 0.51619 0.48542 -0.00300 0.09519  -0.02984 51  ARG A NH1 
343 N NH1 B ARG A 45 ? 0.67696 0.58166 0.55947 -0.00004 0.08848  -0.01335 51  ARG A NH1 
344 N NH2 A ARG A 45 ? 0.70005 0.57271 0.56491 0.00170  0.12698  -0.03315 51  ARG A NH2 
345 N NH2 B ARG A 45 ? 0.68577 0.57018 0.56234 -0.00026 0.12781  -0.02904 51  ARG A NH2 
346 N N   . GLY A 46 ? 0.59270 0.44691 0.41755 -0.00284 0.00262  -0.00714 52  GLY A N   
347 C CA  . GLY A 46 ? 0.58846 0.45316 0.43255 0.00225  0.00797  -0.01192 52  GLY A CA  
348 C C   . GLY A 46 ? 0.56046 0.39000 0.36636 -0.00068 0.01835  -0.02060 52  GLY A C   
349 O O   . GLY A 46 ? 0.61875 0.40993 0.37517 -0.00916 0.01521  -0.02189 52  GLY A O   
350 N N   . ASP A 47 ? 0.48627 0.32427 0.31215 0.00602  0.03077  -0.02688 53  ASP A N   
351 C CA  . ASP A 47 ? 0.54271 0.34790 0.33921 0.00475  0.03868  -0.03609 53  ASP A CA  
352 C C   . ASP A 47 ? 0.55080 0.36768 0.37320 0.00877  0.02587  -0.03482 53  ASP A C   
353 O O   . ASP A 47 ? 0.53675 0.38242 0.39170 0.01018  0.01200  -0.02654 53  ASP A O   
354 C CB  . ASP A 47 ? 0.56493 0.36270 0.36160 0.00922  0.07077  -0.04690 53  ASP A CB  
355 C CG  . ASP A 47 ? 0.58407 0.42280 0.44186 0.02010  0.07986  -0.04658 53  ASP A CG  
356 O OD1 . ASP A 47 ? 0.52628 0.38284 0.41520 0.02602  0.06739  -0.04375 53  ASP A OD1 
357 O OD2 . ASP A 47 ? 0.58686 0.43660 0.45983 0.02145  0.09826  -0.04873 53  ASP A OD2 
358 N N   . THR A 48 ? 0.53363 0.32440 0.33878 0.00976  0.03228  -0.04345 54  THR A N   
359 C CA  . THR A 48 ? 0.54458 0.34007 0.36848 0.01171  0.01829  -0.04150 54  THR A CA  
360 C C   . THR A 48 ? 0.58410 0.41359 0.45825 0.02139  0.02167  -0.03851 54  THR A C   
361 O O   . THR A 48 ? 0.59807 0.43390 0.48783 0.02127  0.00833  -0.03373 54  THR A O   
362 C CB  . THR A 48 ? 0.62847 0.38392 0.42067 0.01081  0.02387  -0.05208 54  THR A CB  
363 O OG1 . THR A 48 ? 0.67154 0.42044 0.46938 0.01918  0.05254  -0.06350 54  THR A OG1 
364 C CG2 . THR A 48 ? 0.74328 0.45676 0.47657 -0.00165 0.01336  -0.05362 54  THR A CG2 
365 N N   . GLU A 49 ? 0.51957 0.36765 0.41741 0.02819  0.03739  -0.04053 55  GLU A N   
366 C CA  . GLU A 49 ? 0.51685 0.39204 0.45939 0.03627  0.03569  -0.03691 55  GLU A CA  
367 C C   . GLU A 49 ? 0.52971 0.43380 0.48998 0.03462  0.02847  -0.02751 55  GLU A C   
368 O O   . GLU A 49 ? 0.45254 0.37011 0.43094 0.03527  0.01663  -0.02063 55  GLU A O   
369 C CB  . GLU A 49 ? 0.59225 0.46848 0.56038 0.04568  0.05577  -0.04620 55  GLU A CB  
370 C CG  . GLU A 49 ? 0.81394 0.67314 0.79379 0.05297  0.05799  -0.05345 55  GLU A CG  
371 C CD  . GLU A 49 ? 1.00565 0.82780 0.94723 0.05072  0.07459  -0.06584 55  GLU A CD  
372 O OE1 . GLU A 49 ? 1.04769 0.85037 0.99205 0.05581  0.07568  -0.07251 55  GLU A OE1 
373 O OE2 . GLU A 49 ? 1.04519 0.85311 0.94991 0.04321  0.08573  -0.06883 55  GLU A OE2 
374 N N   . ASN A 50 ? 0.40838 0.31750 0.35906 0.03150  0.03560  -0.02709 56  ASN A N   
375 C CA  . ASN A 50 ? 0.34373 0.27798 0.31352 0.03137  0.03180  -0.02022 56  ASN A CA  
376 C C   . ASN A 50 ? 0.41075 0.34297 0.35908 0.02450  0.02743  -0.01621 56  ASN A C   
377 O O   . ASN A 50 ? 0.46174 0.37145 0.37873 0.01970  0.02915  -0.01900 56  ASN A O   
378 C CB  . ASN A 50 ? 0.48443 0.43150 0.48028 0.03673  0.04548  -0.02371 56  ASN A CB  
379 C CG  . ASN A 50 ? 0.57662 0.52310 0.60079 0.04477  0.04967  -0.02898 56  ASN A CG  
380 O OD1 . ASN A 50 ? 0.72977 0.66128 0.75133 0.04758  0.06582  -0.03829 56  ASN A OD1 
381 N ND2 . ASN A 50 ? 0.53855 0.49691 0.58776 0.04817  0.03495  -0.02334 56  ASN A ND2 
382 N N   . ALA A 51 ? 0.35554 0.30743 0.31920 0.02385  0.02086  -0.00975 57  ALA A N   
383 C CA  . ALA A 51 ? 0.38540 0.33966 0.34047 0.01984  0.01757  -0.00595 57  ALA A CA  
384 C C   . ALA A 51 ? 0.38057 0.34764 0.34834 0.02204  0.02709  -0.00599 57  ALA A C   
385 O O   . ALA A 51 ? 0.37781 0.35816 0.36832 0.02607  0.02984  -0.00644 57  ALA A O   
386 C CB  . ALA A 51 ? 0.35838 0.32392 0.32566 0.01750  0.00533  0.00003  57  ALA A CB  
387 N N   . TYR A 52 ? 0.35659 0.31650 0.30883 0.01840  0.02944  -0.00480 58  TYR A N   
388 C CA  . TYR A 52 ? 0.33670 0.30561 0.29871 0.01855  0.03857  -0.00456 58  TYR A CA  
389 C C   . TYR A 52 ? 0.42919 0.39727 0.38366 0.01540  0.03031  0.00082  58  TYR A C   
390 O O   . TYR A 52 ? 0.42543 0.37723 0.35884 0.01178  0.02068  0.00337  58  TYR A O   
391 C CB  . TYR A 52 ? 0.42702 0.38145 0.37560 0.01617  0.05694  -0.01009 58  TYR A CB  
392 C CG  . TYR A 52 ? 0.45684 0.40338 0.40761 0.01933  0.06737  -0.01739 58  TYR A CG  
393 C CD1 . TYR A 52 ? 0.56032 0.48163 0.47851 0.01665  0.06463  -0.02012 58  TYR A CD1 
394 C CD2 . TYR A 52 ? 0.42117 0.38303 0.40861 0.02495  0.07831  -0.02181 58  TYR A CD2 
395 C CE1 . TYR A 52 ? 0.53545 0.44587 0.45391 0.01991  0.07517  -0.02793 58  TYR A CE1 
396 C CE2 . TYR A 52 ? 0.45186 0.40554 0.44687 0.02934  0.08835  -0.02933 58  TYR A CE2 
397 C CZ  . TYR A 52 ? 0.54968 0.47679 0.50798 0.02697  0.08823  -0.03286 58  TYR A CZ  
398 O OH  . TYR A 52 ? 0.57115 0.48616 0.53469 0.03168  0.09924  -0.04153 58  TYR A OH  
399 N N   . LEU A 53 ? 0.36356 0.34657 0.33628 0.01673  0.03181  0.00256  59  LEU A N   
400 C CA  . LEU A 53 ? 0.39838 0.37916 0.36690 0.01459  0.02692  0.00655  59  LEU A CA  
401 C C   . LEU A 53 ? 0.39764 0.37764 0.36651 0.01173  0.03852  0.00571  59  LEU A C   
402 O O   . LEU A 53 ? 0.33218 0.32717 0.32423 0.01350  0.04341  0.00388  59  LEU A O   
403 C CB  . LEU A 53 ? 0.36349 0.35857 0.35151 0.01768  0.01978  0.00841  59  LEU A CB  
404 C CG  . LEU A 53 ? 0.42140 0.41339 0.41071 0.01735  0.01440  0.01143  59  LEU A CG  
405 C CD1 . LEU A 53 ? 0.34988 0.35080 0.35750 0.02047  0.00992  0.01146  59  LEU A CD1 
406 C CD2 . LEU A 53 ? 0.36035 0.35474 0.35263 0.01606  0.02041  0.01114  59  LEU A CD2 
407 N N   . GLU A 54 ? 0.38534 0.34480 0.32771 0.00601  0.04136  0.00758  60  GLU A N   
408 C CA  . GLU A 54 ? 0.43270 0.38572 0.36985 0.00037  0.05478  0.00752  60  GLU A CA  
409 C C   . GLU A 54 ? 0.48557 0.43184 0.41627 -0.00209 0.04523  0.01323  60  GLU A C   
410 O O   . GLU A 54 ? 0.49435 0.42681 0.40920 -0.00194 0.03016  0.01747  60  GLU A O   
411 C CB  . GLU A 54 ? 0.53878 0.46315 0.43909 -0.00718 0.06865  0.00550  60  GLU A CB  
412 C CG  . GLU A 54 ? 0.75857 0.68084 0.65908 -0.00590 0.08359  -0.00183 60  GLU A CG  
413 C CD  . GLU A 54 ? 0.98245 0.86817 0.83713 -0.01583 0.10225  -0.00476 60  GLU A CD  
414 O OE1 . GLU A 54 ? 0.99438 0.85720 0.81742 -0.02444 0.10156  0.00043  60  GLU A OE1 
415 O OE2 . GLU A 54 ? 1.08125 0.95681 0.92789 -0.01571 0.11827  -0.01240 60  GLU A OE2 
416 N N   . ALA A 55 ? 0.41861 0.37283 0.36431 -0.00467 0.05274  0.01340  61  ALA A N   
417 C CA  . ALA A 55 ? 0.46344 0.40770 0.40199 -0.00783 0.04591  0.01827  61  ALA A CA  
418 C C   . ALA A 55 ? 0.50681 0.43952 0.43569 -0.01769 0.06245  0.01889  61  ALA A C   
419 O O   . ALA A 55 ? 0.47745 0.42768 0.43430 -0.01904 0.07523  0.01517  61  ALA A O   
420 C CB  . ALA A 55 ? 0.46362 0.42672 0.43027 -0.00232 0.03758  0.01753  61  ALA A CB  
421 N N   . GLY A 56 ? 0.56497 0.46638 0.45575 -0.02550 0.06157  0.02399  62  GLY A N   
422 C CA  . GLY A 56 ? 0.59270 0.47807 0.46892 -0.03745 0.08060  0.02508  62  GLY A CA  
423 C C   . GLY A 56 ? 0.61445 0.50428 0.49682 -0.04164 0.10760  0.01822  62  GLY A C   
424 O O   . GLY A 56 ? 0.66409 0.56519 0.57234 -0.04735 0.12639  0.01584  62  GLY A O   
425 N N   . GLY A 57 ? 0.64655 0.52864 0.51138 -0.03861 0.11008  0.01429  63  GLY A N   
426 C CA  . GLY A 57 ? 0.67236 0.55375 0.54100 -0.04146 0.13776  0.00615  63  GLY A CA  
427 C C   . GLY A 57 ? 0.66401 0.58595 0.59453 -0.03176 0.14285  -0.00044 63  GLY A C   
428 O O   . GLY A 57 ? 0.75125 0.67518 0.69530 -0.03205 0.16600  -0.00823 63  GLY A O   
429 N N   . ASN A 58 ? 0.51724 0.46732 0.48386 -0.02361 0.12204  0.00214  64  ASN A N   
430 C CA  . ASN A 58 ? 0.51102 0.49304 0.53022 -0.01538 0.11973  -0.00216 64  ASN A CA  
431 C C   . ASN A 58 ? 0.47846 0.46754 0.49512 -0.00561 0.09896  -0.00159 64  ASN A C   
432 O O   . ASN A 58 ? 0.46240 0.44583 0.45933 -0.00403 0.08167  0.00313  64  ASN A O   
433 C CB  . ASN A 58 ? 0.55528 0.55766 0.61364 -0.01678 0.11220  0.00034  64  ASN A CB  
434 C CG  . ASN A 58 ? 0.72338 0.71617 0.78000 -0.02852 0.12930  0.00192  64  ASN A CG  
435 O OD1 . ASN A 58 ? 0.79257 0.77763 0.85002 -0.03484 0.15608  -0.00230 64  ASN A OD1 
436 N ND2 . ASN A 58 ? 0.74030 0.73064 0.79304 -0.03228 0.11626  0.00744  64  ASN A ND2 
437 N N   . VAL A 59 ? 0.46524 0.46609 0.50560 0.00069  0.10191  -0.00660 65  VAL A N   
438 C CA  . VAL A 59 ? 0.40669 0.41262 0.44517 0.00834  0.08418  -0.00583 65  VAL A CA  
439 C C   . VAL A 59 ? 0.42201 0.44457 0.48369 0.01128  0.06605  -0.00227 65  VAL A C   
440 O O   . VAL A 59 ? 0.43494 0.47183 0.53288 0.01234  0.06393  -0.00326 65  VAL A O   
441 C CB  . VAL A 59 ? 0.43931 0.44749 0.49286 0.01367  0.09203  -0.01196 65  VAL A CB  
442 C CG1 . VAL A 59 ? 0.35496 0.36677 0.40598 0.01986  0.07277  -0.00991 65  VAL A CG1 
443 C CG2 . VAL A 59 ? 0.50261 0.48609 0.52239 0.00954  0.11156  -0.01694 65  VAL A CG2 
444 N N   . LEU A 60 ? 0.33736 0.35530 0.37867 0.01203  0.05261  0.00156  66  LEU A N   
445 C CA  . LEU A 60 ? 0.32557 0.35091 0.37680 0.01373  0.03834  0.00361  66  LEU A CA  
446 C C   . LEU A 60 ? 0.39789 0.42560 0.45169 0.01821  0.02979  0.00316  66  LEU A C   
447 O O   . LEU A 60 ? 0.39551 0.42604 0.46096 0.01848  0.01930  0.00414  66  LEU A O   
448 C CB  . LEU A 60 ? 0.37605 0.39354 0.40755 0.01259  0.03270  0.00628  66  LEU A CB  
449 C CG  . LEU A 60 ? 0.47111 0.48364 0.50058 0.00791  0.03464  0.00799  66  LEU A CG  
450 C CD1 . LEU A 60 ? 0.44896 0.45286 0.46398 0.00941  0.02819  0.00956  66  LEU A CD1 
451 C CD2 . LEU A 60 ? 0.51136 0.53116 0.56235 0.00491  0.03087  0.00756  66  LEU A CD2 
452 N N   . VAL A 61 ? 0.39805 0.42033 0.43757 0.02038  0.03198  0.00235  67  VAL A N   
453 C CA  . VAL A 61 ? 0.34185 0.36334 0.38002 0.02314  0.02426  0.00273  67  VAL A CA  
454 C C   . VAL A 61 ? 0.34314 0.36019 0.37986 0.02556  0.02990  -0.00032 67  VAL A C   
455 O O   . VAL A 61 ? 0.36329 0.37158 0.38338 0.02391  0.03687  -0.00175 67  VAL A O   
456 C CB  . VAL A 61 ? 0.37253 0.38984 0.39459 0.02201  0.01979  0.00495  67  VAL A CB  
457 C CG1 . VAL A 61 ? 0.44219 0.45613 0.46099 0.02247  0.01465  0.00575  67  VAL A CG1 
458 C CG2 . VAL A 61 ? 0.44556 0.46243 0.46533 0.01993  0.01783  0.00601  67  VAL A CG2 
459 N N   . HIS A 62 ? 0.34528 0.36325 0.39522 0.02890  0.02516  -0.00120 68  HIS A N   
460 C CA  . HIS A 62 ? 0.37846 0.38790 0.42158 0.03123  0.02806  -0.00411 68  HIS A CA  
461 C C   . HIS A 62 ? 0.37625 0.38184 0.41751 0.03191  0.01556  -0.00094 68  HIS A C   
462 O O   . HIS A 62 ? 0.39928 0.40630 0.45036 0.03208  0.00562  0.00211  68  HIS A O   
463 C CB  . HIS A 62 ? 0.43977 0.44870 0.50198 0.03506  0.04033  -0.01039 68  HIS A CB  
464 C CG  . HIS A 62 ? 0.56967 0.58889 0.67031 0.03955  0.03414  -0.01047 68  HIS A CG  
465 N ND1 . HIS A 62 ? 0.66023 0.67504 0.77303 0.04419  0.02289  -0.00991 68  HIS A ND1 
466 C CD2 . HIS A 62 ? 0.69008 0.72195 0.82277 0.03966  0.03484  -0.01050 68  HIS A CD2 
467 C CE1 . HIS A 62 ? 0.76956 0.79306 0.92071 0.04754  0.01440  -0.00914 68  HIS A CE1 
468 N NE2 . HIS A 62 ? 0.78813 0.82349 0.95427 0.04469  0.02144  -0.00968 68  HIS A NE2 
469 N N   . ALA A 63 ? 0.29818 0.29506 0.32303 0.03051  0.01458  -0.00093 69  ALA A N   
470 C CA  . ALA A 63 ? 0.34211 0.33255 0.36144 0.02879  0.00527  0.00262  69  ALA A CA  
471 C C   . ALA A 63 ? 0.38953 0.36847 0.40321 0.02997  0.00525  -0.00015 69  ALA A C   
472 O O   . ALA A 63 ? 0.33141 0.30481 0.33358 0.02882  0.01028  -0.00338 69  ALA A O   
473 C CB  . ALA A 63 ? 0.35304 0.34513 0.36077 0.02305  0.00443  0.00639  69  ALA A CB  
474 N N   . ASP A 64 ? 0.35412 0.32459 0.37184 0.03143  -0.00250 0.00141  70  ASP A N   
475 C CA  . ASP A 64 ? 0.32717 0.28341 0.33755 0.03172  -0.00410 -0.00087 70  ASP A CA  
476 C C   . ASP A 64 ? 0.36234 0.31560 0.35612 0.02426  -0.00521 0.00126  70  ASP A C   
477 O O   . ASP A 64 ? 0.39023 0.35016 0.38265 0.01882  -0.00671 0.00621  70  ASP A O   
478 C CB  . ASP A 64 ? 0.36283 0.30782 0.37768 0.03275  -0.01569 0.00300  70  ASP A CB  
479 C CG  . ASP A 64 ? 0.41699 0.34475 0.42277 0.03194  -0.01873 0.00146  70  ASP A CG  
480 O OD1 . ASP A 64 ? 0.44290 0.36317 0.43457 0.02415  -0.02409 0.00685  70  ASP A OD1 
481 O OD2 . ASP A 64 ? 0.47550 0.39575 0.48876 0.03850  -0.01390 -0.00572 70  ASP A OD2 
482 N N   . ARG A 65 ? 0.36368 0.30487 0.34622 0.02347  -0.00433 -0.00306 71  ARG A N   
483 C CA  . ARG A 65 ? 0.36789 0.30640 0.34108 0.01588  -0.00985 -0.00071 71  ARG A CA  
484 C C   . ARG A 65 ? 0.44759 0.38374 0.42504 0.00964  -0.01644 0.00453  71  ARG A C   
485 O O   . ARG A 65 ? 0.45591 0.40050 0.44123 0.00307  -0.01818 0.00838  71  ARG A O   
486 C CB  . ARG A 65 ? 0.48616 0.40437 0.43879 0.01459  -0.01125 -0.00633 71  ARG A CB  
487 C CG  . ARG A 65 ? 0.54799 0.46205 0.48638 0.01616  -0.00332 -0.01048 71  ARG A CG  
488 C CD  . ARG A 65 ? 0.41789 0.33944 0.35498 0.01119  -0.01048 -0.00551 71  ARG A CD  
489 N NE  . ARG A 65 ? 0.50764 0.41993 0.44067 0.00382  -0.02650 -0.00231 71  ARG A NE  
490 C CZ  . ARG A 65 ? 0.58762 0.47539 0.49346 -0.00163 -0.03691 -0.00349 71  ARG A CZ  
491 N NH1 . ARG A 65 ? 0.58206 0.44852 0.45479 -0.00128 -0.02867 -0.00846 71  ARG A NH1 
492 N NH2 . ARG A 65 ? 0.66892 0.55022 0.57943 -0.00884 -0.05586 0.00038  71  ARG A NH2 
493 N N   . ASP A 66 ? 0.40458 0.32769 0.37938 0.01107  -0.01957 0.00465  72  ASP A N   
494 C CA  . ASP A 66 ? 0.39728 0.31377 0.37127 0.00315  -0.02428 0.01063  72  ASP A CA  
495 C C   . ASP A 66 ? 0.42804 0.35444 0.40460 -0.00090 -0.01930 0.01630  72  ASP A C   
496 O O   . ASP A 66 ? 0.40088 0.32994 0.38034 -0.01009 -0.01523 0.02015  72  ASP A O   
497 C CB  . ASP A 66 ? 0.44926 0.34481 0.41690 0.00587  -0.03076 0.01035  72  ASP A CB  
498 C CG  . ASP A 66 ? 0.65579 0.53461 0.61579 0.00747  -0.03389 0.00388  72  ASP A CG  
499 O OD1 . ASP A 66 ? 0.71517 0.57893 0.67474 0.01496  -0.03509 -0.00056 72  ASP A OD1 
500 O OD2 . ASP A 66 ? 0.75214 0.63036 0.70713 0.00109  -0.03619 0.00290  72  ASP A OD2 
501 N N   . TRP A 67 ? 0.41048 0.34008 0.38639 0.00500  -0.01862 0.01630  73  TRP A N   
502 C CA  . TRP A 67 ? 0.41796 0.35020 0.38741 0.00032  -0.01430 0.02059  73  TRP A CA  
503 C C   . TRP A 67 ? 0.37710 0.32705 0.35624 -0.00273 -0.00381 0.01931  73  TRP A C   
504 O O   . TRP A 67 ? 0.34712 0.29635 0.32342 -0.01058 0.00501  0.02183  73  TRP A O   
505 C CB  . TRP A 67 ? 0.40343 0.33502 0.37303 0.00705  -0.01987 0.02044  73  TRP A CB  
506 C CG  . TRP A 67 ? 0.40844 0.33544 0.36297 0.00154  -0.01798 0.02411  73  TRP A CG  
507 C CD1 . TRP A 67 ? 0.41669 0.31933 0.34654 -0.00497 -0.02559 0.02993  73  TRP A CD1 
508 C CD2 . TRP A 67 ? 0.41442 0.35525 0.37151 0.00120  -0.00847 0.02190  73  TRP A CD2 
509 N NE1 . TRP A 67 ? 0.48255 0.38090 0.39518 -0.01013 -0.02007 0.03068  73  TRP A NE1 
510 C CE2 . TRP A 67 ? 0.47012 0.39345 0.40219 -0.00567 -0.00890 0.02536  73  TRP A CE2 
511 C CE3 . TRP A 67 ? 0.46676 0.42821 0.44096 0.00541  -0.00088 0.01755  73  TRP A CE3 
512 C CZ2 . TRP A 67 ? 0.48412 0.41144 0.41016 -0.00764 0.00011  0.02321  73  TRP A CZ2 
513 C CZ3 . TRP A 67 ? 0.43587 0.40335 0.40824 0.00414  0.00637  0.01651  73  TRP A CZ3 
514 C CH2 . TRP A 67 ? 0.42482 0.37619 0.37459 -0.00190 0.00786  0.01864  73  TRP A CH2 
515 N N   . LEU A 68 ? 0.37004 0.33295 0.36043 0.00301  -0.00368 0.01517  74  LEU A N   
516 C CA  . LEU A 68 ? 0.33054 0.30821 0.33371 0.00150  0.00213  0.01453  74  LEU A CA  
517 C C   . LEU A 68 ? 0.38620 0.36667 0.40435 -0.00580 0.00242  0.01618  74  LEU A C   
518 O O   . LEU A 68 ? 0.32310 0.31368 0.35797 -0.00964 0.01116  0.01687  74  LEU A O   
519 C CB  . LEU A 68 ? 0.37165 0.35490 0.37681 0.00762  -0.00090 0.01112  74  LEU A CB  
520 C CG  . LEU A 68 ? 0.38162 0.37668 0.39948 0.00757  0.00095  0.01123  74  LEU A CG  
521 C CD1 . LEU A 68 ? 0.34884 0.35051 0.36760 0.00901  0.00948  0.01126  74  LEU A CD1 
522 C CD2 . LEU A 68 ? 0.35798 0.34853 0.36775 0.01061  -0.00492 0.00927  74  LEU A CD2 
523 N N   . ALA A 69 ? 0.38341 0.35443 0.39948 -0.00799 -0.00661 0.01620  75  ALA A N   
524 C CA  . ALA A 69 ? 0.40124 0.37468 0.43658 -0.01641 -0.00929 0.01833  75  ALA A CA  
525 C C   . ALA A 69 ? 0.41333 0.38539 0.45300 -0.02509 0.00343  0.02173  75  ALA A C   
526 O O   . ALA A 69 ? 0.47026 0.45430 0.53777 -0.03146 0.01207  0.02259  75  ALA A O   
527 C CB  . ALA A 69 ? 0.40260 0.35998 0.42799 -0.01814 -0.02305 0.01734  75  ALA A CB  
528 N N   . PHE A 70 ? 0.41882 0.37378 0.43177 -0.02609 0.00527  0.02373  76  PHE A N   
529 C CA  . PHE A 70 ? 0.42216 0.36627 0.42621 -0.03685 0.01802  0.02767  76  PHE A CA  
530 C C   . PHE A 70 ? 0.46985 0.42244 0.47764 -0.03872 0.03604  0.02621  76  PHE A C   
531 O O   . PHE A 70 ? 0.46205 0.41939 0.48748 -0.04769 0.05285  0.02623  76  PHE A O   
532 C CB  . PHE A 70 ? 0.41401 0.33152 0.38289 -0.03745 0.01107  0.03129  76  PHE A CB  
533 C CG  . PHE A 70 ? 0.55178 0.44786 0.49815 -0.05094 0.02283  0.03651  76  PHE A CG  
534 C CD1 . PHE A 70 ? 0.63082 0.51792 0.58215 -0.06260 0.02687  0.03988  76  PHE A CD1 
535 C CD2 . PHE A 70 ? 0.60992 0.49005 0.52566 -0.05380 0.02983  0.03816  76  PHE A CD2 
536 C CE1 . PHE A 70 ? 0.69598 0.55849 0.62124 -0.07744 0.04107  0.04496  76  PHE A CE1 
537 C CE2 . PHE A 70 ? 0.70003 0.55132 0.58331 -0.06875 0.04234  0.04297  76  PHE A CE2 
538 C CZ  . PHE A 70 ? 0.65455 0.49709 0.54225 -0.08074 0.04955  0.04643  76  PHE A CZ  
539 N N   . HIS A 71 ? 0.40710 0.36096 0.40119 -0.03065 0.03441  0.02413  77  HIS A N   
540 C CA  . HIS A 71 ? 0.51426 0.46995 0.50555 -0.03286 0.05157  0.02185  77  HIS A CA  
541 C C   . HIS A 71 ? 0.44130 0.42208 0.47495 -0.03043 0.06046  0.01788  77  HIS A C   
542 O O   . HIS A 71 ? 0.45538 0.43729 0.49643 -0.03447 0.08070  0.01497  77  HIS A O   
543 C CB  . HIS A 71 ? 0.48614 0.43454 0.45270 -0.02603 0.04456  0.02100  77  HIS A CB  
544 C CG  . HIS A 71 ? 0.63156 0.55011 0.55760 -0.03112 0.03766  0.02550  77  HIS A CG  
545 N ND1 . HIS A 71 ? 0.61588 0.52381 0.53483 -0.02905 0.02050  0.02926  77  HIS A ND1 
546 C CD2 . HIS A 71 ? 0.67064 0.56253 0.55867 -0.03905 0.04383  0.02714  77  HIS A CD2 
547 C CE1 . HIS A 71 ? 0.66807 0.54599 0.55085 -0.03468 0.01336  0.03406  77  HIS A CE1 
548 N NE2 . HIS A 71 ? 0.76014 0.62574 0.61939 -0.04173 0.02643  0.03320  77  HIS A NE2 
549 N N   . ALA A 72 ? 0.38041 0.37720 0.44073 -0.02446 0.04556  0.01752  78  ALA A N   
550 C CA  . ALA A 72 ? 0.43086 0.44821 0.53485 -0.02250 0.04809  0.01528  78  ALA A CA  
551 C C   . ALA A 72 ? 0.45701 0.48235 0.59869 -0.03179 0.05556  0.01636  78  ALA A C   
552 O O   . ALA A 72 ? 0.46053 0.50205 0.64548 -0.03228 0.06672  0.01383  78  ALA A O   
553 C CB  . ALA A 72 ? 0.39854 0.42246 0.50957 -0.01450 0.02620  0.01549  78  ALA A CB  
554 N N   . SER A 73 ? 0.42145 0.43594 0.55285 -0.03930 0.05010  0.01983  79  SER A N   
555 C CA  . SER A 73 ? 0.47226 0.49572 0.64539 -0.04928 0.05426  0.02137  79  SER A CA  
556 C C   . SER A 73 ? 0.51926 0.53215 0.68603 -0.06215 0.08217  0.02196  79  SER A C   
557 O O   . SER A 73 ? 0.54867 0.57319 0.76051 -0.07143 0.09405  0.02204  79  SER A O   
558 C CB  . SER A 73 ? 0.44883 0.46490 0.61904 -0.05163 0.02930  0.02471  79  SER A CB  
559 O OG  . SER A 73 ? 0.56812 0.56042 0.68971 -0.05285 0.02604  0.02669  79  SER A OG  
560 N N   . TYR A 74 ? 0.45435 0.44309 0.56707 -0.06427 0.09265  0.02265  80  TYR A N   
561 C CA  . TYR A 74 ? 0.55095 0.51958 0.64409 -0.07911 0.11949  0.02387  80  TYR A CA  
562 C C   . TYR A 74 ? 0.62814 0.58566 0.69731 -0.07996 0.14513  0.01902  80  TYR A C   
563 O O   . TYR A 74 ? 0.74823 0.68901 0.80579 -0.09335 0.17535  0.01769  80  TYR A O   
564 C CB  . TYR A 74 ? 0.53386 0.47020 0.57379 -0.08556 0.10808  0.03039  80  TYR A CB  
565 C CG  . TYR A 74 ? 0.51395 0.45298 0.57224 -0.08840 0.08875  0.03439  80  TYR A CG  
566 C CD1 . TYR A 74 ? 0.49732 0.43258 0.57534 -0.10389 0.10136  0.03736  80  TYR A CD1 
567 C CD2 . TYR A 74 ? 0.56314 0.50572 0.61785 -0.07667 0.05981  0.03449  80  TYR A CD2 
568 C CE1 . TYR A 74 ? 0.52173 0.45615 0.61452 -0.10746 0.08171  0.04086  80  TYR A CE1 
569 C CE2 . TYR A 74 ? 0.56762 0.50657 0.63267 -0.07976 0.04247  0.03686  80  TYR A CE2 
570 C CZ  . TYR A 74 ? 0.61902 0.55379 0.70287 -0.09506 0.05156  0.04029  80  TYR A CZ  
571 O OH  . TYR A 74 ? 0.65641 0.58458 0.74878 -0.09902 0.03244  0.04249  80  TYR A OH  
572 O O   . HOH B .  ? 0.56774 0.61069 1.03373 0.00446  -0.20604 0.04809  101 HOH A O   
573 O O   . HOH B .  ? 0.73900 0.65934 0.64387 -0.00646 -0.01392 0.01310  102 HOH A O   
574 O O   . HOH B .  ? 0.58844 0.58078 0.67192 0.04590  0.01563  -0.01014 103 HOH A O   
575 O O   . HOH B .  ? 0.66254 0.53461 0.56236 0.01156  0.15874  -0.05063 104 HOH A O   
576 O O   . HOH B .  ? 0.45814 0.49540 0.65594 -0.02324 -0.02374 0.02139  105 HOH A O   
577 O O   . HOH B .  ? 0.67378 0.44614 0.43368 -0.04001 -0.02307 -0.02026 106 HOH A O   
578 O O   . HOH B .  ? 0.50531 0.45394 0.49485 -0.00186 -0.03061 0.00801  107 HOH A O   
579 O O   . HOH B .  ? 0.61539 0.47385 0.43613 -0.03030 0.07359  0.01768  108 HOH A O   
580 O O   . HOH B .  ? 0.74341 0.65483 0.77819 0.03119  0.14526  -0.05428 109 HOH A O   
581 O O   . HOH B .  ? 0.58126 0.47975 0.55529 0.02871  -0.01060 -0.01110 110 HOH A O   
582 O O   . HOH B .  ? 0.65634 0.47348 0.46894 0.00534  0.12760  -0.04973 111 HOH A O   
583 O O   . HOH B .  ? 0.56926 0.45311 0.55400 0.01479  0.01514  -0.00861 112 HOH A O   
584 O O   . HOH B .  ? 0.74449 0.63719 0.97328 0.07494  -0.09848 0.02950  113 HOH A O   
585 O O   . HOH B .  ? 0.56646 0.53292 0.52927 0.00556  -0.00654 0.00949  114 HOH A O   
586 O O   . HOH B .  ? 0.69106 0.48459 0.56869 -0.00410 -0.13309 0.06379  115 HOH A O   
587 O O   . HOH B .  ? 0.64113 0.56116 0.62603 -0.01606 -0.07667 0.01235  116 HOH A O   
588 O O   . HOH B .  ? 0.63105 0.43811 0.45920 -0.01340 -0.07631 0.05144  117 HOH A O   
589 O O   . HOH B .  ? 0.56581 0.50135 0.62083 0.05341  0.01234  -0.02091 118 HOH A O   
590 O O   . HOH B .  ? 0.77252 0.57890 0.58170 -0.04693 0.02883  0.04966  119 HOH A O   
591 O O   . HOH B .  ? 0.55335 0.53260 0.56920 -0.02225 0.07053  0.01534  120 HOH A O   
592 O O   . HOH B .  ? 0.52627 0.55595 0.83078 -0.01549 -0.13702 0.03551  121 HOH A O   
593 O O   . HOH B .  ? 0.71220 0.58354 0.76160 0.03886  -0.03214 0.01966  122 HOH A O   
594 O O   . HOH B .  ? 0.84070 0.60318 0.63461 -0.03615 -0.11505 -0.00234 123 HOH A O   
595 O O   . HOH B .  ? 0.55918 0.58868 0.69154 0.00084  0.13698  -0.01785 124 HOH A O   
596 O O   . HOH B .  ? 0.69179 0.54083 0.52018 -0.02565 -0.02708 0.00012  125 HOH A O   
597 O O   . HOH B .  ? 0.70242 0.52990 0.52514 -0.01372 -0.07236 0.03368  126 HOH A O   
598 O O   . HOH B .  ? 0.65372 0.59269 0.82366 0.04836  -0.10318 0.03757  127 HOH A O   
599 O O   . HOH B .  ? 0.59807 0.50372 0.56490 -0.00614 0.00594  0.02655  128 HOH A O   
600 O O   . HOH B .  ? 0.48724 0.56531 0.82973 -0.01528 -0.04972 0.02381  129 HOH A O   
601 O O   . HOH B .  ? 0.59882 0.64532 0.76482 -0.00702 0.07779  0.00314  130 HOH A O   
602 O O   . HOH B .  ? 0.83526 0.85080 0.92419 -0.00595 0.09609  -0.00217 131 HOH A O   
603 O O   . HOH B .  ? 0.98310 0.82538 0.89943 -0.03381 -0.12368 0.01026  132 HOH A O   
604 O O   . HOH B .  ? 0.90317 0.66487 0.60570 -0.06312 0.10022  0.02561  133 HOH A O   
605 O O   . HOH B .  ? 0.56548 0.52219 0.57080 -0.03895 0.07839  0.02174  134 HOH A O   
606 O O   . HOH B .  ? 0.93497 0.70294 0.67170 -0.03573 0.01876  -0.02610 135 HOH A O   
607 O O   . HOH B .  ? 0.78559 0.72569 0.81485 0.02723  0.16593  -0.05249 136 HOH A O   
608 O O   . HOH B .  ? 0.74305 0.68203 0.78442 0.02468  0.13884  -0.04367 137 HOH A O   
# 
loop_
_pdbx_poly_seq_scheme.asym_id 
_pdbx_poly_seq_scheme.entity_id 
_pdbx_poly_seq_scheme.seq_id 
_pdbx_poly_seq_scheme.mon_id 
_pdbx_poly_seq_scheme.ndb_seq_num 
_pdbx_poly_seq_scheme.pdb_seq_num 
_pdbx_poly_seq_scheme.auth_seq_num 
_pdbx_poly_seq_scheme.pdb_mon_id 
_pdbx_poly_seq_scheme.auth_mon_id 
_pdbx_poly_seq_scheme.pdb_strand_id 
_pdbx_poly_seq_scheme.pdb_ins_code 
_pdbx_poly_seq_scheme.hetero 
A 1 1  PRO 1  7  7  PRO PRO A . n 
A 1 2  LEU 2  8  8  LEU LEU A . n 
A 1 3  THR 3  9  9  THR THR A . n 
A 1 4  ASN 4  10 10 ASN ASN A . n 
A 1 5  ASP 5  11 11 ASP ASP A . n 
A 1 6  GLU 6  12 12 GLU GLU A . n 
A 1 7  ARG 7  13 13 ARG ARG A . n 
A 1 8  GLN 8  14 14 GLN GLN A . n 
A 1 9  LEU 9  15 15 LEU LEU A . n 
A 1 10 MET 10 16 16 MET MET A . n 
A 1 11 HIS 11 17 17 HIS HIS A . n 
A 1 12 GLU 12 18 18 GLU GLU A . n 
A 1 13 LEU 13 19 19 LEU LEU A . n 
A 1 14 ALA 14 20 20 ALA ALA A . n 
A 1 15 VAL 15 21 21 VAL VAL A . n 
A 1 16 GLN 16 22 22 GLN GLN A . n 
A 1 17 VAL 17 23 23 VAL VAL A . n 
A 1 18 VAL 18 24 24 VAL VAL A . n 
A 1 19 CYS 19 25 25 CYS CYS A . n 
A 1 20 SER 20 26 26 SER SER A . n 
A 1 21 GLN 21 27 27 GLN GLN A . n 
A 1 22 THR 22 28 28 THR THR A . n 
A 1 23 GLY 23 29 29 GLY GLY A . n 
A 1 24 CYS 24 30 30 CYS CYS A . n 
A 1 25 SER 25 31 31 SER SER A . n 
A 1 26 PRO 26 32 32 PRO PRO A . n 
A 1 27 ASP 27 33 33 ASP ASP A . n 
A 1 28 ALA 28 34 34 ALA ALA A . n 
A 1 29 ALA 29 35 35 ALA ALA A . n 
A 1 30 VAL 30 36 36 VAL VAL A . n 
A 1 31 GLU 31 37 37 GLU GLU A . n 
A 1 32 ALA 32 38 38 ALA ALA A . n 
A 1 33 LEU 33 39 39 LEU LEU A . n 
A 1 34 GLU 34 40 40 GLU GLU A . n 
A 1 35 SER 35 41 41 SER SER A . n 
A 1 36 PHE 36 42 42 PHE PHE A . n 
A 1 37 ALA 37 43 43 ALA ALA A . n 
A 1 38 LYS 38 44 44 LYS LYS A . n 
A 1 39 ASP 39 45 45 ASP ASP A . n 
A 1 40 GLY 40 46 46 GLY GLY A . n 
A 1 41 THR 41 47 47 THR THR A . n 
A 1 42 LEU 42 48 48 LEU LEU A . n 
A 1 43 ILE 43 49 49 ILE ILE A . n 
A 1 44 LEU 44 50 50 LEU LEU A . n 
A 1 45 ARG 45 51 51 ARG ARG A . n 
A 1 46 GLY 46 52 52 GLY GLY A . n 
A 1 47 ASP 47 53 53 ASP ASP A . n 
A 1 48 THR 48 54 54 THR THR A . n 
A 1 49 GLU 49 55 55 GLU GLU A . n 
A 1 50 ASN 50 56 56 ASN ASN A . n 
A 1 51 ALA 51 57 57 ALA ALA A . n 
A 1 52 TYR 52 58 58 TYR TYR A . n 
A 1 53 LEU 53 59 59 LEU LEU A . n 
A 1 54 GLU 54 60 60 GLU GLU A . n 
A 1 55 ALA 55 61 61 ALA ALA A . n 
A 1 56 GLY 56 62 62 GLY GLY A . n 
A 1 57 GLY 57 63 63 GLY GLY A . n 
A 1 58 ASN 58 64 64 ASN ASN A . n 
A 1 59 VAL 59 65 65 VAL VAL A . n 
A 1 60 LEU 60 66 66 LEU LEU A . n 
A 1 61 VAL 61 67 67 VAL VAL A . n 
A 1 62 HIS 62 68 68 HIS HIS A . n 
A 1 63 ALA 63 69 69 ALA ALA A . n 
A 1 64 ASP 64 70 70 ASP ASP A . n 
A 1 65 ARG 65 71 71 ARG ARG A . n 
A 1 66 ASP 66 72 72 ASP ASP A . n 
A 1 67 TRP 67 73 73 TRP TRP A . n 
A 1 68 LEU 68 74 74 LEU LEU A . n 
A 1 69 ALA 69 75 75 ALA ALA A . n 
A 1 70 PHE 70 76 76 PHE PHE A . n 
A 1 71 HIS 71 77 77 HIS HIS A . n 
A 1 72 ALA 72 78 78 ALA ALA A . n 
A 1 73 SER 73 79 79 SER SER A . n 
A 1 74 TYR 74 80 80 TYR TYR A . n 
# 
loop_
_pdbx_nonpoly_scheme.asym_id 
_pdbx_nonpoly_scheme.entity_id 
_pdbx_nonpoly_scheme.mon_id 
_pdbx_nonpoly_scheme.ndb_seq_num 
_pdbx_nonpoly_scheme.pdb_seq_num 
_pdbx_nonpoly_scheme.auth_seq_num 
_pdbx_nonpoly_scheme.pdb_mon_id 
_pdbx_nonpoly_scheme.auth_mon_id 
_pdbx_nonpoly_scheme.pdb_strand_id 
_pdbx_nonpoly_scheme.pdb_ins_code 
B 2 HOH 1  101 33 HOH HOH A . 
B 2 HOH 2  102 28 HOH HOH A . 
B 2 HOH 3  103 29 HOH HOH A . 
B 2 HOH 4  104 11 HOH HOH A . 
B 2 HOH 5  105 8  HOH HOH A . 
B 2 HOH 6  106 6  HOH HOH A . 
B 2 HOH 7  107 1  HOH HOH A . 
B 2 HOH 8  108 2  HOH HOH A . 
B 2 HOH 9  109 31 HOH HOH A . 
B 2 HOH 10 110 4  HOH HOH A . 
B 2 HOH 11 111 27 HOH HOH A . 
B 2 HOH 12 112 7  HOH HOH A . 
B 2 HOH 13 113 23 HOH HOH A . 
B 2 HOH 14 114 24 HOH HOH A . 
B 2 HOH 15 115 3  HOH HOH A . 
B 2 HOH 16 116 12 HOH HOH A . 
B 2 HOH 17 117 9  HOH HOH A . 
B 2 HOH 18 118 35 HOH HOH A . 
B 2 HOH 19 119 13 HOH HOH A . 
B 2 HOH 20 120 5  HOH HOH A . 
B 2 HOH 21 121 36 HOH HOH A . 
B 2 HOH 22 122 15 HOH HOH A . 
B 2 HOH 23 123 20 HOH HOH A . 
B 2 HOH 24 124 25 HOH HOH A . 
B 2 HOH 25 125 14 HOH HOH A . 
B 2 HOH 26 126 17 HOH HOH A . 
B 2 HOH 27 127 21 HOH HOH A . 
B 2 HOH 28 128 10 HOH HOH A . 
B 2 HOH 29 129 16 HOH HOH A . 
B 2 HOH 30 130 30 HOH HOH A . 
B 2 HOH 31 131 32 HOH HOH A . 
B 2 HOH 32 132 22 HOH HOH A . 
B 2 HOH 33 133 34 HOH HOH A . 
B 2 HOH 34 134 19 HOH HOH A . 
B 2 HOH 35 135 37 HOH HOH A . 
B 2 HOH 36 136 26 HOH HOH A . 
B 2 HOH 37 137 38 HOH HOH A . 
# 
_pdbx_struct_assembly.id                   1 
_pdbx_struct_assembly.details              author_defined_assembly 
_pdbx_struct_assembly.method_details       ? 
_pdbx_struct_assembly.oligomeric_details   monomeric 
_pdbx_struct_assembly.oligomeric_count     1 
# 
_pdbx_struct_assembly_gen.assembly_id       1 
_pdbx_struct_assembly_gen.oper_expression   1 
_pdbx_struct_assembly_gen.asym_id_list      A,B 
# 
loop_
_pdbx_struct_assembly_prop.biol_id 
_pdbx_struct_assembly_prop.type 
_pdbx_struct_assembly_prop.value 
_pdbx_struct_assembly_prop.details 
1 'ABSA (A^2)' 0    ? 
1 MORE         0    ? 
1 'SSA (A^2)'  4870 ? 
# 
_pdbx_struct_oper_list.id                   1 
_pdbx_struct_oper_list.type                 'identity operation' 
_pdbx_struct_oper_list.name                 1_555 
_pdbx_struct_oper_list.symmetry_operation   x,y,z 
_pdbx_struct_oper_list.matrix[1][1]         1.0000000000 
_pdbx_struct_oper_list.matrix[1][2]         0.0000000000 
_pdbx_struct_oper_list.matrix[1][3]         0.0000000000 
_pdbx_struct_oper_list.vector[1]            0.0000000000 
_pdbx_struct_oper_list.matrix[2][1]         0.0000000000 
_pdbx_struct_oper_list.matrix[2][2]         1.0000000000 
_pdbx_struct_oper_list.matrix[2][3]         0.0000000000 
_pdbx_struct_oper_list.vector[2]            0.0000000000 
_pdbx_struct_oper_list.matrix[3][1]         0.0000000000 
_pdbx_struct_oper_list.matrix[3][2]         0.0000000000 
_pdbx_struct_oper_list.matrix[3][3]         1.0000000000 
_pdbx_struct_oper_list.vector[3]            0.0000000000 
# 
loop_
_pdbx_audit_revision_history.ordinal 
_pdbx_audit_revision_history.data_content_type 
_pdbx_audit_revision_history.major_revision 
_pdbx_audit_revision_history.minor_revision 
_pdbx_audit_revision_history.revision_date 
1 'Structure model' 1 0 2020-11-04 
2 'Structure model' 1 1 2023-11-22 
# 
_pdbx_audit_revision_details.ordinal             1 
_pdbx_audit_revision_details.revision_ordinal    1 
_pdbx_audit_revision_details.data_content_type   'Structure model' 
_pdbx_audit_revision_details.provider            repository 
_pdbx_audit_revision_details.type                'Initial release' 
_pdbx_audit_revision_details.description         ? 
_pdbx_audit_revision_details.details             ? 
# 
loop_
_pdbx_audit_revision_group.ordinal 
_pdbx_audit_revision_group.revision_ordinal 
_pdbx_audit_revision_group.data_content_type 
_pdbx_audit_revision_group.group 
1 2 'Structure model' 'Data collection'        
2 2 'Structure model' 'Database references'    
3 2 'Structure model' 'Refinement description' 
# 
loop_
_pdbx_audit_revision_category.ordinal 
_pdbx_audit_revision_category.revision_ordinal 
_pdbx_audit_revision_category.data_content_type 
_pdbx_audit_revision_category.category 
1 2 'Structure model' chem_comp_atom                
2 2 'Structure model' chem_comp_bond                
3 2 'Structure model' database_2                    
4 2 'Structure model' pdbx_initial_refinement_model 
# 
loop_
_pdbx_audit_revision_item.ordinal 
_pdbx_audit_revision_item.revision_ordinal 
_pdbx_audit_revision_item.data_content_type 
_pdbx_audit_revision_item.item 
1 2 'Structure model' '_database_2.pdbx_DOI'                
2 2 'Structure model' '_database_2.pdbx_database_accession' 
# 
loop_
_space_group_symop.id 
_space_group_symop.operation_xyz 
1 x,y,z       
2 -x,y+1/2,-z 
# 
_pdbx_refine_tls.id               1 
_pdbx_refine_tls.pdbx_refine_id   'X-RAY DIFFRACTION' 
_pdbx_refine_tls.details          ? 
_pdbx_refine_tls.method           refined 
_pdbx_refine_tls.origin_x         -0.2040700213 
_pdbx_refine_tls.origin_y         -0.721975988 
_pdbx_refine_tls.origin_z         -0.094094197409 
_pdbx_refine_tls.T[1][1]          0.229954667754 
_pdbx_refine_tls.T[1][1]_esd      ? 
_pdbx_refine_tls.T[1][2]          0.020948270060 
_pdbx_refine_tls.T[1][2]_esd      ? 
_pdbx_refine_tls.T[1][3]          0.014306746284 
_pdbx_refine_tls.T[1][3]_esd      ? 
_pdbx_refine_tls.T[2][2]          0.240504929316 
_pdbx_refine_tls.T[2][2]_esd      ? 
_pdbx_refine_tls.T[2][3]          0.008751565150 
_pdbx_refine_tls.T[2][3]_esd      ? 
_pdbx_refine_tls.T[3][3]          0.243076311660 
_pdbx_refine_tls.T[3][3]_esd      ? 
_pdbx_refine_tls.L[1][1]          1.30805330848 
_pdbx_refine_tls.L[1][1]_esd      ? 
_pdbx_refine_tls.L[1][2]          1.21177755349 
_pdbx_refine_tls.L[1][2]_esd      ? 
_pdbx_refine_tls.L[1][3]          0.44283109709 
_pdbx_refine_tls.L[1][3]_esd      ? 
_pdbx_refine_tls.L[2][2]          6.24333942998 
_pdbx_refine_tls.L[2][2]_esd      ? 
_pdbx_refine_tls.L[2][3]          0.11979793486 
_pdbx_refine_tls.L[2][3]_esd      ? 
_pdbx_refine_tls.L[3][3]          1.56965450933 
_pdbx_refine_tls.L[3][3]_esd      ? 
_pdbx_refine_tls.S[1][1]          -0.002460839512 
_pdbx_refine_tls.S[1][1]_esd      ? 
_pdbx_refine_tls.S[1][2]          0.026360674512 
_pdbx_refine_tls.S[1][2]_esd      ? 
_pdbx_refine_tls.S[1][3]          0.055543835943 
_pdbx_refine_tls.S[1][3]_esd      ? 
_pdbx_refine_tls.S[2][1]          -0.175214464447 
_pdbx_refine_tls.S[2][1]_esd      ? 
_pdbx_refine_tls.S[2][2]          0.021263759017 
_pdbx_refine_tls.S[2][2]_esd      ? 
_pdbx_refine_tls.S[2][3]          0.181885502954 
_pdbx_refine_tls.S[2][3]_esd      ? 
_pdbx_refine_tls.S[3][1]          -0.013494853310 
_pdbx_refine_tls.S[3][1]_esd      ? 
_pdbx_refine_tls.S[3][2]          -0.016646355156 
_pdbx_refine_tls.S[3][2]_esd      ? 
_pdbx_refine_tls.S[3][3]          -0.023250292738 
_pdbx_refine_tls.S[3][3]_esd      ? 
# 
_pdbx_refine_tls_group.id                  1 
_pdbx_refine_tls_group.pdbx_refine_id      'X-RAY DIFFRACTION' 
_pdbx_refine_tls_group.refine_tls_id       1 
_pdbx_refine_tls_group.beg_label_asym_id   ? 
_pdbx_refine_tls_group.beg_label_seq_id    ? 
_pdbx_refine_tls_group.beg_auth_asym_id    ? 
_pdbx_refine_tls_group.beg_auth_seq_id     ? 
_pdbx_refine_tls_group.end_label_asym_id   ? 
_pdbx_refine_tls_group.end_label_seq_id    ? 
_pdbx_refine_tls_group.end_auth_asym_id    ? 
_pdbx_refine_tls_group.end_auth_seq_id     ? 
_pdbx_refine_tls_group.selection           ? 
_pdbx_refine_tls_group.selection_details   all 
# 
loop_
_software.citation_id 
_software.classification 
_software.compiler_name 
_software.compiler_version 
_software.contact_author 
_software.contact_author_email 
_software.date 
_software.description 
_software.dependencies 
_software.hardware 
_software.language 
_software.location 
_software.mods 
_software.name 
_software.os 
_software.os_version 
_software.type 
_software.version 
_software.pdbx_ordinal 
? refinement       ? ? ? ? ? ? ? ? ? ? ? PHENIX  ? ? ? 1.10.1_2155 1 
? 'data reduction' ? ? ? ? ? ? ? ? ? ? ? MOSFLM  ? ? ? .           2 
? 'data scaling'   ? ? ? ? ? ? ? ? ? ? ? Aimless ? ? ? .           3 
? phasing          ? ? ? ? ? ? ? ? ? ? ? PHASER  ? ? ? .           4 
# 
loop_
_chem_comp_atom.comp_id 
_chem_comp_atom.atom_id 
_chem_comp_atom.type_symbol 
_chem_comp_atom.pdbx_aromatic_flag 
_chem_comp_atom.pdbx_stereo_config 
_chem_comp_atom.pdbx_ordinal 
ALA N    N N N 1   
ALA CA   C N S 2   
ALA C    C N N 3   
ALA O    O N N 4   
ALA CB   C N N 5   
ALA OXT  O N N 6   
ALA H    H N N 7   
ALA H2   H N N 8   
ALA HA   H N N 9   
ALA HB1  H N N 10  
ALA HB2  H N N 11  
ALA HB3  H N N 12  
ALA HXT  H N N 13  
ARG N    N N N 14  
ARG CA   C N S 15  
ARG C    C N N 16  
ARG O    O N N 17  
ARG CB   C N N 18  
ARG CG   C N N 19  
ARG CD   C N N 20  
ARG NE   N N N 21  
ARG CZ   C N N 22  
ARG NH1  N N N 23  
ARG NH2  N N N 24  
ARG OXT  O N N 25  
ARG H    H N N 26  
ARG H2   H N N 27  
ARG HA   H N N 28  
ARG HB2  H N N 29  
ARG HB3  H N N 30  
ARG HG2  H N N 31  
ARG HG3  H N N 32  
ARG HD2  H N N 33  
ARG HD3  H N N 34  
ARG HE   H N N 35  
ARG HH11 H N N 36  
ARG HH12 H N N 37  
ARG HH21 H N N 38  
ARG HH22 H N N 39  
ARG HXT  H N N 40  
ASN N    N N N 41  
ASN CA   C N S 42  
ASN C    C N N 43  
ASN O    O N N 44  
ASN CB   C N N 45  
ASN CG   C N N 46  
ASN OD1  O N N 47  
ASN ND2  N N N 48  
ASN OXT  O N N 49  
ASN H    H N N 50  
ASN H2   H N N 51  
ASN HA   H N N 52  
ASN HB2  H N N 53  
ASN HB3  H N N 54  
ASN HD21 H N N 55  
ASN HD22 H N N 56  
ASN HXT  H N N 57  
ASP N    N N N 58  
ASP CA   C N S 59  
ASP C    C N N 60  
ASP O    O N N 61  
ASP CB   C N N 62  
ASP CG   C N N 63  
ASP OD1  O N N 64  
ASP OD2  O N N 65  
ASP OXT  O N N 66  
ASP H    H N N 67  
ASP H2   H N N 68  
ASP HA   H N N 69  
ASP HB2  H N N 70  
ASP HB3  H N N 71  
ASP HD2  H N N 72  
ASP HXT  H N N 73  
CYS N    N N N 74  
CYS CA   C N R 75  
CYS C    C N N 76  
CYS O    O N N 77  
CYS CB   C N N 78  
CYS SG   S N N 79  
CYS OXT  O N N 80  
CYS H    H N N 81  
CYS H2   H N N 82  
CYS HA   H N N 83  
CYS HB2  H N N 84  
CYS HB3  H N N 85  
CYS HG   H N N 86  
CYS HXT  H N N 87  
GLN N    N N N 88  
GLN CA   C N S 89  
GLN C    C N N 90  
GLN O    O N N 91  
GLN CB   C N N 92  
GLN CG   C N N 93  
GLN CD   C N N 94  
GLN OE1  O N N 95  
GLN NE2  N N N 96  
GLN OXT  O N N 97  
GLN H    H N N 98  
GLN H2   H N N 99  
GLN HA   H N N 100 
GLN HB2  H N N 101 
GLN HB3  H N N 102 
GLN HG2  H N N 103 
GLN HG3  H N N 104 
GLN HE21 H N N 105 
GLN HE22 H N N 106 
GLN HXT  H N N 107 
GLU N    N N N 108 
GLU CA   C N S 109 
GLU C    C N N 110 
GLU O    O N N 111 
GLU CB   C N N 112 
GLU CG   C N N 113 
GLU CD   C N N 114 
GLU OE1  O N N 115 
GLU OE2  O N N 116 
GLU OXT  O N N 117 
GLU H    H N N 118 
GLU H2   H N N 119 
GLU HA   H N N 120 
GLU HB2  H N N 121 
GLU HB3  H N N 122 
GLU HG2  H N N 123 
GLU HG3  H N N 124 
GLU HE2  H N N 125 
GLU HXT  H N N 126 
GLY N    N N N 127 
GLY CA   C N N 128 
GLY C    C N N 129 
GLY O    O N N 130 
GLY OXT  O N N 131 
GLY H    H N N 132 
GLY H2   H N N 133 
GLY HA2  H N N 134 
GLY HA3  H N N 135 
GLY HXT  H N N 136 
HIS N    N N N 137 
HIS CA   C N S 138 
HIS C    C N N 139 
HIS O    O N N 140 
HIS CB   C N N 141 
HIS CG   C Y N 142 
HIS ND1  N Y N 143 
HIS CD2  C Y N 144 
HIS CE1  C Y N 145 
HIS NE2  N Y N 146 
HIS OXT  O N N 147 
HIS H    H N N 148 
HIS H2   H N N 149 
HIS HA   H N N 150 
HIS HB2  H N N 151 
HIS HB3  H N N 152 
HIS HD1  H N N 153 
HIS HD2  H N N 154 
HIS HE1  H N N 155 
HIS HE2  H N N 156 
HIS HXT  H N N 157 
HOH O    O N N 158 
HOH H1   H N N 159 
HOH H2   H N N 160 
ILE N    N N N 161 
ILE CA   C N S 162 
ILE C    C N N 163 
ILE O    O N N 164 
ILE CB   C N S 165 
ILE CG1  C N N 166 
ILE CG2  C N N 167 
ILE CD1  C N N 168 
ILE OXT  O N N 169 
ILE H    H N N 170 
ILE H2   H N N 171 
ILE HA   H N N 172 
ILE HB   H N N 173 
ILE HG12 H N N 174 
ILE HG13 H N N 175 
ILE HG21 H N N 176 
ILE HG22 H N N 177 
ILE HG23 H N N 178 
ILE HD11 H N N 179 
ILE HD12 H N N 180 
ILE HD13 H N N 181 
ILE HXT  H N N 182 
LEU N    N N N 183 
LEU CA   C N S 184 
LEU C    C N N 185 
LEU O    O N N 186 
LEU CB   C N N 187 
LEU CG   C N N 188 
LEU CD1  C N N 189 
LEU CD2  C N N 190 
LEU OXT  O N N 191 
LEU H    H N N 192 
LEU H2   H N N 193 
LEU HA   H N N 194 
LEU HB2  H N N 195 
LEU HB3  H N N 196 
LEU HG   H N N 197 
LEU HD11 H N N 198 
LEU HD12 H N N 199 
LEU HD13 H N N 200 
LEU HD21 H N N 201 
LEU HD22 H N N 202 
LEU HD23 H N N 203 
LEU HXT  H N N 204 
LYS N    N N N 205 
LYS CA   C N S 206 
LYS C    C N N 207 
LYS O    O N N 208 
LYS CB   C N N 209 
LYS CG   C N N 210 
LYS CD   C N N 211 
LYS CE   C N N 212 
LYS NZ   N N N 213 
LYS OXT  O N N 214 
LYS H    H N N 215 
LYS H2   H N N 216 
LYS HA   H N N 217 
LYS HB2  H N N 218 
LYS HB3  H N N 219 
LYS HG2  H N N 220 
LYS HG3  H N N 221 
LYS HD2  H N N 222 
LYS HD3  H N N 223 
LYS HE2  H N N 224 
LYS HE3  H N N 225 
LYS HZ1  H N N 226 
LYS HZ2  H N N 227 
LYS HZ3  H N N 228 
LYS HXT  H N N 229 
MET N    N N N 230 
MET CA   C N S 231 
MET C    C N N 232 
MET O    O N N 233 
MET CB   C N N 234 
MET CG   C N N 235 
MET SD   S N N 236 
MET CE   C N N 237 
MET OXT  O N N 238 
MET H    H N N 239 
MET H2   H N N 240 
MET HA   H N N 241 
MET HB2  H N N 242 
MET HB3  H N N 243 
MET HG2  H N N 244 
MET HG3  H N N 245 
MET HE1  H N N 246 
MET HE2  H N N 247 
MET HE3  H N N 248 
MET HXT  H N N 249 
PHE N    N N N 250 
PHE CA   C N S 251 
PHE C    C N N 252 
PHE O    O N N 253 
PHE CB   C N N 254 
PHE CG   C Y N 255 
PHE CD1  C Y N 256 
PHE CD2  C Y N 257 
PHE CE1  C Y N 258 
PHE CE2  C Y N 259 
PHE CZ   C Y N 260 
PHE OXT  O N N 261 
PHE H    H N N 262 
PHE H2   H N N 263 
PHE HA   H N N 264 
PHE HB2  H N N 265 
PHE HB3  H N N 266 
PHE HD1  H N N 267 
PHE HD2  H N N 268 
PHE HE1  H N N 269 
PHE HE2  H N N 270 
PHE HZ   H N N 271 
PHE HXT  H N N 272 
PRO N    N N N 273 
PRO CA   C N S 274 
PRO C    C N N 275 
PRO O    O N N 276 
PRO CB   C N N 277 
PRO CG   C N N 278 
PRO CD   C N N 279 
PRO OXT  O N N 280 
PRO H    H N N 281 
PRO HA   H N N 282 
PRO HB2  H N N 283 
PRO HB3  H N N 284 
PRO HG2  H N N 285 
PRO HG3  H N N 286 
PRO HD2  H N N 287 
PRO HD3  H N N 288 
PRO HXT  H N N 289 
SER N    N N N 290 
SER CA   C N S 291 
SER C    C N N 292 
SER O    O N N 293 
SER CB   C N N 294 
SER OG   O N N 295 
SER OXT  O N N 296 
SER H    H N N 297 
SER H2   H N N 298 
SER HA   H N N 299 
SER HB2  H N N 300 
SER HB3  H N N 301 
SER HG   H N N 302 
SER HXT  H N N 303 
THR N    N N N 304 
THR CA   C N S 305 
THR C    C N N 306 
THR O    O N N 307 
THR CB   C N R 308 
THR OG1  O N N 309 
THR CG2  C N N 310 
THR OXT  O N N 311 
THR H    H N N 312 
THR H2   H N N 313 
THR HA   H N N 314 
THR HB   H N N 315 
THR HG1  H N N 316 
THR HG21 H N N 317 
THR HG22 H N N 318 
THR HG23 H N N 319 
THR HXT  H N N 320 
TRP N    N N N 321 
TRP CA   C N S 322 
TRP C    C N N 323 
TRP O    O N N 324 
TRP CB   C N N 325 
TRP CG   C Y N 326 
TRP CD1  C Y N 327 
TRP CD2  C Y N 328 
TRP NE1  N Y N 329 
TRP CE2  C Y N 330 
TRP CE3  C Y N 331 
TRP CZ2  C Y N 332 
TRP CZ3  C Y N 333 
TRP CH2  C Y N 334 
TRP OXT  O N N 335 
TRP H    H N N 336 
TRP H2   H N N 337 
TRP HA   H N N 338 
TRP HB2  H N N 339 
TRP HB3  H N N 340 
TRP HD1  H N N 341 
TRP HE1  H N N 342 
TRP HE3  H N N 343 
TRP HZ2  H N N 344 
TRP HZ3  H N N 345 
TRP HH2  H N N 346 
TRP HXT  H N N 347 
TYR N    N N N 348 
TYR CA   C N S 349 
TYR C    C N N 350 
TYR O    O N N 351 
TYR CB   C N N 352 
TYR CG   C Y N 353 
TYR CD1  C Y N 354 
TYR CD2  C Y N 355 
TYR CE1  C Y N 356 
TYR CE2  C Y N 357 
TYR CZ   C Y N 358 
TYR OH   O N N 359 
TYR OXT  O N N 360 
TYR H    H N N 361 
TYR H2   H N N 362 
TYR HA   H N N 363 
TYR HB2  H N N 364 
TYR HB3  H N N 365 
TYR HD1  H N N 366 
TYR HD2  H N N 367 
TYR HE1  H N N 368 
TYR HE2  H N N 369 
TYR HH   H N N 370 
TYR HXT  H N N 371 
VAL N    N N N 372 
VAL CA   C N S 373 
VAL C    C N N 374 
VAL O    O N N 375 
VAL CB   C N N 376 
VAL CG1  C N N 377 
VAL CG2  C N N 378 
VAL OXT  O N N 379 
VAL H    H N N 380 
VAL H2   H N N 381 
VAL HA   H N N 382 
VAL HB   H N N 383 
VAL HG11 H N N 384 
VAL HG12 H N N 385 
VAL HG13 H N N 386 
VAL HG21 H N N 387 
VAL HG22 H N N 388 
VAL HG23 H N N 389 
VAL HXT  H N N 390 
# 
loop_
_chem_comp_bond.comp_id 
_chem_comp_bond.atom_id_1 
_chem_comp_bond.atom_id_2 
_chem_comp_bond.value_order 
_chem_comp_bond.pdbx_aromatic_flag 
_chem_comp_bond.pdbx_stereo_config 
_chem_comp_bond.pdbx_ordinal 
ALA N   CA   sing N N 1   
ALA N   H    sing N N 2   
ALA N   H2   sing N N 3   
ALA CA  C    sing N N 4   
ALA CA  CB   sing N N 5   
ALA CA  HA   sing N N 6   
ALA C   O    doub N N 7   
ALA C   OXT  sing N N 8   
ALA CB  HB1  sing N N 9   
ALA CB  HB2  sing N N 10  
ALA CB  HB3  sing N N 11  
ALA OXT HXT  sing N N 12  
ARG N   CA   sing N N 13  
ARG N   H    sing N N 14  
ARG N   H2   sing N N 15  
ARG CA  C    sing N N 16  
ARG CA  CB   sing N N 17  
ARG CA  HA   sing N N 18  
ARG C   O    doub N N 19  
ARG C   OXT  sing N N 20  
ARG CB  CG   sing N N 21  
ARG CB  HB2  sing N N 22  
ARG CB  HB3  sing N N 23  
ARG CG  CD   sing N N 24  
ARG CG  HG2  sing N N 25  
ARG CG  HG3  sing N N 26  
ARG CD  NE   sing N N 27  
ARG CD  HD2  sing N N 28  
ARG CD  HD3  sing N N 29  
ARG NE  CZ   sing N N 30  
ARG NE  HE   sing N N 31  
ARG CZ  NH1  sing N N 32  
ARG CZ  NH2  doub N N 33  
ARG NH1 HH11 sing N N 34  
ARG NH1 HH12 sing N N 35  
ARG NH2 HH21 sing N N 36  
ARG NH2 HH22 sing N N 37  
ARG OXT HXT  sing N N 38  
ASN N   CA   sing N N 39  
ASN N   H    sing N N 40  
ASN N   H2   sing N N 41  
ASN CA  C    sing N N 42  
ASN CA  CB   sing N N 43  
ASN CA  HA   sing N N 44  
ASN C   O    doub N N 45  
ASN C   OXT  sing N N 46  
ASN CB  CG   sing N N 47  
ASN CB  HB2  sing N N 48  
ASN CB  HB3  sing N N 49  
ASN CG  OD1  doub N N 50  
ASN CG  ND2  sing N N 51  
ASN ND2 HD21 sing N N 52  
ASN ND2 HD22 sing N N 53  
ASN OXT HXT  sing N N 54  
ASP N   CA   sing N N 55  
ASP N   H    sing N N 56  
ASP N   H2   sing N N 57  
ASP CA  C    sing N N 58  
ASP CA  CB   sing N N 59  
ASP CA  HA   sing N N 60  
ASP C   O    doub N N 61  
ASP C   OXT  sing N N 62  
ASP CB  CG   sing N N 63  
ASP CB  HB2  sing N N 64  
ASP CB  HB3  sing N N 65  
ASP CG  OD1  doub N N 66  
ASP CG  OD2  sing N N 67  
ASP OD2 HD2  sing N N 68  
ASP OXT HXT  sing N N 69  
CYS N   CA   sing N N 70  
CYS N   H    sing N N 71  
CYS N   H2   sing N N 72  
CYS CA  C    sing N N 73  
CYS CA  CB   sing N N 74  
CYS CA  HA   sing N N 75  
CYS C   O    doub N N 76  
CYS C   OXT  sing N N 77  
CYS CB  SG   sing N N 78  
CYS CB  HB2  sing N N 79  
CYS CB  HB3  sing N N 80  
CYS SG  HG   sing N N 81  
CYS OXT HXT  sing N N 82  
GLN N   CA   sing N N 83  
GLN N   H    sing N N 84  
GLN N   H2   sing N N 85  
GLN CA  C    sing N N 86  
GLN CA  CB   sing N N 87  
GLN CA  HA   sing N N 88  
GLN C   O    doub N N 89  
GLN C   OXT  sing N N 90  
GLN CB  CG   sing N N 91  
GLN CB  HB2  sing N N 92  
GLN CB  HB3  sing N N 93  
GLN CG  CD   sing N N 94  
GLN CG  HG2  sing N N 95  
GLN CG  HG3  sing N N 96  
GLN CD  OE1  doub N N 97  
GLN CD  NE2  sing N N 98  
GLN NE2 HE21 sing N N 99  
GLN NE2 HE22 sing N N 100 
GLN OXT HXT  sing N N 101 
GLU N   CA   sing N N 102 
GLU N   H    sing N N 103 
GLU N   H2   sing N N 104 
GLU CA  C    sing N N 105 
GLU CA  CB   sing N N 106 
GLU CA  HA   sing N N 107 
GLU C   O    doub N N 108 
GLU C   OXT  sing N N 109 
GLU CB  CG   sing N N 110 
GLU CB  HB2  sing N N 111 
GLU CB  HB3  sing N N 112 
GLU CG  CD   sing N N 113 
GLU CG  HG2  sing N N 114 
GLU CG  HG3  sing N N 115 
GLU CD  OE1  doub N N 116 
GLU CD  OE2  sing N N 117 
GLU OE2 HE2  sing N N 118 
GLU OXT HXT  sing N N 119 
GLY N   CA   sing N N 120 
GLY N   H    sing N N 121 
GLY N   H2   sing N N 122 
GLY CA  C    sing N N 123 
GLY CA  HA2  sing N N 124 
GLY CA  HA3  sing N N 125 
GLY C   O    doub N N 126 
GLY C   OXT  sing N N 127 
GLY OXT HXT  sing N N 128 
HIS N   CA   sing N N 129 
HIS N   H    sing N N 130 
HIS N   H2   sing N N 131 
HIS CA  C    sing N N 132 
HIS CA  CB   sing N N 133 
HIS CA  HA   sing N N 134 
HIS C   O    doub N N 135 
HIS C   OXT  sing N N 136 
HIS CB  CG   sing N N 137 
HIS CB  HB2  sing N N 138 
HIS CB  HB3  sing N N 139 
HIS CG  ND1  sing Y N 140 
HIS CG  CD2  doub Y N 141 
HIS ND1 CE1  doub Y N 142 
HIS ND1 HD1  sing N N 143 
HIS CD2 NE2  sing Y N 144 
HIS CD2 HD2  sing N N 145 
HIS CE1 NE2  sing Y N 146 
HIS CE1 HE1  sing N N 147 
HIS NE2 HE2  sing N N 148 
HIS OXT HXT  sing N N 149 
HOH O   H1   sing N N 150 
HOH O   H2   sing N N 151 
ILE N   CA   sing N N 152 
ILE N   H    sing N N 153 
ILE N   H2   sing N N 154 
ILE CA  C    sing N N 155 
ILE CA  CB   sing N N 156 
ILE CA  HA   sing N N 157 
ILE C   O    doub N N 158 
ILE C   OXT  sing N N 159 
ILE CB  CG1  sing N N 160 
ILE CB  CG2  sing N N 161 
ILE CB  HB   sing N N 162 
ILE CG1 CD1  sing N N 163 
ILE CG1 HG12 sing N N 164 
ILE CG1 HG13 sing N N 165 
ILE CG2 HG21 sing N N 166 
ILE CG2 HG22 sing N N 167 
ILE CG2 HG23 sing N N 168 
ILE CD1 HD11 sing N N 169 
ILE CD1 HD12 sing N N 170 
ILE CD1 HD13 sing N N 171 
ILE OXT HXT  sing N N 172 
LEU N   CA   sing N N 173 
LEU N   H    sing N N 174 
LEU N   H2   sing N N 175 
LEU CA  C    sing N N 176 
LEU CA  CB   sing N N 177 
LEU CA  HA   sing N N 178 
LEU C   O    doub N N 179 
LEU C   OXT  sing N N 180 
LEU CB  CG   sing N N 181 
LEU CB  HB2  sing N N 182 
LEU CB  HB3  sing N N 183 
LEU CG  CD1  sing N N 184 
LEU CG  CD2  sing N N 185 
LEU CG  HG   sing N N 186 
LEU CD1 HD11 sing N N 187 
LEU CD1 HD12 sing N N 188 
LEU CD1 HD13 sing N N 189 
LEU CD2 HD21 sing N N 190 
LEU CD2 HD22 sing N N 191 
LEU CD2 HD23 sing N N 192 
LEU OXT HXT  sing N N 193 
LYS N   CA   sing N N 194 
LYS N   H    sing N N 195 
LYS N   H2   sing N N 196 
LYS CA  C    sing N N 197 
LYS CA  CB   sing N N 198 
LYS CA  HA   sing N N 199 
LYS C   O    doub N N 200 
LYS C   OXT  sing N N 201 
LYS CB  CG   sing N N 202 
LYS CB  HB2  sing N N 203 
LYS CB  HB3  sing N N 204 
LYS CG  CD   sing N N 205 
LYS CG  HG2  sing N N 206 
LYS CG  HG3  sing N N 207 
LYS CD  CE   sing N N 208 
LYS CD  HD2  sing N N 209 
LYS CD  HD3  sing N N 210 
LYS CE  NZ   sing N N 211 
LYS CE  HE2  sing N N 212 
LYS CE  HE3  sing N N 213 
LYS NZ  HZ1  sing N N 214 
LYS NZ  HZ2  sing N N 215 
LYS NZ  HZ3  sing N N 216 
LYS OXT HXT  sing N N 217 
MET N   CA   sing N N 218 
MET N   H    sing N N 219 
MET N   H2   sing N N 220 
MET CA  C    sing N N 221 
MET CA  CB   sing N N 222 
MET CA  HA   sing N N 223 
MET C   O    doub N N 224 
MET C   OXT  sing N N 225 
MET CB  CG   sing N N 226 
MET CB  HB2  sing N N 227 
MET CB  HB3  sing N N 228 
MET CG  SD   sing N N 229 
MET CG  HG2  sing N N 230 
MET CG  HG3  sing N N 231 
MET SD  CE   sing N N 232 
MET CE  HE1  sing N N 233 
MET CE  HE2  sing N N 234 
MET CE  HE3  sing N N 235 
MET OXT HXT  sing N N 236 
PHE N   CA   sing N N 237 
PHE N   H    sing N N 238 
PHE N   H2   sing N N 239 
PHE CA  C    sing N N 240 
PHE CA  CB   sing N N 241 
PHE CA  HA   sing N N 242 
PHE C   O    doub N N 243 
PHE C   OXT  sing N N 244 
PHE CB  CG   sing N N 245 
PHE CB  HB2  sing N N 246 
PHE CB  HB3  sing N N 247 
PHE CG  CD1  doub Y N 248 
PHE CG  CD2  sing Y N 249 
PHE CD1 CE1  sing Y N 250 
PHE CD1 HD1  sing N N 251 
PHE CD2 CE2  doub Y N 252 
PHE CD2 HD2  sing N N 253 
PHE CE1 CZ   doub Y N 254 
PHE CE1 HE1  sing N N 255 
PHE CE2 CZ   sing Y N 256 
PHE CE2 HE2  sing N N 257 
PHE CZ  HZ   sing N N 258 
PHE OXT HXT  sing N N 259 
PRO N   CA   sing N N 260 
PRO N   CD   sing N N 261 
PRO N   H    sing N N 262 
PRO CA  C    sing N N 263 
PRO CA  CB   sing N N 264 
PRO CA  HA   sing N N 265 
PRO C   O    doub N N 266 
PRO C   OXT  sing N N 267 
PRO CB  CG   sing N N 268 
PRO CB  HB2  sing N N 269 
PRO CB  HB3  sing N N 270 
PRO CG  CD   sing N N 271 
PRO CG  HG2  sing N N 272 
PRO CG  HG3  sing N N 273 
PRO CD  HD2  sing N N 274 
PRO CD  HD3  sing N N 275 
PRO OXT HXT  sing N N 276 
SER N   CA   sing N N 277 
SER N   H    sing N N 278 
SER N   H2   sing N N 279 
SER CA  C    sing N N 280 
SER CA  CB   sing N N 281 
SER CA  HA   sing N N 282 
SER C   O    doub N N 283 
SER C   OXT  sing N N 284 
SER CB  OG   sing N N 285 
SER CB  HB2  sing N N 286 
SER CB  HB3  sing N N 287 
SER OG  HG   sing N N 288 
SER OXT HXT  sing N N 289 
THR N   CA   sing N N 290 
THR N   H    sing N N 291 
THR N   H2   sing N N 292 
THR CA  C    sing N N 293 
THR CA  CB   sing N N 294 
THR CA  HA   sing N N 295 
THR C   O    doub N N 296 
THR C   OXT  sing N N 297 
THR CB  OG1  sing N N 298 
THR CB  CG2  sing N N 299 
THR CB  HB   sing N N 300 
THR OG1 HG1  sing N N 301 
THR CG2 HG21 sing N N 302 
THR CG2 HG22 sing N N 303 
THR CG2 HG23 sing N N 304 
THR OXT HXT  sing N N 305 
TRP N   CA   sing N N 306 
TRP N   H    sing N N 307 
TRP N   H2   sing N N 308 
TRP CA  C    sing N N 309 
TRP CA  CB   sing N N 310 
TRP CA  HA   sing N N 311 
TRP C   O    doub N N 312 
TRP C   OXT  sing N N 313 
TRP CB  CG   sing N N 314 
TRP CB  HB2  sing N N 315 
TRP CB  HB3  sing N N 316 
TRP CG  CD1  doub Y N 317 
TRP CG  CD2  sing Y N 318 
TRP CD1 NE1  sing Y N 319 
TRP CD1 HD1  sing N N 320 
TRP CD2 CE2  doub Y N 321 
TRP CD2 CE3  sing Y N 322 
TRP NE1 CE2  sing Y N 323 
TRP NE1 HE1  sing N N 324 
TRP CE2 CZ2  sing Y N 325 
TRP CE3 CZ3  doub Y N 326 
TRP CE3 HE3  sing N N 327 
TRP CZ2 CH2  doub Y N 328 
TRP CZ2 HZ2  sing N N 329 
TRP CZ3 CH2  sing Y N 330 
TRP CZ3 HZ3  sing N N 331 
TRP CH2 HH2  sing N N 332 
TRP OXT HXT  sing N N 333 
TYR N   CA   sing N N 334 
TYR N   H    sing N N 335 
TYR N   H2   sing N N 336 
TYR CA  C    sing N N 337 
TYR CA  CB   sing N N 338 
TYR CA  HA   sing N N 339 
TYR C   O    doub N N 340 
TYR C   OXT  sing N N 341 
TYR CB  CG   sing N N 342 
TYR CB  HB2  sing N N 343 
TYR CB  HB3  sing N N 344 
TYR CG  CD1  doub Y N 345 
TYR CG  CD2  sing Y N 346 
TYR CD1 CE1  sing Y N 347 
TYR CD1 HD1  sing N N 348 
TYR CD2 CE2  doub Y N 349 
TYR CD2 HD2  sing N N 350 
TYR CE1 CZ   doub Y N 351 
TYR CE1 HE1  sing N N 352 
TYR CE2 CZ   sing Y N 353 
TYR CE2 HE2  sing N N 354 
TYR CZ  OH   sing N N 355 
TYR OH  HH   sing N N 356 
TYR OXT HXT  sing N N 357 
VAL N   CA   sing N N 358 
VAL N   H    sing N N 359 
VAL N   H2   sing N N 360 
VAL CA  C    sing N N 361 
VAL CA  CB   sing N N 362 
VAL CA  HA   sing N N 363 
VAL C   O    doub N N 364 
VAL C   OXT  sing N N 365 
VAL CB  CG1  sing N N 366 
VAL CB  CG2  sing N N 367 
VAL CB  HB   sing N N 368 
VAL CG1 HG11 sing N N 369 
VAL CG1 HG12 sing N N 370 
VAL CG1 HG13 sing N N 371 
VAL CG2 HG21 sing N N 372 
VAL CG2 HG22 sing N N 373 
VAL CG2 HG23 sing N N 374 
VAL OXT HXT  sing N N 375 
# 
_pdbx_audit_support.funding_organization   'National Natural Science Foundation of China' 
_pdbx_audit_support.country                China 
_pdbx_audit_support.grant_number           ? 
_pdbx_audit_support.ordinal                1 
# 
_pdbx_entity_nonpoly.entity_id   2 
_pdbx_entity_nonpoly.name        water 
_pdbx_entity_nonpoly.comp_id     HOH 
# 
_pdbx_initial_refinement_model.id               1 
_pdbx_initial_refinement_model.entity_id_list   ? 
_pdbx_initial_refinement_model.type             'experimental model' 
_pdbx_initial_refinement_model.source_name      PDB 
_pdbx_initial_refinement_model.accession_code   2N9V 
_pdbx_initial_refinement_model.details          ? 
# 
_pdbx_struct_assembly_auth_evidence.id                     1 
_pdbx_struct_assembly_auth_evidence.assembly_id            1 
_pdbx_struct_assembly_auth_evidence.experimental_support   'native gel electrophoresis' 
_pdbx_struct_assembly_auth_evidence.details                ? 
# 
_space_group.name_H-M_alt     'P 1 21 1' 
_space_group.name_Hall        'P 2yb' 
_space_group.IT_number        4 
_space_group.crystal_system   monoclinic 
_space_group.id               1 
# 
